data_1COF
# 
_entry.id   1COF 
# 
_audit_conform.dict_name       mmcif_pdbx.dic 
_audit_conform.dict_version    5.385 
_audit_conform.dict_location   http://mmcif.pdb.org/dictionaries/ascii/mmcif_pdbx.dic 
# 
loop_
_database_2.database_id 
_database_2.database_code 
_database_2.pdbx_database_accession 
_database_2.pdbx_DOI 
PDB   1COF         pdb_00001cof 10.2210/pdb1cof/pdb 
WWPDB D_1000172430 ?            ?                   
# 
loop_
_pdbx_audit_revision_history.ordinal 
_pdbx_audit_revision_history.data_content_type 
_pdbx_audit_revision_history.major_revision 
_pdbx_audit_revision_history.minor_revision 
_pdbx_audit_revision_history.revision_date 
1 'Structure model' 1 0 1997-04-01 
2 'Structure model' 1 1 2008-03-24 
3 'Structure model' 1 2 2011-07-13 
4 'Structure model' 1 3 2024-02-07 
# 
_pdbx_audit_revision_details.ordinal             1 
_pdbx_audit_revision_details.revision_ordinal    1 
_pdbx_audit_revision_details.data_content_type   'Structure model' 
_pdbx_audit_revision_details.provider            repository 
_pdbx_audit_revision_details.type                'Initial release' 
_pdbx_audit_revision_details.description         ? 
_pdbx_audit_revision_details.details             ? 
# 
loop_
_pdbx_audit_revision_group.ordinal 
_pdbx_audit_revision_group.revision_ordinal 
_pdbx_audit_revision_group.data_content_type 
_pdbx_audit_revision_group.group 
1 2 'Structure model' 'Version format compliance' 
2 3 'Structure model' 'Version format compliance' 
3 4 'Structure model' 'Data collection'           
4 4 'Structure model' 'Database references'       
# 
loop_
_pdbx_audit_revision_category.ordinal 
_pdbx_audit_revision_category.revision_ordinal 
_pdbx_audit_revision_category.data_content_type 
_pdbx_audit_revision_category.category 
1 4 'Structure model' chem_comp_atom 
2 4 'Structure model' chem_comp_bond 
3 4 'Structure model' database_2     
# 
loop_
_pdbx_audit_revision_item.ordinal 
_pdbx_audit_revision_item.revision_ordinal 
_pdbx_audit_revision_item.data_content_type 
_pdbx_audit_revision_item.item 
1 4 'Structure model' '_database_2.pdbx_DOI'                
2 4 'Structure model' '_database_2.pdbx_database_accession' 
# 
_pdbx_database_status.status_code                     REL 
_pdbx_database_status.entry_id                        1COF 
_pdbx_database_status.recvd_initial_deposition_date   1996-11-26 
_pdbx_database_status.deposit_site                    ? 
_pdbx_database_status.process_site                    BNL 
_pdbx_database_status.SG_entry                        . 
_pdbx_database_status.pdb_format_compatible           Y 
_pdbx_database_status.status_code_mr                  ? 
_pdbx_database_status.status_code_sf                  ? 
_pdbx_database_status.status_code_cs                  ? 
_pdbx_database_status.status_code_nmr_data            ? 
_pdbx_database_status.methods_development_category    ? 
# 
loop_
_audit_author.name 
_audit_author.pdbx_ordinal 
'Fedorov, A.A.'   1 
'Lappalainen, P.' 2 
'Fedorov, E.V.'   3 
'Drubin, D.G.'    4 
'Almo, S.C.'      5 
# 
loop_
_citation.id 
_citation.title 
_citation.journal_abbrev 
_citation.journal_volume 
_citation.page_first 
_citation.page_last 
_citation.year 
_citation.journal_id_ASTM 
_citation.country 
_citation.journal_id_ISSN 
_citation.journal_id_CSD 
_citation.book_publisher 
_citation.pdbx_database_id_PubMed 
_citation.pdbx_database_id_DOI 
primary 'Structure determination of yeast cofilin.'                                  Nat.Struct.Biol. 4 366  369 1997 NSBIEW US 
1072-8368 2024 ? 9145106 10.1038/nsb0597-366 
1       'The Adf/Cofilin Proteins: Stimulus-Responsive Modulators of Actin Dynamics' Mol.Cell.Biol.   6 1423 ?   1995 MCEBD4 US 
0270-7306 2044 ? ?       ?                   
# 
loop_
_citation_author.citation_id 
_citation_author.name 
_citation_author.ordinal 
_citation_author.identifier_ORCID 
primary 'Fedorov, A.A.'   1 ? 
primary 'Lappalainen, P.' 2 ? 
primary 'Fedorov, E.V.'   3 ? 
primary 'Drubin, D.G.'    4 ? 
primary 'Almo, S.C.'      5 ? 
1       'Moon, A.'        6 ? 
1       'Drubin, D.G.'    7 ? 
# 
loop_
_entity.id 
_entity.type 
_entity.src_method 
_entity.pdbx_description 
_entity.formula_weight 
_entity.pdbx_number_of_molecules 
_entity.pdbx_ec 
_entity.pdbx_mutation 
_entity.pdbx_fragment 
_entity.details 
1 polymer man COFILIN 15919.742 1  ? ? ? ? 
2 water   nat water   18.015    32 ? ? ? ? 
# 
_entity_poly.entity_id                      1 
_entity_poly.type                           'polypeptide(L)' 
_entity_poly.nstd_linkage                   no 
_entity_poly.nstd_monomer                   no 
_entity_poly.pdbx_seq_one_letter_code       
;MSRSGVAVADESLTAFNDLKLGKKYKFILFGLNDAKTEIVVKETSTDPSYDAFLEKLPENDCLYAIYDFEYEINGNEGKR
SKIVFFTWSPDTAPVRSKMVYASSKDALRRALNGVSTDVQGTDFSEVSYDSVLERVSRGAGSH
;
_entity_poly.pdbx_seq_one_letter_code_can   
;MSRSGVAVADESLTAFNDLKLGKKYKFILFGLNDAKTEIVVKETSTDPSYDAFLEKLPENDCLYAIYDFEYEINGNEGKR
SKIVFFTWSPDTAPVRSKMVYASSKDALRRALNGVSTDVQGTDFSEVSYDSVLERVSRGAGSH
;
_entity_poly.pdbx_strand_id                 A 
_entity_poly.pdbx_target_identifier         ? 
# 
_pdbx_entity_nonpoly.entity_id   2 
_pdbx_entity_nonpoly.name        water 
_pdbx_entity_nonpoly.comp_id     HOH 
# 
loop_
_entity_poly_seq.entity_id 
_entity_poly_seq.num 
_entity_poly_seq.mon_id 
_entity_poly_seq.hetero 
1 1   MET n 
1 2   SER n 
1 3   ARG n 
1 4   SER n 
1 5   GLY n 
1 6   VAL n 
1 7   ALA n 
1 8   VAL n 
1 9   ALA n 
1 10  ASP n 
1 11  GLU n 
1 12  SER n 
1 13  LEU n 
1 14  THR n 
1 15  ALA n 
1 16  PHE n 
1 17  ASN n 
1 18  ASP n 
1 19  LEU n 
1 20  LYS n 
1 21  LEU n 
1 22  GLY n 
1 23  LYS n 
1 24  LYS n 
1 25  TYR n 
1 26  LYS n 
1 27  PHE n 
1 28  ILE n 
1 29  LEU n 
1 30  PHE n 
1 31  GLY n 
1 32  LEU n 
1 33  ASN n 
1 34  ASP n 
1 35  ALA n 
1 36  LYS n 
1 37  THR n 
1 38  GLU n 
1 39  ILE n 
1 40  VAL n 
1 41  VAL n 
1 42  LYS n 
1 43  GLU n 
1 44  THR n 
1 45  SER n 
1 46  THR n 
1 47  ASP n 
1 48  PRO n 
1 49  SER n 
1 50  TYR n 
1 51  ASP n 
1 52  ALA n 
1 53  PHE n 
1 54  LEU n 
1 55  GLU n 
1 56  LYS n 
1 57  LEU n 
1 58  PRO n 
1 59  GLU n 
1 60  ASN n 
1 61  ASP n 
1 62  CYS n 
1 63  LEU n 
1 64  TYR n 
1 65  ALA n 
1 66  ILE n 
1 67  TYR n 
1 68  ASP n 
1 69  PHE n 
1 70  GLU n 
1 71  TYR n 
1 72  GLU n 
1 73  ILE n 
1 74  ASN n 
1 75  GLY n 
1 76  ASN n 
1 77  GLU n 
1 78  GLY n 
1 79  LYS n 
1 80  ARG n 
1 81  SER n 
1 82  LYS n 
1 83  ILE n 
1 84  VAL n 
1 85  PHE n 
1 86  PHE n 
1 87  THR n 
1 88  TRP n 
1 89  SER n 
1 90  PRO n 
1 91  ASP n 
1 92  THR n 
1 93  ALA n 
1 94  PRO n 
1 95  VAL n 
1 96  ARG n 
1 97  SER n 
1 98  LYS n 
1 99  MET n 
1 100 VAL n 
1 101 TYR n 
1 102 ALA n 
1 103 SER n 
1 104 SER n 
1 105 LYS n 
1 106 ASP n 
1 107 ALA n 
1 108 LEU n 
1 109 ARG n 
1 110 ARG n 
1 111 ALA n 
1 112 LEU n 
1 113 ASN n 
1 114 GLY n 
1 115 VAL n 
1 116 SER n 
1 117 THR n 
1 118 ASP n 
1 119 VAL n 
1 120 GLN n 
1 121 GLY n 
1 122 THR n 
1 123 ASP n 
1 124 PHE n 
1 125 SER n 
1 126 GLU n 
1 127 VAL n 
1 128 SER n 
1 129 TYR n 
1 130 ASP n 
1 131 SER n 
1 132 VAL n 
1 133 LEU n 
1 134 GLU n 
1 135 ARG n 
1 136 VAL n 
1 137 SER n 
1 138 ARG n 
1 139 GLY n 
1 140 ALA n 
1 141 GLY n 
1 142 SER n 
1 143 HIS n 
# 
_entity_src_gen.entity_id                          1 
_entity_src_gen.pdbx_src_id                        1 
_entity_src_gen.pdbx_alt_source_flag               sample 
_entity_src_gen.pdbx_seq_type                      ? 
_entity_src_gen.pdbx_beg_seq_num                   ? 
_entity_src_gen.pdbx_end_seq_num                   ? 
_entity_src_gen.gene_src_common_name               
;baker's yeast
;
_entity_src_gen.gene_src_genus                     Saccharomyces 
_entity_src_gen.pdbx_gene_src_gene                 ? 
_entity_src_gen.gene_src_species                   ? 
_entity_src_gen.gene_src_strain                    ? 
_entity_src_gen.gene_src_tissue                    ? 
_entity_src_gen.gene_src_tissue_fraction           ? 
_entity_src_gen.gene_src_details                   ? 
_entity_src_gen.pdbx_gene_src_fragment             ? 
_entity_src_gen.pdbx_gene_src_scientific_name      'Saccharomyces cerevisiae' 
_entity_src_gen.pdbx_gene_src_ncbi_taxonomy_id     4932 
_entity_src_gen.pdbx_gene_src_variant              ? 
_entity_src_gen.pdbx_gene_src_cell_line            ? 
_entity_src_gen.pdbx_gene_src_atcc                 ? 
_entity_src_gen.pdbx_gene_src_organ                ? 
_entity_src_gen.pdbx_gene_src_organelle            ? 
_entity_src_gen.pdbx_gene_src_cell                 ? 
_entity_src_gen.pdbx_gene_src_cellular_location    ? 
_entity_src_gen.host_org_common_name               ? 
_entity_src_gen.pdbx_host_org_scientific_name      'Escherichia coli' 
_entity_src_gen.pdbx_host_org_ncbi_taxonomy_id     562 
_entity_src_gen.host_org_genus                     Escherichia 
_entity_src_gen.pdbx_host_org_gene                 ? 
_entity_src_gen.pdbx_host_org_organ                ? 
_entity_src_gen.host_org_species                   ? 
_entity_src_gen.pdbx_host_org_tissue               ? 
_entity_src_gen.pdbx_host_org_tissue_fraction      ? 
_entity_src_gen.pdbx_host_org_strain               ? 
_entity_src_gen.pdbx_host_org_variant              ? 
_entity_src_gen.pdbx_host_org_cell_line            ? 
_entity_src_gen.pdbx_host_org_atcc                 ? 
_entity_src_gen.pdbx_host_org_culture_collection   ? 
_entity_src_gen.pdbx_host_org_cell                 ? 
_entity_src_gen.pdbx_host_org_organelle            ? 
_entity_src_gen.pdbx_host_org_cellular_location    ? 
_entity_src_gen.pdbx_host_org_vector_type          ? 
_entity_src_gen.pdbx_host_org_vector               ? 
_entity_src_gen.host_org_details                   ? 
_entity_src_gen.expression_system_id               ? 
_entity_src_gen.plasmid_name                       ? 
_entity_src_gen.plasmid_details                    ? 
_entity_src_gen.pdbx_description                   ? 
# 
loop_
_chem_comp.id 
_chem_comp.type 
_chem_comp.mon_nstd_flag 
_chem_comp.name 
_chem_comp.pdbx_synonyms 
_chem_comp.formula 
_chem_comp.formula_weight 
ALA 'L-peptide linking' y ALANINE         ? 'C3 H7 N O2'     89.093  
ARG 'L-peptide linking' y ARGININE        ? 'C6 H15 N4 O2 1' 175.209 
ASN 'L-peptide linking' y ASPARAGINE      ? 'C4 H8 N2 O3'    132.118 
ASP 'L-peptide linking' y 'ASPARTIC ACID' ? 'C4 H7 N O4'     133.103 
CYS 'L-peptide linking' y CYSTEINE        ? 'C3 H7 N O2 S'   121.158 
GLN 'L-peptide linking' y GLUTAMINE       ? 'C5 H10 N2 O3'   146.144 
GLU 'L-peptide linking' y 'GLUTAMIC ACID' ? 'C5 H9 N O4'     147.129 
GLY 'peptide linking'   y GLYCINE         ? 'C2 H5 N O2'     75.067  
HIS 'L-peptide linking' y HISTIDINE       ? 'C6 H10 N3 O2 1' 156.162 
HOH non-polymer         . WATER           ? 'H2 O'           18.015  
ILE 'L-peptide linking' y ISOLEUCINE      ? 'C6 H13 N O2'    131.173 
LEU 'L-peptide linking' y LEUCINE         ? 'C6 H13 N O2'    131.173 
LYS 'L-peptide linking' y LYSINE          ? 'C6 H15 N2 O2 1' 147.195 
MET 'L-peptide linking' y METHIONINE      ? 'C5 H11 N O2 S'  149.211 
PHE 'L-peptide linking' y PHENYLALANINE   ? 'C9 H11 N O2'    165.189 
PRO 'L-peptide linking' y PROLINE         ? 'C5 H9 N O2'     115.130 
SER 'L-peptide linking' y SERINE          ? 'C3 H7 N O3'     105.093 
THR 'L-peptide linking' y THREONINE       ? 'C4 H9 N O3'     119.119 
TRP 'L-peptide linking' y TRYPTOPHAN      ? 'C11 H12 N2 O2'  204.225 
TYR 'L-peptide linking' y TYROSINE        ? 'C9 H11 N O3'    181.189 
VAL 'L-peptide linking' y VALINE          ? 'C5 H11 N O2'    117.146 
# 
loop_
_pdbx_poly_seq_scheme.asym_id 
_pdbx_poly_seq_scheme.entity_id 
_pdbx_poly_seq_scheme.seq_id 
_pdbx_poly_seq_scheme.mon_id 
_pdbx_poly_seq_scheme.ndb_seq_num 
_pdbx_poly_seq_scheme.pdb_seq_num 
_pdbx_poly_seq_scheme.auth_seq_num 
_pdbx_poly_seq_scheme.pdb_mon_id 
_pdbx_poly_seq_scheme.auth_mon_id 
_pdbx_poly_seq_scheme.pdb_strand_id 
_pdbx_poly_seq_scheme.pdb_ins_code 
_pdbx_poly_seq_scheme.hetero 
A 1 1   MET 1   1   ?   ?   ?   A . n 
A 1 2   SER 2   2   ?   ?   ?   A . n 
A 1 3   ARG 3   3   ?   ?   ?   A . n 
A 1 4   SER 4   4   ?   ?   ?   A . n 
A 1 5   GLY 5   5   ?   ?   ?   A . n 
A 1 6   VAL 6   6   6   VAL VAL A . n 
A 1 7   ALA 7   7   7   ALA ALA A . n 
A 1 8   VAL 8   8   8   VAL VAL A . n 
A 1 9   ALA 9   9   9   ALA ALA A . n 
A 1 10  ASP 10  10  10  ASP ASP A . n 
A 1 11  GLU 11  11  11  GLU GLU A . n 
A 1 12  SER 12  12  12  SER SER A . n 
A 1 13  LEU 13  13  13  LEU LEU A . n 
A 1 14  THR 14  14  14  THR THR A . n 
A 1 15  ALA 15  15  15  ALA ALA A . n 
A 1 16  PHE 16  16  16  PHE PHE A . n 
A 1 17  ASN 17  17  17  ASN ASN A . n 
A 1 18  ASP 18  18  18  ASP ASP A . n 
A 1 19  LEU 19  19  19  LEU LEU A . n 
A 1 20  LYS 20  20  20  LYS LYS A . n 
A 1 21  LEU 21  21  21  LEU LEU A . n 
A 1 22  GLY 22  22  22  GLY GLY A . n 
A 1 23  LYS 23  23  23  LYS LYS A . n 
A 1 24  LYS 24  24  24  LYS LYS A . n 
A 1 25  TYR 25  25  25  TYR TYR A . n 
A 1 26  LYS 26  26  26  LYS LYS A . n 
A 1 27  PHE 27  27  27  PHE PHE A . n 
A 1 28  ILE 28  28  28  ILE ILE A . n 
A 1 29  LEU 29  29  29  LEU LEU A . n 
A 1 30  PHE 30  30  30  PHE PHE A . n 
A 1 31  GLY 31  31  31  GLY GLY A . n 
A 1 32  LEU 32  32  32  LEU LEU A . n 
A 1 33  ASN 33  33  33  ASN ASN A . n 
A 1 34  ASP 34  34  34  ASP ASP A . n 
A 1 35  ALA 35  35  35  ALA ALA A . n 
A 1 36  LYS 36  36  36  LYS LYS A . n 
A 1 37  THR 37  37  37  THR THR A . n 
A 1 38  GLU 38  38  38  GLU GLU A . n 
A 1 39  ILE 39  39  39  ILE ILE A . n 
A 1 40  VAL 40  40  40  VAL VAL A . n 
A 1 41  VAL 41  41  41  VAL VAL A . n 
A 1 42  LYS 42  42  42  LYS LYS A . n 
A 1 43  GLU 43  43  43  GLU GLU A . n 
A 1 44  THR 44  44  44  THR THR A . n 
A 1 45  SER 45  45  45  SER SER A . n 
A 1 46  THR 46  46  46  THR THR A . n 
A 1 47  ASP 47  47  47  ASP ASP A . n 
A 1 48  PRO 48  48  48  PRO PRO A . n 
A 1 49  SER 49  49  49  SER SER A . n 
A 1 50  TYR 50  50  50  TYR TYR A . n 
A 1 51  ASP 51  51  51  ASP ASP A . n 
A 1 52  ALA 52  52  52  ALA ALA A . n 
A 1 53  PHE 53  53  53  PHE PHE A . n 
A 1 54  LEU 54  54  54  LEU LEU A . n 
A 1 55  GLU 55  55  55  GLU GLU A . n 
A 1 56  LYS 56  56  56  LYS LYS A . n 
A 1 57  LEU 57  57  57  LEU LEU A . n 
A 1 58  PRO 58  58  58  PRO PRO A . n 
A 1 59  GLU 59  59  59  GLU GLU A . n 
A 1 60  ASN 60  60  60  ASN ASN A . n 
A 1 61  ASP 61  61  61  ASP ASP A . n 
A 1 62  CYS 62  62  62  CYS CYS A . n 
A 1 63  LEU 63  63  63  LEU LEU A . n 
A 1 64  TYR 64  64  64  TYR TYR A . n 
A 1 65  ALA 65  65  65  ALA ALA A . n 
A 1 66  ILE 66  66  66  ILE ILE A . n 
A 1 67  TYR 67  67  67  TYR TYR A . n 
A 1 68  ASP 68  68  68  ASP ASP A . n 
A 1 69  PHE 69  69  69  PHE PHE A . n 
A 1 70  GLU 70  70  70  GLU GLU A . n 
A 1 71  TYR 71  71  71  TYR TYR A . n 
A 1 72  GLU 72  72  72  GLU GLU A . n 
A 1 73  ILE 73  73  73  ILE ILE A . n 
A 1 74  ASN 74  74  74  ASN ASN A . n 
A 1 75  GLY 75  75  75  GLY GLY A . n 
A 1 76  ASN 76  76  76  ASN ASN A . n 
A 1 77  GLU 77  77  77  GLU GLU A . n 
A 1 78  GLY 78  78  78  GLY GLY A . n 
A 1 79  LYS 79  79  79  LYS LYS A . n 
A 1 80  ARG 80  80  80  ARG ARG A . n 
A 1 81  SER 81  81  81  SER SER A . n 
A 1 82  LYS 82  82  82  LYS LYS A . n 
A 1 83  ILE 83  83  83  ILE ILE A . n 
A 1 84  VAL 84  84  84  VAL VAL A . n 
A 1 85  PHE 85  85  85  PHE PHE A . n 
A 1 86  PHE 86  86  86  PHE PHE A . n 
A 1 87  THR 87  87  87  THR THR A . n 
A 1 88  TRP 88  88  88  TRP TRP A . n 
A 1 89  SER 89  89  89  SER SER A . n 
A 1 90  PRO 90  90  90  PRO PRO A . n 
A 1 91  ASP 91  91  91  ASP ASP A . n 
A 1 92  THR 92  92  92  THR THR A . n 
A 1 93  ALA 93  93  93  ALA ALA A . n 
A 1 94  PRO 94  94  94  PRO PRO A . n 
A 1 95  VAL 95  95  95  VAL VAL A . n 
A 1 96  ARG 96  96  96  ARG ARG A . n 
A 1 97  SER 97  97  97  SER SER A . n 
A 1 98  LYS 98  98  98  LYS LYS A . n 
A 1 99  MET 99  99  99  MET MET A . n 
A 1 100 VAL 100 100 100 VAL VAL A . n 
A 1 101 TYR 101 101 101 TYR TYR A . n 
A 1 102 ALA 102 102 102 ALA ALA A . n 
A 1 103 SER 103 103 103 SER SER A . n 
A 1 104 SER 104 104 104 SER SER A . n 
A 1 105 LYS 105 105 105 LYS LYS A . n 
A 1 106 ASP 106 106 106 ASP ASP A . n 
A 1 107 ALA 107 107 107 ALA ALA A . n 
A 1 108 LEU 108 108 108 LEU LEU A . n 
A 1 109 ARG 109 109 109 ARG ARG A . n 
A 1 110 ARG 110 110 110 ARG ARG A . n 
A 1 111 ALA 111 111 111 ALA ALA A . n 
A 1 112 LEU 112 112 112 LEU LEU A . n 
A 1 113 ASN 113 113 113 ASN ASN A . n 
A 1 114 GLY 114 114 114 GLY GLY A . n 
A 1 115 VAL 115 115 115 VAL VAL A . n 
A 1 116 SER 116 116 116 SER SER A . n 
A 1 117 THR 117 117 117 THR THR A . n 
A 1 118 ASP 118 118 118 ASP ASP A . n 
A 1 119 VAL 119 119 119 VAL VAL A . n 
A 1 120 GLN 120 120 120 GLN GLN A . n 
A 1 121 GLY 121 121 121 GLY GLY A . n 
A 1 122 THR 122 122 122 THR THR A . n 
A 1 123 ASP 123 123 123 ASP ASP A . n 
A 1 124 PHE 124 124 124 PHE PHE A . n 
A 1 125 SER 125 125 125 SER SER A . n 
A 1 126 GLU 126 126 126 GLU GLU A . n 
A 1 127 VAL 127 127 127 VAL VAL A . n 
A 1 128 SER 128 128 128 SER SER A . n 
A 1 129 TYR 129 129 129 TYR TYR A . n 
A 1 130 ASP 130 130 130 ASP ASP A . n 
A 1 131 SER 131 131 131 SER SER A . n 
A 1 132 VAL 132 132 132 VAL VAL A . n 
A 1 133 LEU 133 133 133 LEU LEU A . n 
A 1 134 GLU 134 134 134 GLU GLU A . n 
A 1 135 ARG 135 135 135 ARG ARG A . n 
A 1 136 VAL 136 136 136 VAL VAL A . n 
A 1 137 SER 137 137 137 SER SER A . n 
A 1 138 ARG 138 138 138 ARG ARG A . n 
A 1 139 GLY 139 139 139 GLY GLY A . n 
A 1 140 ALA 140 140 140 ALA ALA A . n 
A 1 141 GLY 141 141 ?   ?   ?   A . n 
A 1 142 SER 142 142 ?   ?   ?   A . n 
A 1 143 HIS 143 143 ?   ?   ?   A . n 
# 
loop_
_pdbx_nonpoly_scheme.asym_id 
_pdbx_nonpoly_scheme.entity_id 
_pdbx_nonpoly_scheme.mon_id 
_pdbx_nonpoly_scheme.ndb_seq_num 
_pdbx_nonpoly_scheme.pdb_seq_num 
_pdbx_nonpoly_scheme.auth_seq_num 
_pdbx_nonpoly_scheme.pdb_mon_id 
_pdbx_nonpoly_scheme.auth_mon_id 
_pdbx_nonpoly_scheme.pdb_strand_id 
_pdbx_nonpoly_scheme.pdb_ins_code 
B 2 HOH 1  201 201 HOH HOH A . 
B 2 HOH 2  202 202 HOH HOH A . 
B 2 HOH 3  203 203 HOH HOH A . 
B 2 HOH 4  204 204 HOH HOH A . 
B 2 HOH 5  205 205 HOH HOH A . 
B 2 HOH 6  206 206 HOH HOH A . 
B 2 HOH 7  207 207 HOH HOH A . 
B 2 HOH 8  208 208 HOH HOH A . 
B 2 HOH 9  209 209 HOH HOH A . 
B 2 HOH 10 210 210 HOH HOH A . 
B 2 HOH 11 211 211 HOH HOH A . 
B 2 HOH 12 212 212 HOH HOH A . 
B 2 HOH 13 213 213 HOH HOH A . 
B 2 HOH 14 214 214 HOH HOH A . 
B 2 HOH 15 215 215 HOH HOH A . 
B 2 HOH 16 216 216 HOH HOH A . 
B 2 HOH 17 217 217 HOH HOH A . 
B 2 HOH 18 218 218 HOH HOH A . 
B 2 HOH 19 219 219 HOH HOH A . 
B 2 HOH 20 220 220 HOH HOH A . 
B 2 HOH 21 221 221 HOH HOH A . 
B 2 HOH 22 222 222 HOH HOH A . 
B 2 HOH 23 223 223 HOH HOH A . 
B 2 HOH 24 224 224 HOH HOH A . 
B 2 HOH 25 225 225 HOH HOH A . 
B 2 HOH 26 226 226 HOH HOH A . 
B 2 HOH 27 227 227 HOH HOH A . 
B 2 HOH 28 228 228 HOH HOH A . 
B 2 HOH 29 229 229 HOH HOH A . 
B 2 HOH 30 230 230 HOH HOH A . 
B 2 HOH 31 231 231 HOH HOH A . 
B 2 HOH 32 232 232 HOH HOH A . 
# 
loop_
_software.name 
_software.classification 
_software.version 
_software.citation_id 
_software.pdbx_ordinal 
PHASES phasing          . ? 1 
X-PLOR 'model building' . ? 2 
PROFFT refinement       . ? 3 
X-PLOR refinement       . ? 4 
XDS    'data reduction' . ? 5 
XSCALE 'data scaling'   . ? 6 
X-PLOR phasing          . ? 7 
# 
_cell.entry_id           1COF 
_cell.length_a           30.669 
_cell.length_b           48.773 
_cell.length_c           101.367 
_cell.angle_alpha        90.00 
_cell.angle_beta         90.00 
_cell.angle_gamma        90.00 
_cell.Z_PDB              4 
_cell.pdbx_unique_axis   ? 
# 
_symmetry.entry_id                         1COF 
_symmetry.space_group_name_H-M             'P 21 21 21' 
_symmetry.pdbx_full_space_group_name_H-M   ? 
_symmetry.cell_setting                     ? 
_symmetry.Int_Tables_number                19 
# 
_exptl.entry_id          1COF 
_exptl.method            'X-RAY DIFFRACTION' 
_exptl.crystals_number   1 
# 
_exptl_crystal.id                    1 
_exptl_crystal.density_meas          ? 
_exptl_crystal.density_Matthews      1.97 
_exptl_crystal.density_percent_sol   38.0 
_exptl_crystal.description           ? 
# 
_exptl_crystal_grow.crystal_id      1 
_exptl_crystal_grow.method          ? 
_exptl_crystal_grow.temp            ? 
_exptl_crystal_grow.temp_details    ? 
_exptl_crystal_grow.pH              7.2 
_exptl_crystal_grow.pdbx_pH_range   ? 
_exptl_crystal_grow.pdbx_details    'CRYSTALLIZED FROM 25% PEG 4000 SOLUTION., pH 7.2' 
# 
_diffrn.id                     1 
_diffrn.ambient_temp           290 
_diffrn.ambient_temp_details   ? 
_diffrn.crystal_id             1 
# 
_diffrn_detector.diffrn_id              1 
_diffrn_detector.detector               'AREA DETECTOR' 
_diffrn_detector.type                   SIEMENS 
_diffrn_detector.pdbx_collection_date   1995 
_diffrn_detector.details                ? 
# 
_diffrn_radiation.diffrn_id                        1 
_diffrn_radiation.wavelength_id                    1 
_diffrn_radiation.pdbx_monochromatic_or_laue_m_l   M 
_diffrn_radiation.monochromator                    'GRAPHITE(002)' 
_diffrn_radiation.pdbx_diffrn_protocol             ? 
_diffrn_radiation.pdbx_scattering_type             x-ray 
# 
_diffrn_radiation_wavelength.id           1 
_diffrn_radiation_wavelength.wavelength   1.5418 
_diffrn_radiation_wavelength.wt           1.0 
# 
_diffrn_source.diffrn_id                   1 
_diffrn_source.source                      'ROTATING ANODE' 
_diffrn_source.type                        'RIGAKU RUH2R' 
_diffrn_source.pdbx_synchrotron_site       ? 
_diffrn_source.pdbx_synchrotron_beamline   ? 
_diffrn_source.pdbx_wavelength             1.5418 
_diffrn_source.pdbx_wavelength_list        ? 
# 
_reflns.entry_id                     1COF 
_reflns.observed_criterion_sigma_I   2.0 
_reflns.observed_criterion_sigma_F   ? 
_reflns.d_resolution_low             26.2 
_reflns.d_resolution_high            2.3 
_reflns.number_obs                   6330 
_reflns.number_all                   ? 
_reflns.percent_possible_obs         87.5 
_reflns.pdbx_Rmerge_I_obs            0.0490000 
_reflns.pdbx_Rsym_value              ? 
_reflns.pdbx_netI_over_sigmaI        18.5 
_reflns.B_iso_Wilson_estimate        ? 
_reflns.pdbx_redundancy              2.33 
_reflns.pdbx_diffrn_id               1 
_reflns.pdbx_ordinal                 1 
# 
_refine.entry_id                                 1COF 
_refine.ls_number_reflns_obs                     5696 
_refine.ls_number_reflns_all                     ? 
_refine.pdbx_ls_sigma_I                          ? 
_refine.pdbx_ls_sigma_F                          2.0 
_refine.pdbx_data_cutoff_high_absF               ? 
_refine.pdbx_data_cutoff_low_absF                ? 
_refine.pdbx_data_cutoff_high_rms_absF           ? 
_refine.ls_d_res_low                             8.0 
_refine.ls_d_res_high                            2.3 
_refine.ls_percent_reflns_obs                    81.1 
_refine.ls_R_factor_obs                          ? 
_refine.ls_R_factor_all                          ? 
_refine.ls_R_factor_R_work                       0.1840000 
_refine.ls_R_factor_R_free                       ? 
_refine.ls_R_factor_R_free_error                 ? 
_refine.ls_R_factor_R_free_error_details         ? 
_refine.ls_percent_reflns_R_free                 ? 
_refine.ls_number_reflns_R_free                  ? 
_refine.ls_number_parameters                     ? 
_refine.ls_number_restraints                     ? 
_refine.occupancy_min                            ? 
_refine.occupancy_max                            ? 
_refine.B_iso_mean                               25.2 
_refine.aniso_B[1][1]                            ? 
_refine.aniso_B[2][2]                            ? 
_refine.aniso_B[3][3]                            ? 
_refine.aniso_B[1][2]                            ? 
_refine.aniso_B[1][3]                            ? 
_refine.aniso_B[2][3]                            ? 
_refine.solvent_model_details                    ? 
_refine.solvent_model_param_ksol                 ? 
_refine.solvent_model_param_bsol                 ? 
_refine.pdbx_ls_cross_valid_method               ? 
_refine.details                                  
;N-TERMINAL RESIDUES 1 - 5 AND C-TERMINAL RESIDUES 141 - 143
ARE NOT VISIBLE IN THE MAPS.  LOOP 73 - 78 HAS WEAK
ELECTRON DENSITY.
;
_refine.pdbx_starting_model                      ? 
_refine.pdbx_method_to_determine_struct          MIR 
_refine.pdbx_isotropic_thermal_model             ? 
_refine.pdbx_stereochemistry_target_values       ? 
_refine.pdbx_stereochem_target_val_spec_case     ? 
_refine.pdbx_R_Free_selection_details            ? 
_refine.pdbx_overall_ESU_R                       ? 
_refine.pdbx_overall_ESU_R_Free                  ? 
_refine.overall_SU_ML                            ? 
_refine.overall_SU_B                             ? 
_refine.pdbx_refine_id                           'X-RAY DIFFRACTION' 
_refine.pdbx_diffrn_id                           1 
_refine.pdbx_TLS_residual_ADP_flag               ? 
_refine.correlation_coeff_Fo_to_Fc               ? 
_refine.correlation_coeff_Fo_to_Fc_free          ? 
_refine.pdbx_solvent_vdw_probe_radii             ? 
_refine.pdbx_solvent_ion_probe_radii             ? 
_refine.pdbx_solvent_shrinkage_radii             ? 
_refine.pdbx_overall_phase_error                 ? 
_refine.overall_SU_R_Cruickshank_DPI             ? 
_refine.pdbx_overall_SU_R_free_Cruickshank_DPI   ? 
_refine.pdbx_overall_SU_R_Blow_DPI               ? 
_refine.pdbx_overall_SU_R_free_Blow_DPI          ? 
# 
_refine_analyze.entry_id                        1COF 
_refine_analyze.Luzzati_coordinate_error_obs    0.23 
_refine_analyze.Luzzati_sigma_a_obs             ? 
_refine_analyze.Luzzati_d_res_low_obs           ? 
_refine_analyze.Luzzati_coordinate_error_free   ? 
_refine_analyze.Luzzati_sigma_a_free            ? 
_refine_analyze.Luzzati_d_res_low_free          ? 
_refine_analyze.number_disordered_residues      ? 
_refine_analyze.occupancy_sum_hydrogen          ? 
_refine_analyze.occupancy_sum_non_hydrogen      ? 
_refine_analyze.pdbx_refine_id                  'X-RAY DIFFRACTION' 
# 
_refine_hist.pdbx_refine_id                   'X-RAY DIFFRACTION' 
_refine_hist.cycle_id                         LAST 
_refine_hist.pdbx_number_atoms_protein        1066 
_refine_hist.pdbx_number_atoms_nucleic_acid   0 
_refine_hist.pdbx_number_atoms_ligand         0 
_refine_hist.number_atoms_solvent             32 
_refine_hist.number_atoms_total               1098 
_refine_hist.d_res_high                       2.3 
_refine_hist.d_res_low                        8.0 
# 
loop_
_refine_ls_restr.type 
_refine_ls_restr.dev_ideal 
_refine_ls_restr.dev_ideal_target 
_refine_ls_restr.weight 
_refine_ls_restr.number 
_refine_ls_restr.pdbx_refine_id 
_refine_ls_restr.pdbx_restraint_function 
p_bond_d            0.010 0.018 ? ? 'X-RAY DIFFRACTION' ? 
p_angle_d           0.027 0.030 ? ? 'X-RAY DIFFRACTION' ? 
p_angle_deg         ?     ?     ? ? 'X-RAY DIFFRACTION' ? 
p_planar_d          0.031 0.050 ? ? 'X-RAY DIFFRACTION' ? 
p_hb_or_metal_coord ?     ?     ? ? 'X-RAY DIFFRACTION' ? 
p_mcbond_it         3.104 1.500 ? ? 'X-RAY DIFFRACTION' ? 
p_mcangle_it        4.846 2.000 ? ? 'X-RAY DIFFRACTION' ? 
p_scbond_it         4.925 2.000 ? ? 'X-RAY DIFFRACTION' ? 
p_scangle_it        7.459 3.000 ? ? 'X-RAY DIFFRACTION' ? 
p_plane_restr       0.010 0.020 ? ? 'X-RAY DIFFRACTION' ? 
p_chiral_restr      0.127 0.150 ? ? 'X-RAY DIFFRACTION' ? 
p_singtor_nbd       0.181 0.300 ? ? 'X-RAY DIFFRACTION' ? 
p_multtor_nbd       0.180 0.300 ? ? 'X-RAY DIFFRACTION' ? 
p_xhyhbond_nbd      ?     ?     ? ? 'X-RAY DIFFRACTION' ? 
p_xyhbond_nbd       0.171 0.300 ? ? 'X-RAY DIFFRACTION' ? 
p_planar_tor        1.4   2.0   ? ? 'X-RAY DIFFRACTION' ? 
p_staggered_tor     17.90 10.0  ? ? 'X-RAY DIFFRACTION' ? 
p_orthonormal_tor   ?     ?     ? ? 'X-RAY DIFFRACTION' ? 
p_transverse_tor    15.70 10.0  ? ? 'X-RAY DIFFRACTION' ? 
p_special_tor       ?     ?     ? ? 'X-RAY DIFFRACTION' ? 
# 
_pdbx_refine.entry_id                                    1COF 
_pdbx_refine.R_factor_all_no_cutoff                      ? 
_pdbx_refine.R_factor_obs_no_cutoff                      0.1950000 
_pdbx_refine.free_R_factor_no_cutoff                     ? 
_pdbx_refine.free_R_val_test_set_size_perc_no_cutoff     ? 
_pdbx_refine.free_R_val_test_set_ct_no_cutoff            ? 
_pdbx_refine.R_factor_all_4sig_cutoff                    ? 
_pdbx_refine.R_factor_obs_4sig_cutoff                    ? 
_pdbx_refine.free_R_factor_4sig_cutoff                   ? 
_pdbx_refine.free_R_val_test_set_size_perc_4sig_cutoff   ? 
_pdbx_refine.free_R_val_test_set_ct_4sig_cutoff          ? 
_pdbx_refine.number_reflns_obs_4sig_cutoff               ? 
_pdbx_refine.pdbx_refine_id                              'X-RAY DIFFRACTION' 
_pdbx_refine.free_R_error_no_cutoff                      ? 
# 
loop_
_pdbx_xplor_file.serial_no 
_pdbx_xplor_file.param_file 
_pdbx_xplor_file.topol_file 
_pdbx_xplor_file.pdbx_refine_id 
1 PARHCSDX.PRO TOPH19.PEP 'X-RAY DIFFRACTION' 
2 PARAM19.SOL  TOPH19.SOL 'X-RAY DIFFRACTION' 
# 
_struct.entry_id                  1COF 
_struct.title                     'YEAST COFILIN, ORTHORHOMBIC CRYSTAL FORM' 
_struct.pdbx_model_details        ? 
_struct.pdbx_CASP_flag            ? 
_struct.pdbx_model_type_details   ? 
# 
_struct_keywords.entry_id        1COF 
_struct_keywords.pdbx_keywords   'ACTIN-BINDING PROTEIN' 
_struct_keywords.text            'ACTIN-BINDING, CYTOSKELETON, ACTIN-BINDING PROTEIN' 
# 
loop_
_struct_asym.id 
_struct_asym.pdbx_blank_PDB_chainid_flag 
_struct_asym.pdbx_modified 
_struct_asym.entity_id 
_struct_asym.details 
A N N 1 ? 
B N N 2 ? 
# 
_struct_ref.id                         1 
_struct_ref.db_name                    UNP 
_struct_ref.db_code                    COFI_YEAST 
_struct_ref.entity_id                  1 
_struct_ref.pdbx_db_accession          Q03048 
_struct_ref.pdbx_align_begin           1 
_struct_ref.pdbx_seq_one_letter_code   
;MSRSGVAVADESLTAFNDLKLGKKYKFILFGLNDAKTEIVVKETSTDPSYDAFLEKLPENDCLYAIYDFEYEINGNEGKR
SKIVFFTWSPDTAPVRSKMVYASSKDALRRALNGVSTDVQGTDFSEVSYDSVLERVSRGAGSH
;
_struct_ref.pdbx_db_isoform            ? 
# 
_struct_ref_seq.align_id                      1 
_struct_ref_seq.ref_id                        1 
_struct_ref_seq.pdbx_PDB_id_code              1COF 
_struct_ref_seq.pdbx_strand_id                A 
_struct_ref_seq.seq_align_beg                 1 
_struct_ref_seq.pdbx_seq_align_beg_ins_code   ? 
_struct_ref_seq.seq_align_end                 143 
_struct_ref_seq.pdbx_seq_align_end_ins_code   ? 
_struct_ref_seq.pdbx_db_accession             Q03048 
_struct_ref_seq.db_align_beg                  1 
_struct_ref_seq.pdbx_db_align_beg_ins_code    ? 
_struct_ref_seq.db_align_end                  143 
_struct_ref_seq.pdbx_db_align_end_ins_code    ? 
_struct_ref_seq.pdbx_auth_seq_align_beg       1 
_struct_ref_seq.pdbx_auth_seq_align_end       143 
# 
_pdbx_struct_assembly.id                   1 
_pdbx_struct_assembly.details              author_defined_assembly 
_pdbx_struct_assembly.method_details       ? 
_pdbx_struct_assembly.oligomeric_details   monomeric 
_pdbx_struct_assembly.oligomeric_count     1 
# 
_pdbx_struct_assembly_gen.assembly_id       1 
_pdbx_struct_assembly_gen.oper_expression   1 
_pdbx_struct_assembly_gen.asym_id_list      A,B 
# 
_pdbx_struct_oper_list.id                   1 
_pdbx_struct_oper_list.type                 'identity operation' 
_pdbx_struct_oper_list.name                 1_555 
_pdbx_struct_oper_list.symmetry_operation   x,y,z 
_pdbx_struct_oper_list.matrix[1][1]         1.0000000000 
_pdbx_struct_oper_list.matrix[1][2]         0.0000000000 
_pdbx_struct_oper_list.matrix[1][3]         0.0000000000 
_pdbx_struct_oper_list.vector[1]            0.0000000000 
_pdbx_struct_oper_list.matrix[2][1]         0.0000000000 
_pdbx_struct_oper_list.matrix[2][2]         1.0000000000 
_pdbx_struct_oper_list.matrix[2][3]         0.0000000000 
_pdbx_struct_oper_list.vector[2]            0.0000000000 
_pdbx_struct_oper_list.matrix[3][1]         0.0000000000 
_pdbx_struct_oper_list.matrix[3][2]         0.0000000000 
_pdbx_struct_oper_list.matrix[3][3]         1.0000000000 
_pdbx_struct_oper_list.vector[3]            0.0000000000 
# 
_struct_biol.id   1 
# 
loop_
_struct_conf.conf_type_id 
_struct_conf.id 
_struct_conf.pdbx_PDB_helix_id 
_struct_conf.beg_label_comp_id 
_struct_conf.beg_label_asym_id 
_struct_conf.beg_label_seq_id 
_struct_conf.pdbx_beg_PDB_ins_code 
_struct_conf.end_label_comp_id 
_struct_conf.end_label_asym_id 
_struct_conf.end_label_seq_id 
_struct_conf.pdbx_end_PDB_ins_code 
_struct_conf.beg_auth_comp_id 
_struct_conf.beg_auth_asym_id 
_struct_conf.beg_auth_seq_id 
_struct_conf.end_auth_comp_id 
_struct_conf.end_auth_asym_id 
_struct_conf.end_auth_seq_id 
_struct_conf.pdbx_PDB_helix_class 
_struct_conf.details 
_struct_conf.pdbx_PDB_helix_length 
HELX_P HELX_P1 H1 ASP A 10  ? LEU A 21  ? ASP A 10  LEU A 21  1 ? 12 
HELX_P HELX_P2 H2 TYR A 50  ? GLU A 55  ? TYR A 50  GLU A 55  1 ? 6  
HELX_P HELX_P3 H3 VAL A 95  ? ALA A 111 ? VAL A 95  ALA A 111 1 ? 17 
HELX_P HELX_P4 H4 TYR A 129 ? SER A 137 ? TYR A 129 SER A 137 1 ? 9  
# 
_struct_conf_type.id          HELX_P 
_struct_conf_type.criteria    ? 
_struct_conf_type.reference   ? 
# 
_struct_sheet.id               S1 
_struct_sheet.type             ? 
_struct_sheet.number_strands   6 
_struct_sheet.details          ? 
# 
loop_
_struct_sheet_order.sheet_id 
_struct_sheet_order.range_id_1 
_struct_sheet_order.range_id_2 
_struct_sheet_order.offset 
_struct_sheet_order.sense 
S1 1 2 ? parallel      
S1 2 3 ? anti-parallel 
S1 3 4 ? anti-parallel 
S1 4 5 ? anti-parallel 
S1 5 6 ? parallel      
# 
loop_
_struct_sheet_range.sheet_id 
_struct_sheet_range.id 
_struct_sheet_range.beg_label_comp_id 
_struct_sheet_range.beg_label_asym_id 
_struct_sheet_range.beg_label_seq_id 
_struct_sheet_range.pdbx_beg_PDB_ins_code 
_struct_sheet_range.end_label_comp_id 
_struct_sheet_range.end_label_asym_id 
_struct_sheet_range.end_label_seq_id 
_struct_sheet_range.pdbx_end_PDB_ins_code 
_struct_sheet_range.beg_auth_comp_id 
_struct_sheet_range.beg_auth_asym_id 
_struct_sheet_range.beg_auth_seq_id 
_struct_sheet_range.end_auth_comp_id 
_struct_sheet_range.end_auth_asym_id 
_struct_sheet_range.end_auth_seq_id 
S1 1 ALA A 7   ? ALA A 9   ? ALA A 7   ALA A 9   
S1 2 GLU A 38  ? SER A 45  ? GLU A 38  SER A 45  
S1 3 PHE A 27  ? ASN A 33  ? PHE A 27  ASN A 33  
S1 4 LEU A 63  ? ILE A 73  ? LEU A 63  ILE A 73  
S1 5 GLY A 78  ? SER A 89  ? GLY A 78  SER A 89  
S1 6 THR A 117 ? GLY A 121 ? THR A 117 GLY A 121 
# 
loop_
_pdbx_struct_sheet_hbond.sheet_id 
_pdbx_struct_sheet_hbond.range_id_1 
_pdbx_struct_sheet_hbond.range_id_2 
_pdbx_struct_sheet_hbond.range_1_label_atom_id 
_pdbx_struct_sheet_hbond.range_1_label_comp_id 
_pdbx_struct_sheet_hbond.range_1_label_asym_id 
_pdbx_struct_sheet_hbond.range_1_label_seq_id 
_pdbx_struct_sheet_hbond.range_1_PDB_ins_code 
_pdbx_struct_sheet_hbond.range_1_auth_atom_id 
_pdbx_struct_sheet_hbond.range_1_auth_comp_id 
_pdbx_struct_sheet_hbond.range_1_auth_asym_id 
_pdbx_struct_sheet_hbond.range_1_auth_seq_id 
_pdbx_struct_sheet_hbond.range_2_label_atom_id 
_pdbx_struct_sheet_hbond.range_2_label_comp_id 
_pdbx_struct_sheet_hbond.range_2_label_asym_id 
_pdbx_struct_sheet_hbond.range_2_label_seq_id 
_pdbx_struct_sheet_hbond.range_2_PDB_ins_code 
_pdbx_struct_sheet_hbond.range_2_auth_atom_id 
_pdbx_struct_sheet_hbond.range_2_auth_comp_id 
_pdbx_struct_sheet_hbond.range_2_auth_asym_id 
_pdbx_struct_sheet_hbond.range_2_auth_seq_id 
S1 1 2 N ALA A 9  ? N ALA A 9  O ILE A 39  ? O ILE A 39  
S1 2 3 O VAL A 40 ? O VAL A 40 N GLY A 31  ? N GLY A 31  
S1 3 4 O ILE A 28 ? O ILE A 28 N ILE A 66  ? N ILE A 66  
S1 4 5 O ALA A 65 ? O ALA A 65 N PHE A 86  ? N PHE A 86  
S1 5 6 N THR A 87 ? N THR A 87 O VAL A 119 ? O VAL A 119 
# 
loop_
_pdbx_validate_torsion.id 
_pdbx_validate_torsion.PDB_model_num 
_pdbx_validate_torsion.auth_comp_id 
_pdbx_validate_torsion.auth_asym_id 
_pdbx_validate_torsion.auth_seq_id 
_pdbx_validate_torsion.PDB_ins_code 
_pdbx_validate_torsion.label_alt_id 
_pdbx_validate_torsion.phi 
_pdbx_validate_torsion.psi 
1 1 PHE A 124 ? ? -67.05 2.03    
2 1 ARG A 138 ? ? -74.64 -168.79 
# 
loop_
_pdbx_unobs_or_zero_occ_residues.id 
_pdbx_unobs_or_zero_occ_residues.PDB_model_num 
_pdbx_unobs_or_zero_occ_residues.polymer_flag 
_pdbx_unobs_or_zero_occ_residues.occupancy_flag 
_pdbx_unobs_or_zero_occ_residues.auth_asym_id 
_pdbx_unobs_or_zero_occ_residues.auth_comp_id 
_pdbx_unobs_or_zero_occ_residues.auth_seq_id 
_pdbx_unobs_or_zero_occ_residues.PDB_ins_code 
_pdbx_unobs_or_zero_occ_residues.label_asym_id 
_pdbx_unobs_or_zero_occ_residues.label_comp_id 
_pdbx_unobs_or_zero_occ_residues.label_seq_id 
1 1 Y 1 A MET 1   ? A MET 1   
2 1 Y 1 A SER 2   ? A SER 2   
3 1 Y 1 A ARG 3   ? A ARG 3   
4 1 Y 1 A SER 4   ? A SER 4   
5 1 Y 1 A GLY 5   ? A GLY 5   
6 1 Y 1 A GLY 141 ? A GLY 141 
7 1 Y 1 A SER 142 ? A SER 142 
8 1 Y 1 A HIS 143 ? A HIS 143 
# 
loop_
_chem_comp_atom.comp_id 
_chem_comp_atom.atom_id 
_chem_comp_atom.type_symbol 
_chem_comp_atom.pdbx_aromatic_flag 
_chem_comp_atom.pdbx_stereo_config 
_chem_comp_atom.pdbx_ordinal 
ALA N    N N N 1   
ALA CA   C N S 2   
ALA C    C N N 3   
ALA O    O N N 4   
ALA CB   C N N 5   
ALA OXT  O N N 6   
ALA H    H N N 7   
ALA H2   H N N 8   
ALA HA   H N N 9   
ALA HB1  H N N 10  
ALA HB2  H N N 11  
ALA HB3  H N N 12  
ALA HXT  H N N 13  
ARG N    N N N 14  
ARG CA   C N S 15  
ARG C    C N N 16  
ARG O    O N N 17  
ARG CB   C N N 18  
ARG CG   C N N 19  
ARG CD   C N N 20  
ARG NE   N N N 21  
ARG CZ   C N N 22  
ARG NH1  N N N 23  
ARG NH2  N N N 24  
ARG OXT  O N N 25  
ARG H    H N N 26  
ARG H2   H N N 27  
ARG HA   H N N 28  
ARG HB2  H N N 29  
ARG HB3  H N N 30  
ARG HG2  H N N 31  
ARG HG3  H N N 32  
ARG HD2  H N N 33  
ARG HD3  H N N 34  
ARG HE   H N N 35  
ARG HH11 H N N 36  
ARG HH12 H N N 37  
ARG HH21 H N N 38  
ARG HH22 H N N 39  
ARG HXT  H N N 40  
ASN N    N N N 41  
ASN CA   C N S 42  
ASN C    C N N 43  
ASN O    O N N 44  
ASN CB   C N N 45  
ASN CG   C N N 46  
ASN OD1  O N N 47  
ASN ND2  N N N 48  
ASN OXT  O N N 49  
ASN H    H N N 50  
ASN H2   H N N 51  
ASN HA   H N N 52  
ASN HB2  H N N 53  
ASN HB3  H N N 54  
ASN HD21 H N N 55  
ASN HD22 H N N 56  
ASN HXT  H N N 57  
ASP N    N N N 58  
ASP CA   C N S 59  
ASP C    C N N 60  
ASP O    O N N 61  
ASP CB   C N N 62  
ASP CG   C N N 63  
ASP OD1  O N N 64  
ASP OD2  O N N 65  
ASP OXT  O N N 66  
ASP H    H N N 67  
ASP H2   H N N 68  
ASP HA   H N N 69  
ASP HB2  H N N 70  
ASP HB3  H N N 71  
ASP HD2  H N N 72  
ASP HXT  H N N 73  
CYS N    N N N 74  
CYS CA   C N R 75  
CYS C    C N N 76  
CYS O    O N N 77  
CYS CB   C N N 78  
CYS SG   S N N 79  
CYS OXT  O N N 80  
CYS H    H N N 81  
CYS H2   H N N 82  
CYS HA   H N N 83  
CYS HB2  H N N 84  
CYS HB3  H N N 85  
CYS HG   H N N 86  
CYS HXT  H N N 87  
GLN N    N N N 88  
GLN CA   C N S 89  
GLN C    C N N 90  
GLN O    O N N 91  
GLN CB   C N N 92  
GLN CG   C N N 93  
GLN CD   C N N 94  
GLN OE1  O N N 95  
GLN NE2  N N N 96  
GLN OXT  O N N 97  
GLN H    H N N 98  
GLN H2   H N N 99  
GLN HA   H N N 100 
GLN HB2  H N N 101 
GLN HB3  H N N 102 
GLN HG2  H N N 103 
GLN HG3  H N N 104 
GLN HE21 H N N 105 
GLN HE22 H N N 106 
GLN HXT  H N N 107 
GLU N    N N N 108 
GLU CA   C N S 109 
GLU C    C N N 110 
GLU O    O N N 111 
GLU CB   C N N 112 
GLU CG   C N N 113 
GLU CD   C N N 114 
GLU OE1  O N N 115 
GLU OE2  O N N 116 
GLU OXT  O N N 117 
GLU H    H N N 118 
GLU H2   H N N 119 
GLU HA   H N N 120 
GLU HB2  H N N 121 
GLU HB3  H N N 122 
GLU HG2  H N N 123 
GLU HG3  H N N 124 
GLU HE2  H N N 125 
GLU HXT  H N N 126 
GLY N    N N N 127 
GLY CA   C N N 128 
GLY C    C N N 129 
GLY O    O N N 130 
GLY OXT  O N N 131 
GLY H    H N N 132 
GLY H2   H N N 133 
GLY HA2  H N N 134 
GLY HA3  H N N 135 
GLY HXT  H N N 136 
HIS N    N N N 137 
HIS CA   C N S 138 
HIS C    C N N 139 
HIS O    O N N 140 
HIS CB   C N N 141 
HIS CG   C Y N 142 
HIS ND1  N Y N 143 
HIS CD2  C Y N 144 
HIS CE1  C Y N 145 
HIS NE2  N Y N 146 
HIS OXT  O N N 147 
HIS H    H N N 148 
HIS H2   H N N 149 
HIS HA   H N N 150 
HIS HB2  H N N 151 
HIS HB3  H N N 152 
HIS HD1  H N N 153 
HIS HD2  H N N 154 
HIS HE1  H N N 155 
HIS HE2  H N N 156 
HIS HXT  H N N 157 
HOH O    O N N 158 
HOH H1   H N N 159 
HOH H2   H N N 160 
ILE N    N N N 161 
ILE CA   C N S 162 
ILE C    C N N 163 
ILE O    O N N 164 
ILE CB   C N S 165 
ILE CG1  C N N 166 
ILE CG2  C N N 167 
ILE CD1  C N N 168 
ILE OXT  O N N 169 
ILE H    H N N 170 
ILE H2   H N N 171 
ILE HA   H N N 172 
ILE HB   H N N 173 
ILE HG12 H N N 174 
ILE HG13 H N N 175 
ILE HG21 H N N 176 
ILE HG22 H N N 177 
ILE HG23 H N N 178 
ILE HD11 H N N 179 
ILE HD12 H N N 180 
ILE HD13 H N N 181 
ILE HXT  H N N 182 
LEU N    N N N 183 
LEU CA   C N S 184 
LEU C    C N N 185 
LEU O    O N N 186 
LEU CB   C N N 187 
LEU CG   C N N 188 
LEU CD1  C N N 189 
LEU CD2  C N N 190 
LEU OXT  O N N 191 
LEU H    H N N 192 
LEU H2   H N N 193 
LEU HA   H N N 194 
LEU HB2  H N N 195 
LEU HB3  H N N 196 
LEU HG   H N N 197 
LEU HD11 H N N 198 
LEU HD12 H N N 199 
LEU HD13 H N N 200 
LEU HD21 H N N 201 
LEU HD22 H N N 202 
LEU HD23 H N N 203 
LEU HXT  H N N 204 
LYS N    N N N 205 
LYS CA   C N S 206 
LYS C    C N N 207 
LYS O    O N N 208 
LYS CB   C N N 209 
LYS CG   C N N 210 
LYS CD   C N N 211 
LYS CE   C N N 212 
LYS NZ   N N N 213 
LYS OXT  O N N 214 
LYS H    H N N 215 
LYS H2   H N N 216 
LYS HA   H N N 217 
LYS HB2  H N N 218 
LYS HB3  H N N 219 
LYS HG2  H N N 220 
LYS HG3  H N N 221 
LYS HD2  H N N 222 
LYS HD3  H N N 223 
LYS HE2  H N N 224 
LYS HE3  H N N 225 
LYS HZ1  H N N 226 
LYS HZ2  H N N 227 
LYS HZ3  H N N 228 
LYS HXT  H N N 229 
MET N    N N N 230 
MET CA   C N S 231 
MET C    C N N 232 
MET O    O N N 233 
MET CB   C N N 234 
MET CG   C N N 235 
MET SD   S N N 236 
MET CE   C N N 237 
MET OXT  O N N 238 
MET H    H N N 239 
MET H2   H N N 240 
MET HA   H N N 241 
MET HB2  H N N 242 
MET HB3  H N N 243 
MET HG2  H N N 244 
MET HG3  H N N 245 
MET HE1  H N N 246 
MET HE2  H N N 247 
MET HE3  H N N 248 
MET HXT  H N N 249 
PHE N    N N N 250 
PHE CA   C N S 251 
PHE C    C N N 252 
PHE O    O N N 253 
PHE CB   C N N 254 
PHE CG   C Y N 255 
PHE CD1  C Y N 256 
PHE CD2  C Y N 257 
PHE CE1  C Y N 258 
PHE CE2  C Y N 259 
PHE CZ   C Y N 260 
PHE OXT  O N N 261 
PHE H    H N N 262 
PHE H2   H N N 263 
PHE HA   H N N 264 
PHE HB2  H N N 265 
PHE HB3  H N N 266 
PHE HD1  H N N 267 
PHE HD2  H N N 268 
PHE HE1  H N N 269 
PHE HE2  H N N 270 
PHE HZ   H N N 271 
PHE HXT  H N N 272 
PRO N    N N N 273 
PRO CA   C N S 274 
PRO C    C N N 275 
PRO O    O N N 276 
PRO CB   C N N 277 
PRO CG   C N N 278 
PRO CD   C N N 279 
PRO OXT  O N N 280 
PRO H    H N N 281 
PRO HA   H N N 282 
PRO HB2  H N N 283 
PRO HB3  H N N 284 
PRO HG2  H N N 285 
PRO HG3  H N N 286 
PRO HD2  H N N 287 
PRO HD3  H N N 288 
PRO HXT  H N N 289 
SER N    N N N 290 
SER CA   C N S 291 
SER C    C N N 292 
SER O    O N N 293 
SER CB   C N N 294 
SER OG   O N N 295 
SER OXT  O N N 296 
SER H    H N N 297 
SER H2   H N N 298 
SER HA   H N N 299 
SER HB2  H N N 300 
SER HB3  H N N 301 
SER HG   H N N 302 
SER HXT  H N N 303 
THR N    N N N 304 
THR CA   C N S 305 
THR C    C N N 306 
THR O    O N N 307 
THR CB   C N R 308 
THR OG1  O N N 309 
THR CG2  C N N 310 
THR OXT  O N N 311 
THR H    H N N 312 
THR H2   H N N 313 
THR HA   H N N 314 
THR HB   H N N 315 
THR HG1  H N N 316 
THR HG21 H N N 317 
THR HG22 H N N 318 
THR HG23 H N N 319 
THR HXT  H N N 320 
TRP N    N N N 321 
TRP CA   C N S 322 
TRP C    C N N 323 
TRP O    O N N 324 
TRP CB   C N N 325 
TRP CG   C Y N 326 
TRP CD1  C Y N 327 
TRP CD2  C Y N 328 
TRP NE1  N Y N 329 
TRP CE2  C Y N 330 
TRP CE3  C Y N 331 
TRP CZ2  C Y N 332 
TRP CZ3  C Y N 333 
TRP CH2  C Y N 334 
TRP OXT  O N N 335 
TRP H    H N N 336 
TRP H2   H N N 337 
TRP HA   H N N 338 
TRP HB2  H N N 339 
TRP HB3  H N N 340 
TRP HD1  H N N 341 
TRP HE1  H N N 342 
TRP HE3  H N N 343 
TRP HZ2  H N N 344 
TRP HZ3  H N N 345 
TRP HH2  H N N 346 
TRP HXT  H N N 347 
TYR N    N N N 348 
TYR CA   C N S 349 
TYR C    C N N 350 
TYR O    O N N 351 
TYR CB   C N N 352 
TYR CG   C Y N 353 
TYR CD1  C Y N 354 
TYR CD2  C Y N 355 
TYR CE1  C Y N 356 
TYR CE2  C Y N 357 
TYR CZ   C Y N 358 
TYR OH   O N N 359 
TYR OXT  O N N 360 
TYR H    H N N 361 
TYR H2   H N N 362 
TYR HA   H N N 363 
TYR HB2  H N N 364 
TYR HB3  H N N 365 
TYR HD1  H N N 366 
TYR HD2  H N N 367 
TYR HE1  H N N 368 
TYR HE2  H N N 369 
TYR HH   H N N 370 
TYR HXT  H N N 371 
VAL N    N N N 372 
VAL CA   C N S 373 
VAL C    C N N 374 
VAL O    O N N 375 
VAL CB   C N N 376 
VAL CG1  C N N 377 
VAL CG2  C N N 378 
VAL OXT  O N N 379 
VAL H    H N N 380 
VAL H2   H N N 381 
VAL HA   H N N 382 
VAL HB   H N N 383 
VAL HG11 H N N 384 
VAL HG12 H N N 385 
VAL HG13 H N N 386 
VAL HG21 H N N 387 
VAL HG22 H N N 388 
VAL HG23 H N N 389 
VAL HXT  H N N 390 
# 
loop_
_chem_comp_bond.comp_id 
_chem_comp_bond.atom_id_1 
_chem_comp_bond.atom_id_2 
_chem_comp_bond.value_order 
_chem_comp_bond.pdbx_aromatic_flag 
_chem_comp_bond.pdbx_stereo_config 
_chem_comp_bond.pdbx_ordinal 
ALA N   CA   sing N N 1   
ALA N   H    sing N N 2   
ALA N   H2   sing N N 3   
ALA CA  C    sing N N 4   
ALA CA  CB   sing N N 5   
ALA CA  HA   sing N N 6   
ALA C   O    doub N N 7   
ALA C   OXT  sing N N 8   
ALA CB  HB1  sing N N 9   
ALA CB  HB2  sing N N 10  
ALA CB  HB3  sing N N 11  
ALA OXT HXT  sing N N 12  
ARG N   CA   sing N N 13  
ARG N   H    sing N N 14  
ARG N   H2   sing N N 15  
ARG CA  C    sing N N 16  
ARG CA  CB   sing N N 17  
ARG CA  HA   sing N N 18  
ARG C   O    doub N N 19  
ARG C   OXT  sing N N 20  
ARG CB  CG   sing N N 21  
ARG CB  HB2  sing N N 22  
ARG CB  HB3  sing N N 23  
ARG CG  CD   sing N N 24  
ARG CG  HG2  sing N N 25  
ARG CG  HG3  sing N N 26  
ARG CD  NE   sing N N 27  
ARG CD  HD2  sing N N 28  
ARG CD  HD3  sing N N 29  
ARG NE  CZ   sing N N 30  
ARG NE  HE   sing N N 31  
ARG CZ  NH1  sing N N 32  
ARG CZ  NH2  doub N N 33  
ARG NH1 HH11 sing N N 34  
ARG NH1 HH12 sing N N 35  
ARG NH2 HH21 sing N N 36  
ARG NH2 HH22 sing N N 37  
ARG OXT HXT  sing N N 38  
ASN N   CA   sing N N 39  
ASN N   H    sing N N 40  
ASN N   H2   sing N N 41  
ASN CA  C    sing N N 42  
ASN CA  CB   sing N N 43  
ASN CA  HA   sing N N 44  
ASN C   O    doub N N 45  
ASN C   OXT  sing N N 46  
ASN CB  CG   sing N N 47  
ASN CB  HB2  sing N N 48  
ASN CB  HB3  sing N N 49  
ASN CG  OD1  doub N N 50  
ASN CG  ND2  sing N N 51  
ASN ND2 HD21 sing N N 52  
ASN ND2 HD22 sing N N 53  
ASN OXT HXT  sing N N 54  
ASP N   CA   sing N N 55  
ASP N   H    sing N N 56  
ASP N   H2   sing N N 57  
ASP CA  C    sing N N 58  
ASP CA  CB   sing N N 59  
ASP CA  HA   sing N N 60  
ASP C   O    doub N N 61  
ASP C   OXT  sing N N 62  
ASP CB  CG   sing N N 63  
ASP CB  HB2  sing N N 64  
ASP CB  HB3  sing N N 65  
ASP CG  OD1  doub N N 66  
ASP CG  OD2  sing N N 67  
ASP OD2 HD2  sing N N 68  
ASP OXT HXT  sing N N 69  
CYS N   CA   sing N N 70  
CYS N   H    sing N N 71  
CYS N   H2   sing N N 72  
CYS CA  C    sing N N 73  
CYS CA  CB   sing N N 74  
CYS CA  HA   sing N N 75  
CYS C   O    doub N N 76  
CYS C   OXT  sing N N 77  
CYS CB  SG   sing N N 78  
CYS CB  HB2  sing N N 79  
CYS CB  HB3  sing N N 80  
CYS SG  HG   sing N N 81  
CYS OXT HXT  sing N N 82  
GLN N   CA   sing N N 83  
GLN N   H    sing N N 84  
GLN N   H2   sing N N 85  
GLN CA  C    sing N N 86  
GLN CA  CB   sing N N 87  
GLN CA  HA   sing N N 88  
GLN C   O    doub N N 89  
GLN C   OXT  sing N N 90  
GLN CB  CG   sing N N 91  
GLN CB  HB2  sing N N 92  
GLN CB  HB3  sing N N 93  
GLN CG  CD   sing N N 94  
GLN CG  HG2  sing N N 95  
GLN CG  HG3  sing N N 96  
GLN CD  OE1  doub N N 97  
GLN CD  NE2  sing N N 98  
GLN NE2 HE21 sing N N 99  
GLN NE2 HE22 sing N N 100 
GLN OXT HXT  sing N N 101 
GLU N   CA   sing N N 102 
GLU N   H    sing N N 103 
GLU N   H2   sing N N 104 
GLU CA  C    sing N N 105 
GLU CA  CB   sing N N 106 
GLU CA  HA   sing N N 107 
GLU C   O    doub N N 108 
GLU C   OXT  sing N N 109 
GLU CB  CG   sing N N 110 
GLU CB  HB2  sing N N 111 
GLU CB  HB3  sing N N 112 
GLU CG  CD   sing N N 113 
GLU CG  HG2  sing N N 114 
GLU CG  HG3  sing N N 115 
GLU CD  OE1  doub N N 116 
GLU CD  OE2  sing N N 117 
GLU OE2 HE2  sing N N 118 
GLU OXT HXT  sing N N 119 
GLY N   CA   sing N N 120 
GLY N   H    sing N N 121 
GLY N   H2   sing N N 122 
GLY CA  C    sing N N 123 
GLY CA  HA2  sing N N 124 
GLY CA  HA3  sing N N 125 
GLY C   O    doub N N 126 
GLY C   OXT  sing N N 127 
GLY OXT HXT  sing N N 128 
HIS N   CA   sing N N 129 
HIS N   H    sing N N 130 
HIS N   H2   sing N N 131 
HIS CA  C    sing N N 132 
HIS CA  CB   sing N N 133 
HIS CA  HA   sing N N 134 
HIS C   O    doub N N 135 
HIS C   OXT  sing N N 136 
HIS CB  CG   sing N N 137 
HIS CB  HB2  sing N N 138 
HIS CB  HB3  sing N N 139 
HIS CG  ND1  sing Y N 140 
HIS CG  CD2  doub Y N 141 
HIS ND1 CE1  doub Y N 142 
HIS ND1 HD1  sing N N 143 
HIS CD2 NE2  sing Y N 144 
HIS CD2 HD2  sing N N 145 
HIS CE1 NE2  sing Y N 146 
HIS CE1 HE1  sing N N 147 
HIS NE2 HE2  sing N N 148 
HIS OXT HXT  sing N N 149 
HOH O   H1   sing N N 150 
HOH O   H2   sing N N 151 
ILE N   CA   sing N N 152 
ILE N   H    sing N N 153 
ILE N   H2   sing N N 154 
ILE CA  C    sing N N 155 
ILE CA  CB   sing N N 156 
ILE CA  HA   sing N N 157 
ILE C   O    doub N N 158 
ILE C   OXT  sing N N 159 
ILE CB  CG1  sing N N 160 
ILE CB  CG2  sing N N 161 
ILE CB  HB   sing N N 162 
ILE CG1 CD1  sing N N 163 
ILE CG1 HG12 sing N N 164 
ILE CG1 HG13 sing N N 165 
ILE CG2 HG21 sing N N 166 
ILE CG2 HG22 sing N N 167 
ILE CG2 HG23 sing N N 168 
ILE CD1 HD11 sing N N 169 
ILE CD1 HD12 sing N N 170 
ILE CD1 HD13 sing N N 171 
ILE OXT HXT  sing N N 172 
LEU N   CA   sing N N 173 
LEU N   H    sing N N 174 
LEU N   H2   sing N N 175 
LEU CA  C    sing N N 176 
LEU CA  CB   sing N N 177 
LEU CA  HA   sing N N 178 
LEU C   O    doub N N 179 
LEU C   OXT  sing N N 180 
LEU CB  CG   sing N N 181 
LEU CB  HB2  sing N N 182 
LEU CB  HB3  sing N N 183 
LEU CG  CD1  sing N N 184 
LEU CG  CD2  sing N N 185 
LEU CG  HG   sing N N 186 
LEU CD1 HD11 sing N N 187 
LEU CD1 HD12 sing N N 188 
LEU CD1 HD13 sing N N 189 
LEU CD2 HD21 sing N N 190 
LEU CD2 HD22 sing N N 191 
LEU CD2 HD23 sing N N 192 
LEU OXT HXT  sing N N 193 
LYS N   CA   sing N N 194 
LYS N   H    sing N N 195 
LYS N   H2   sing N N 196 
LYS CA  C    sing N N 197 
LYS CA  CB   sing N N 198 
LYS CA  HA   sing N N 199 
LYS C   O    doub N N 200 
LYS C   OXT  sing N N 201 
LYS CB  CG   sing N N 202 
LYS CB  HB2  sing N N 203 
LYS CB  HB3  sing N N 204 
LYS CG  CD   sing N N 205 
LYS CG  HG2  sing N N 206 
LYS CG  HG3  sing N N 207 
LYS CD  CE   sing N N 208 
LYS CD  HD2  sing N N 209 
LYS CD  HD3  sing N N 210 
LYS CE  NZ   sing N N 211 
LYS CE  HE2  sing N N 212 
LYS CE  HE3  sing N N 213 
LYS NZ  HZ1  sing N N 214 
LYS NZ  HZ2  sing N N 215 
LYS NZ  HZ3  sing N N 216 
LYS OXT HXT  sing N N 217 
MET N   CA   sing N N 218 
MET N   H    sing N N 219 
MET N   H2   sing N N 220 
MET CA  C    sing N N 221 
MET CA  CB   sing N N 222 
MET CA  HA   sing N N 223 
MET C   O    doub N N 224 
MET C   OXT  sing N N 225 
MET CB  CG   sing N N 226 
MET CB  HB2  sing N N 227 
MET CB  HB3  sing N N 228 
MET CG  SD   sing N N 229 
MET CG  HG2  sing N N 230 
MET CG  HG3  sing N N 231 
MET SD  CE   sing N N 232 
MET CE  HE1  sing N N 233 
MET CE  HE2  sing N N 234 
MET CE  HE3  sing N N 235 
MET OXT HXT  sing N N 236 
PHE N   CA   sing N N 237 
PHE N   H    sing N N 238 
PHE N   H2   sing N N 239 
PHE CA  C    sing N N 240 
PHE CA  CB   sing N N 241 
PHE CA  HA   sing N N 242 
PHE C   O    doub N N 243 
PHE C   OXT  sing N N 244 
PHE CB  CG   sing N N 245 
PHE CB  HB2  sing N N 246 
PHE CB  HB3  sing N N 247 
PHE CG  CD1  doub Y N 248 
PHE CG  CD2  sing Y N 249 
PHE CD1 CE1  sing Y N 250 
PHE CD1 HD1  sing N N 251 
PHE CD2 CE2  doub Y N 252 
PHE CD2 HD2  sing N N 253 
PHE CE1 CZ   doub Y N 254 
PHE CE1 HE1  sing N N 255 
PHE CE2 CZ   sing Y N 256 
PHE CE2 HE2  sing N N 257 
PHE CZ  HZ   sing N N 258 
PHE OXT HXT  sing N N 259 
PRO N   CA   sing N N 260 
PRO N   CD   sing N N 261 
PRO N   H    sing N N 262 
PRO CA  C    sing N N 263 
PRO CA  CB   sing N N 264 
PRO CA  HA   sing N N 265 
PRO C   O    doub N N 266 
PRO C   OXT  sing N N 267 
PRO CB  CG   sing N N 268 
PRO CB  HB2  sing N N 269 
PRO CB  HB3  sing N N 270 
PRO CG  CD   sing N N 271 
PRO CG  HG2  sing N N 272 
PRO CG  HG3  sing N N 273 
PRO CD  HD2  sing N N 274 
PRO CD  HD3  sing N N 275 
PRO OXT HXT  sing N N 276 
SER N   CA   sing N N 277 
SER N   H    sing N N 278 
SER N   H2   sing N N 279 
SER CA  C    sing N N 280 
SER CA  CB   sing N N 281 
SER CA  HA   sing N N 282 
SER C   O    doub N N 283 
SER C   OXT  sing N N 284 
SER CB  OG   sing N N 285 
SER CB  HB2  sing N N 286 
SER CB  HB3  sing N N 287 
SER OG  HG   sing N N 288 
SER OXT HXT  sing N N 289 
THR N   CA   sing N N 290 
THR N   H    sing N N 291 
THR N   H2   sing N N 292 
THR CA  C    sing N N 293 
THR CA  CB   sing N N 294 
THR CA  HA   sing N N 295 
THR C   O    doub N N 296 
THR C   OXT  sing N N 297 
THR CB  OG1  sing N N 298 
THR CB  CG2  sing N N 299 
THR CB  HB   sing N N 300 
THR OG1 HG1  sing N N 301 
THR CG2 HG21 sing N N 302 
THR CG2 HG22 sing N N 303 
THR CG2 HG23 sing N N 304 
THR OXT HXT  sing N N 305 
TRP N   CA   sing N N 306 
TRP N   H    sing N N 307 
TRP N   H2   sing N N 308 
TRP CA  C    sing N N 309 
TRP CA  CB   sing N N 310 
TRP CA  HA   sing N N 311 
TRP C   O    doub N N 312 
TRP C   OXT  sing N N 313 
TRP CB  CG   sing N N 314 
TRP CB  HB2  sing N N 315 
TRP CB  HB3  sing N N 316 
TRP CG  CD1  doub Y N 317 
TRP CG  CD2  sing Y N 318 
TRP CD1 NE1  sing Y N 319 
TRP CD1 HD1  sing N N 320 
TRP CD2 CE2  doub Y N 321 
TRP CD2 CE3  sing Y N 322 
TRP NE1 CE2  sing Y N 323 
TRP NE1 HE1  sing N N 324 
TRP CE2 CZ2  sing Y N 325 
TRP CE3 CZ3  doub Y N 326 
TRP CE3 HE3  sing N N 327 
TRP CZ2 CH2  doub Y N 328 
TRP CZ2 HZ2  sing N N 329 
TRP CZ3 CH2  sing Y N 330 
TRP CZ3 HZ3  sing N N 331 
TRP CH2 HH2  sing N N 332 
TRP OXT HXT  sing N N 333 
TYR N   CA   sing N N 334 
TYR N   H    sing N N 335 
TYR N   H2   sing N N 336 
TYR CA  C    sing N N 337 
TYR CA  CB   sing N N 338 
TYR CA  HA   sing N N 339 
TYR C   O    doub N N 340 
TYR C   OXT  sing N N 341 
TYR CB  CG   sing N N 342 
TYR CB  HB2  sing N N 343 
TYR CB  HB3  sing N N 344 
TYR CG  CD1  doub Y N 345 
TYR CG  CD2  sing Y N 346 
TYR CD1 CE1  sing Y N 347 
TYR CD1 HD1  sing N N 348 
TYR CD2 CE2  doub Y N 349 
TYR CD2 HD2  sing N N 350 
TYR CE1 CZ   doub Y N 351 
TYR CE1 HE1  sing N N 352 
TYR CE2 CZ   sing Y N 353 
TYR CE2 HE2  sing N N 354 
TYR CZ  OH   sing N N 355 
TYR OH  HH   sing N N 356 
TYR OXT HXT  sing N N 357 
VAL N   CA   sing N N 358 
VAL N   H    sing N N 359 
VAL N   H2   sing N N 360 
VAL CA  C    sing N N 361 
VAL CA  CB   sing N N 362 
VAL CA  HA   sing N N 363 
VAL C   O    doub N N 364 
VAL C   OXT  sing N N 365 
VAL CB  CG1  sing N N 366 
VAL CB  CG2  sing N N 367 
VAL CB  HB   sing N N 368 
VAL CG1 HG11 sing N N 369 
VAL CG1 HG12 sing N N 370 
VAL CG1 HG13 sing N N 371 
VAL CG2 HG21 sing N N 372 
VAL CG2 HG22 sing N N 373 
VAL CG2 HG23 sing N N 374 
VAL OXT HXT  sing N N 375 
# 
_atom_sites.entry_id                    1COF 
_atom_sites.fract_transf_matrix[1][1]   -0.00283874 
_atom_sites.fract_transf_matrix[1][2]   -0.01229219 
_atom_sites.fract_transf_matrix[1][3]   0.03006651 
_atom_sites.fract_transf_matrix[2][1]   0.00742602 
_atom_sites.fract_transf_matrix[2][2]   0.01743385 
_atom_sites.fract_transf_matrix[2][3]   0.00782867 
_atom_sites.fract_transf_matrix[3][1]   -0.00915500 
_atom_sites.fract_transf_matrix[3][2]   0.00362268 
_atom_sites.fract_transf_matrix[3][3]   0.00061670 
_atom_sites.fract_transf_vector[1]      0.601651 
_atom_sites.fract_transf_vector[2]      0.664020 
_atom_sites.fract_transf_vector[3]      0.371265 
# 
loop_
_atom_type.symbol 
C 
N 
O 
S 
# 
loop_
_atom_site.group_PDB 
_atom_site.id 
_atom_site.type_symbol 
_atom_site.label_atom_id 
_atom_site.label_alt_id 
_atom_site.label_comp_id 
_atom_site.label_asym_id 
_atom_site.label_entity_id 
_atom_site.label_seq_id 
_atom_site.pdbx_PDB_ins_code 
_atom_site.Cartn_x 
_atom_site.Cartn_y 
_atom_site.Cartn_z 
_atom_site.occupancy 
_atom_site.B_iso_or_equiv 
_atom_site.pdbx_formal_charge 
_atom_site.auth_seq_id 
_atom_site.auth_comp_id 
_atom_site.auth_asym_id 
_atom_site.auth_atom_id 
_atom_site.pdbx_PDB_model_num 
ATOM   1    N N   . VAL A 1 6   ? -8.375  -16.738 -1.468  1.00 47.11 ? 6   VAL A N   1 
ATOM   2    C CA  . VAL A 1 6   ? -8.906  -16.080 -0.245  1.00 43.12 ? 6   VAL A CA  1 
ATOM   3    C C   . VAL A 1 6   ? -9.867  -14.965 -0.641  1.00 41.29 ? 6   VAL A C   1 
ATOM   4    O O   . VAL A 1 6   ? -9.983  -14.670 -1.828  1.00 36.65 ? 6   VAL A O   1 
ATOM   5    C CB  . VAL A 1 6   ? -7.793  -15.457 0.617   1.00 44.38 ? 6   VAL A CB  1 
ATOM   6    C CG1 . VAL A 1 6   ? -6.727  -16.489 0.948   1.00 44.22 ? 6   VAL A CG1 1 
ATOM   7    C CG2 . VAL A 1 6   ? -7.149  -14.288 -0.104  1.00 42.67 ? 6   VAL A CG2 1 
ATOM   8    N N   . ALA A 1 7   ? -10.513 -14.364 0.355   1.00 39.60 ? 7   ALA A N   1 
ATOM   9    C CA  . ALA A 1 7   ? -11.458 -13.284 0.086   1.00 39.01 ? 7   ALA A CA  1 
ATOM   10   C C   . ALA A 1 7   ? -11.029 -11.978 0.730   1.00 38.83 ? 7   ALA A C   1 
ATOM   11   O O   . ALA A 1 7   ? -10.202 -11.950 1.648   1.00 41.01 ? 7   ALA A O   1 
ATOM   12   C CB  . ALA A 1 7   ? -12.829 -13.665 0.628   1.00 41.27 ? 7   ALA A CB  1 
ATOM   13   N N   . VAL A 1 8   ? -11.577 -10.875 0.225   1.00 35.36 ? 8   VAL A N   1 
ATOM   14   C CA  . VAL A 1 8   ? -11.268 -9.550  0.749   1.00 29.73 ? 8   VAL A CA  1 
ATOM   15   C C   . VAL A 1 8   ? -12.315 -9.169  1.790   1.00 27.57 ? 8   VAL A C   1 
ATOM   16   O O   . VAL A 1 8   ? -13.507 -9.062  1.466   1.00 33.31 ? 8   VAL A O   1 
ATOM   17   C CB  . VAL A 1 8   ? -11.296 -8.445  -0.318  1.00 25.63 ? 8   VAL A CB  1 
ATOM   18   C CG1 . VAL A 1 8   ? -10.812 -7.134  0.304   1.00 25.28 ? 8   VAL A CG1 1 
ATOM   19   C CG2 . VAL A 1 8   ? -10.389 -8.767  -1.495  1.00 21.81 ? 8   VAL A CG2 1 
ATOM   20   N N   . ALA A 1 9   ? -11.915 -8.977  3.025   1.00 26.16 ? 9   ALA A N   1 
ATOM   21   C CA  . ALA A 1 9   ? -12.892 -8.611  4.056   1.00 27.40 ? 9   ALA A CA  1 
ATOM   22   C C   . ALA A 1 9   ? -13.616 -7.336  3.654   1.00 29.02 ? 9   ALA A C   1 
ATOM   23   O O   . ALA A 1 9   ? -13.012 -6.365  3.180   1.00 33.68 ? 9   ALA A O   1 
ATOM   24   C CB  . ALA A 1 9   ? -12.147 -8.386  5.366   1.00 26.07 ? 9   ALA A CB  1 
ATOM   25   N N   . ASP A 1 10  ? -14.925 -7.253  3.844   1.00 28.42 ? 10  ASP A N   1 
ATOM   26   C CA  . ASP A 1 10  ? -15.647 -6.037  3.482   1.00 24.99 ? 10  ASP A CA  1 
ATOM   27   C C   . ASP A 1 10  ? -15.051 -4.807  4.137   1.00 21.81 ? 10  ASP A C   1 
ATOM   28   O O   . ASP A 1 10  ? -15.140 -3.698  3.601   1.00 24.27 ? 10  ASP A O   1 
ATOM   29   C CB  . ASP A 1 10  ? -17.137 -6.165  3.851   1.00 35.43 ? 10  ASP A CB  1 
ATOM   30   C CG  . ASP A 1 10  ? -18.009 -6.309  2.612   1.00 46.18 ? 10  ASP A CG  1 
ATOM   31   O OD1 . ASP A 1 10  ? -17.961 -7.376  1.964   1.00 54.53 ? 10  ASP A OD1 1 
ATOM   32   O OD2 . ASP A 1 10  ? -18.707 -5.335  2.253   1.00 50.74 ? 10  ASP A OD2 1 
ATOM   33   N N   . GLU A 1 11  ? -14.423 -4.935  5.295   1.00 16.80 ? 11  GLU A N   1 
ATOM   34   C CA  . GLU A 1 11  ? -13.823 -3.819  6.020   1.00 14.37 ? 11  GLU A CA  1 
ATOM   35   C C   . GLU A 1 11  ? -12.632 -3.223  5.289   1.00 14.64 ? 11  GLU A C   1 
ATOM   36   O O   . GLU A 1 11  ? -12.271 -2.057  5.401   1.00 13.08 ? 11  GLU A O   1 
ATOM   37   C CB  . GLU A 1 11  ? -13.332 -4.277  7.394   1.00 23.94 ? 11  GLU A CB  1 
ATOM   38   C CG  . GLU A 1 11  ? -12.246 -5.365  7.380   1.00 31.78 ? 11  GLU A CG  1 
ATOM   39   C CD  . GLU A 1 11  ? -11.885 -5.771  8.798   1.00 36.71 ? 11  GLU A CD  1 
ATOM   40   O OE1 . GLU A 1 11  ? -12.835 -6.167  9.521   1.00 46.27 ? 11  GLU A OE1 1 
ATOM   41   O OE2 . GLU A 1 11  ? -10.704 -5.696  9.197   1.00 32.82 ? 11  GLU A OE2 1 
ATOM   42   N N   . SER A 1 12  ? -11.984 -4.075  4.503   1.00 17.58 ? 12  SER A N   1 
ATOM   43   C CA  . SER A 1 12  ? -10.815 -3.639  3.724   1.00 11.47 ? 12  SER A CA  1 
ATOM   44   C C   . SER A 1 12  ? -11.295 -2.753  2.588   1.00 8.45  ? 12  SER A C   1 
ATOM   45   O O   . SER A 1 12  ? -10.678 -1.747  2.266   1.00 10.64 ? 12  SER A O   1 
ATOM   46   C CB  . SER A 1 12  ? -10.145 -4.915  3.183   1.00 12.17 ? 12  SER A CB  1 
ATOM   47   O OG  . SER A 1 12  ? -9.736  -5.725  4.280   1.00 8.69  ? 12  SER A OG  1 
ATOM   48   N N   . LEU A 1 13  ? -12.437 -3.081  2.004   1.00 11.60 ? 13  LEU A N   1 
ATOM   49   C CA  . LEU A 1 13  ? -13.050 -2.322  0.919   1.00 11.97 ? 13  LEU A CA  1 
ATOM   50   C C   . LEU A 1 13  ? -13.651 -1.029  1.420   1.00 10.75 ? 13  LEU A C   1 
ATOM   51   O O   . LEU A 1 13  ? -13.641 -0.001  0.731   1.00 19.46 ? 13  LEU A O   1 
ATOM   52   C CB  . LEU A 1 13  ? -14.139 -3.163  0.236   1.00 15.84 ? 13  LEU A CB  1 
ATOM   53   C CG  . LEU A 1 13  ? -13.555 -4.450  -0.391  1.00 23.15 ? 13  LEU A CG  1 
ATOM   54   C CD1 . LEU A 1 13  ? -14.652 -5.418  -0.794  1.00 26.94 ? 13  LEU A CD1 1 
ATOM   55   C CD2 . LEU A 1 13  ? -12.762 -4.059  -1.631  1.00 28.90 ? 13  LEU A CD2 1 
ATOM   56   N N   . THR A 1 14  ? -14.160 -1.030  2.646   1.00 9.56  ? 14  THR A N   1 
ATOM   57   C CA  . THR A 1 14  ? -14.733 0.182   3.224   1.00 6.46  ? 14  THR A CA  1 
ATOM   58   C C   . THR A 1 14  ? -13.618 1.146   3.570   1.00 9.67  ? 14  THR A C   1 
ATOM   59   O O   . THR A 1 14  ? -13.741 2.359   3.376   1.00 17.47 ? 14  THR A O   1 
ATOM   60   C CB  . THR A 1 14  ? -15.510 -0.151  4.511   1.00 9.05  ? 14  THR A CB  1 
ATOM   61   O OG1 . THR A 1 14  ? -16.502 -1.145  4.217   1.00 10.06 ? 14  THR A OG1 1 
ATOM   62   C CG2 . THR A 1 14  ? -16.143 1.102   5.093   1.00 8.64  ? 14  THR A CG2 1 
ATOM   63   N N   . ALA A 1 15  ? -12.536 0.633   4.158   1.00 9.23  ? 15  ALA A N   1 
ATOM   64   C CA  . ALA A 1 15  ? -11.389 1.483   4.511   1.00 3.82  ? 15  ALA A CA  1 
ATOM   65   C C   . ALA A 1 15  ? -10.782 2.101   3.263   1.00 5.38  ? 15  ALA A C   1 
ATOM   66   O O   . ALA A 1 15  ? -10.390 3.290   3.231   1.00 9.14  ? 15  ALA A O   1 
ATOM   67   C CB  . ALA A 1 15  ? -10.403 0.644   5.278   1.00 7.30  ? 15  ALA A CB  1 
ATOM   68   N N   . PHE A 1 16  ? -10.755 1.391   2.148   1.00 6.80  ? 16  PHE A N   1 
ATOM   69   C CA  . PHE A 1 16  ? -10.261 1.917   0.880   1.00 7.14  ? 16  PHE A CA  1 
ATOM   70   C C   . PHE A 1 16  ? -11.185 3.013   0.349   1.00 13.37 ? 16  PHE A C   1 
ATOM   71   O O   . PHE A 1 16  ? -10.697 4.112   0.006   1.00 13.71 ? 16  PHE A O   1 
ATOM   72   C CB  . PHE A 1 16  ? -10.172 0.776   -0.164  1.00 7.38  ? 16  PHE A CB  1 
ATOM   73   C CG  . PHE A 1 16  ? -9.648  1.301   -1.486  1.00 8.98  ? 16  PHE A CG  1 
ATOM   74   C CD1 . PHE A 1 16  ? -8.376  1.828   -1.579  1.00 12.08 ? 16  PHE A CD1 1 
ATOM   75   C CD2 . PHE A 1 16  ? -10.472 1.289   -2.607  1.00 14.25 ? 16  PHE A CD2 1 
ATOM   76   C CE1 . PHE A 1 16  ? -7.924  2.345   -2.776  1.00 16.51 ? 16  PHE A CE1 1 
ATOM   77   C CE2 . PHE A 1 16  ? -10.006 1.787   -3.813  1.00 18.45 ? 16  PHE A CE2 1 
ATOM   78   C CZ  . PHE A 1 16  ? -8.721  2.317   -3.900  1.00 18.10 ? 16  PHE A CZ  1 
ATOM   79   N N   . ASN A 1 17  ? -12.515 2.775   0.313   1.00 13.82 ? 17  ASN A N   1 
ATOM   80   C CA  . ASN A 1 17  ? -13.446 3.816   -0.151  1.00 9.64  ? 17  ASN A CA  1 
ATOM   81   C C   . ASN A 1 17  ? -13.359 5.077   0.688   1.00 5.12  ? 17  ASN A C   1 
ATOM   82   O O   . ASN A 1 17  ? -13.441 6.206   0.157   1.00 13.35 ? 17  ASN A O   1 
ATOM   83   C CB  . ASN A 1 17  ? -14.915 3.376   -0.077  1.00 8.95  ? 17  ASN A CB  1 
ATOM   84   C CG  . ASN A 1 17  ? -15.197 2.315   -1.113  1.00 8.76  ? 17  ASN A CG  1 
ATOM   85   O OD1 . ASN A 1 17  ? -14.522 2.347   -2.144  1.00 17.10 ? 17  ASN A OD1 1 
ATOM   86   N ND2 . ASN A 1 17  ? -16.082 1.384   -0.842  1.00 7.86  ? 17  ASN A ND2 1 
ATOM   87   N N   . ASP A 1 18  ? -13.106 4.947   1.977   1.00 4.05  ? 18  ASP A N   1 
ATOM   88   C CA  . ASP A 1 18  ? -12.979 6.147   2.825   1.00 5.92  ? 18  ASP A CA  1 
ATOM   89   C C   . ASP A 1 18  ? -11.659 6.842   2.605   1.00 7.98  ? 18  ASP A C   1 
ATOM   90   O O   . ASP A 1 18  ? -11.538 8.066   2.871   1.00 14.44 ? 18  ASP A O   1 
ATOM   91   C CB  . ASP A 1 18  ? -13.029 5.766   4.311   1.00 12.11 ? 18  ASP A CB  1 
ATOM   92   C CG  . ASP A 1 18  ? -14.380 5.261   4.735   1.00 9.79  ? 18  ASP A CG  1 
ATOM   93   O OD1 . ASP A 1 18  ? -15.362 5.472   3.996   1.00 8.85  ? 18  ASP A OD1 1 
ATOM   94   O OD2 . ASP A 1 18  ? -14.463 4.671   5.833   1.00 20.45 ? 18  ASP A OD2 1 
ATOM   95   N N   . LEU A 1 19  ? -10.648 6.138   2.117   1.00 6.96  ? 19  LEU A N   1 
ATOM   96   C CA  . LEU A 1 19  ? -9.370  6.869   1.881   1.00 6.29  ? 19  LEU A CA  1 
ATOM   97   C C   . LEU A 1 19  ? -9.549  7.606   0.563   1.00 4.03  ? 19  LEU A C   1 
ATOM   98   O O   . LEU A 1 19  ? -9.233  8.776   0.342   1.00 2.00  ? 19  LEU A O   1 
ATOM   99   C CB  . LEU A 1 19  ? -8.219  5.901   1.797   1.00 7.92  ? 19  LEU A CB  1 
ATOM   100  C CG  . LEU A 1 19  ? -6.819  6.312   1.342   1.00 4.03  ? 19  LEU A CG  1 
ATOM   101  C CD1 . LEU A 1 19  ? -5.794  5.307   1.879   1.00 8.62  ? 19  LEU A CD1 1 
ATOM   102  C CD2 . LEU A 1 19  ? -6.654  6.246   -0.177  1.00 3.65  ? 19  LEU A CD2 1 
ATOM   103  N N   . LYS A 1 20  ? -10.070 6.808   -0.372  1.00 2.00  ? 20  LYS A N   1 
ATOM   104  C CA  . LYS A 1 20  ? -10.297 7.318   -1.714  1.00 4.71  ? 20  LYS A CA  1 
ATOM   105  C C   . LYS A 1 20  ? -11.241 8.483   -1.803  1.00 6.21  ? 20  LYS A C   1 
ATOM   106  O O   . LYS A 1 20  ? -10.860 9.536   -2.338  1.00 7.48  ? 20  LYS A O   1 
ATOM   107  C CB  . LYS A 1 20  ? -10.813 6.159   -2.563  1.00 2.01  ? 20  LYS A CB  1 
ATOM   108  C CG  . LYS A 1 20  ? -11.104 6.501   -4.034  1.00 5.69  ? 20  LYS A CG  1 
ATOM   109  C CD  . LYS A 1 20  ? -11.769 5.239   -4.539  1.00 9.84  ? 20  LYS A CD  1 
ATOM   110  C CE  . LYS A 1 20  ? -12.457 5.243   -5.864  1.00 17.64 ? 20  LYS A CE  1 
ATOM   111  N NZ  . LYS A 1 20  ? -13.164 3.896   -5.999  1.00 21.58 ? 20  LYS A NZ  1 
ATOM   112  N N   . LEU A 1 21  ? -12.487 8.316   -1.321  1.00 9.16  ? 21  LEU A N   1 
ATOM   113  C CA  . LEU A 1 21  ? -13.468 9.387   -1.424  1.00 6.63  ? 21  LEU A CA  1 
ATOM   114  C C   . LEU A 1 21  ? -13.424 10.419  -0.340  1.00 10.57 ? 21  LEU A C   1 
ATOM   115  O O   . LEU A 1 21  ? -13.793 11.601  -0.603  1.00 13.11 ? 21  LEU A O   1 
ATOM   116  C CB  . LEU A 1 21  ? -14.884 8.743   -1.468  1.00 2.00  ? 21  LEU A CB  1 
ATOM   117  C CG  . LEU A 1 21  ? -15.001 7.760   -2.629  1.00 2.49  ? 21  LEU A CG  1 
ATOM   118  C CD1 . LEU A 1 21  ? -16.244 6.908   -2.451  1.00 9.26  ? 21  LEU A CD1 1 
ATOM   119  C CD2 . LEU A 1 21  ? -15.108 8.569   -3.932  1.00 2.66  ? 21  LEU A CD2 1 
ATOM   120  N N   . GLY A 1 22  ? -13.032 10.066  0.894   1.00 10.75 ? 22  GLY A N   1 
ATOM   121  C CA  . GLY A 1 22  ? -12.979 11.136  1.898   1.00 10.89 ? 22  GLY A CA  1 
ATOM   122  C C   . GLY A 1 22  ? -11.576 11.447  2.400   1.00 11.81 ? 22  GLY A C   1 
ATOM   123  O O   . GLY A 1 22  ? -11.409 12.362  3.233   1.00 12.77 ? 22  GLY A O   1 
ATOM   124  N N   . LYS A 1 23  ? -10.516 10.779  1.951   1.00 11.10 ? 23  LYS A N   1 
ATOM   125  C CA  . LYS A 1 23  ? -9.188  11.060  2.494   1.00 11.83 ? 23  LYS A CA  1 
ATOM   126  C C   . LYS A 1 23  ? -9.263  10.832  4.017   1.00 9.44  ? 23  LYS A C   1 
ATOM   127  O O   . LYS A 1 23  ? -8.658  11.573  4.769   1.00 12.19 ? 23  LYS A O   1 
ATOM   128  C CB  . LYS A 1 23  ? -8.753  12.523  2.322   1.00 11.32 ? 23  LYS A CB  1 
ATOM   129  C CG  . LYS A 1 23  ? -8.885  13.062  0.914   1.00 12.90 ? 23  LYS A CG  1 
ATOM   130  C CD  . LYS A 1 23  ? -7.893  12.476  -0.051  1.00 13.92 ? 23  LYS A CD  1 
ATOM   131  C CE  . LYS A 1 23  ? -6.776  13.484  -0.415  1.00 16.78 ? 23  LYS A CE  1 
ATOM   132  N NZ  . LYS A 1 23  ? -6.264  13.085  -1.816  1.00 17.44 ? 23  LYS A NZ  1 
ATOM   133  N N   . LYS A 1 24  ? -9.987  9.813   4.457   1.00 6.19  ? 24  LYS A N   1 
ATOM   134  C CA  . LYS A 1 24  ? -10.133 9.535   5.866   1.00 5.55  ? 24  LYS A CA  1 
ATOM   135  C C   . LYS A 1 24  ? -8.850  9.024   6.503   1.00 6.81  ? 24  LYS A C   1 
ATOM   136  O O   . LYS A 1 24  ? -8.596  9.189   7.692   1.00 7.61  ? 24  LYS A O   1 
ATOM   137  C CB  . LYS A 1 24  ? -11.216 8.449   6.068   1.00 5.51  ? 24  LYS A CB  1 
ATOM   138  C CG  . LYS A 1 24  ? -11.439 8.211   7.562   1.00 8.05  ? 24  LYS A CG  1 
ATOM   139  C CD  . LYS A 1 24  ? -12.380 7.023   7.856   1.00 14.12 ? 24  LYS A CD  1 
ATOM   140  C CE  . LYS A 1 24  ? -12.475 6.775   9.365   1.00 14.99 ? 24  LYS A CE  1 
ATOM   141  N NZ  . LYS A 1 24  ? -13.507 5.764   9.709   1.00 24.58 ? 24  LYS A NZ  1 
ATOM   142  N N   . TYR A 1 25  ? -7.999  8.417   5.680   1.00 11.62 ? 25  TYR A N   1 
ATOM   143  C CA  . TYR A 1 25  ? -6.717  7.888   6.100   1.00 8.53  ? 25  TYR A CA  1 
ATOM   144  C C   . TYR A 1 25  ? -5.609  8.288   5.117   1.00 10.39 ? 25  TYR A C   1 
ATOM   145  O O   . TYR A 1 25  ? -5.859  8.517   3.937   1.00 15.02 ? 25  TYR A O   1 
ATOM   146  C CB  . TYR A 1 25  ? -6.720  6.349   6.006   1.00 7.58  ? 25  TYR A CB  1 
ATOM   147  C CG  . TYR A 1 25  ? -7.837  5.710   6.814   1.00 6.89  ? 25  TYR A CG  1 
ATOM   148  C CD1 . TYR A 1 25  ? -7.917  5.961   8.185   1.00 13.67 ? 25  TYR A CD1 1 
ATOM   149  C CD2 . TYR A 1 25  ? -8.708  4.818   6.256   1.00 9.04  ? 25  TYR A CD2 1 
ATOM   150  C CE1 . TYR A 1 25  ? -8.877  5.338   8.961   1.00 11.79 ? 25  TYR A CE1 1 
ATOM   151  C CE2 . TYR A 1 25  ? -9.677  4.197   7.013   1.00 9.27  ? 25  TYR A CE2 1 
ATOM   152  C CZ  . TYR A 1 25  ? -9.738  4.449   8.360   1.00 11.67 ? 25  TYR A CZ  1 
ATOM   153  O OH  . TYR A 1 25  ? -10.720 3.829   9.102   1.00 19.81 ? 25  TYR A OH  1 
ATOM   154  N N   . LYS A 1 26  ? -4.388  8.337   5.599   1.00 9.30  ? 26  LYS A N   1 
ATOM   155  C CA  . LYS A 1 26  ? -3.218  8.615   4.802   1.00 4.79  ? 26  LYS A CA  1 
ATOM   156  C C   . LYS A 1 26  ? -2.747  7.284   4.216   1.00 6.67  ? 26  LYS A C   1 
ATOM   157  O O   . LYS A 1 26  ? -2.362  7.207   3.063   1.00 7.08  ? 26  LYS A O   1 
ATOM   158  C CB  . LYS A 1 26  ? -2.081  9.231   5.571   1.00 9.98  ? 26  LYS A CB  1 
ATOM   159  C CG  . LYS A 1 26  ? -0.904  9.651   4.695   1.00 13.79 ? 26  LYS A CG  1 
ATOM   160  C CD  . LYS A 1 26  ? -1.355  10.602  3.591   1.00 15.58 ? 26  LYS A CD  1 
ATOM   161  C CE  . LYS A 1 26  ? -0.134  11.160  2.877   1.00 18.66 ? 26  LYS A CE  1 
ATOM   162  N NZ  . LYS A 1 26  ? -0.519  12.061  1.760   1.00 21.79 ? 26  LYS A NZ  1 
ATOM   163  N N   . PHE A 1 27  ? -2.798  6.216   5.022   1.00 6.58  ? 27  PHE A N   1 
ATOM   164  C CA  . PHE A 1 27  ? -2.377  4.908   4.509   1.00 4.69  ? 27  PHE A CA  1 
ATOM   165  C C   . PHE A 1 27  ? -3.091  3.800   5.286   1.00 2.00  ? 27  PHE A C   1 
ATOM   166  O O   . PHE A 1 27  ? -3.549  3.999   6.405   1.00 2.00  ? 27  PHE A O   1 
ATOM   167  C CB  . PHE A 1 27  ? -0.887  4.669   4.533   1.00 6.87  ? 27  PHE A CB  1 
ATOM   168  C CG  . PHE A 1 27  ? -0.185  4.588   5.863   1.00 7.40  ? 27  PHE A CG  1 
ATOM   169  C CD1 . PHE A 1 27  ? -0.109  3.390   6.568   1.00 5.57  ? 27  PHE A CD1 1 
ATOM   170  C CD2 . PHE A 1 27  ? 0.438   5.686   6.387   1.00 2.29  ? 27  PHE A CD2 1 
ATOM   171  C CE1 . PHE A 1 27  ? 0.521   3.365   7.801   1.00 9.76  ? 27  PHE A CE1 1 
ATOM   172  C CE2 . PHE A 1 27  ? 1.120   5.662   7.582   1.00 2.00  ? 27  PHE A CE2 1 
ATOM   173  C CZ  . PHE A 1 27  ? 1.127   4.480   8.305   1.00 4.22  ? 27  PHE A CZ  1 
ATOM   174  N N   . ILE A 1 28  ? -3.177  2.636   4.679   1.00 3.37  ? 28  ILE A N   1 
ATOM   175  C CA  . ILE A 1 28  ? -3.782  1.473   5.301   1.00 5.35  ? 28  ILE A CA  1 
ATOM   176  C C   . ILE A 1 28  ? -2.877  0.263   5.081   1.00 8.33  ? 28  ILE A C   1 
ATOM   177  O O   . ILE A 1 28  ? -2.342  0.119   3.988   1.00 7.92  ? 28  ILE A O   1 
ATOM   178  C CB  . ILE A 1 28  ? -5.121  1.074   4.639   1.00 6.32  ? 28  ILE A CB  1 
ATOM   179  C CG1 . ILE A 1 28  ? -6.027  2.307   4.528   1.00 6.08  ? 28  ILE A CG1 1 
ATOM   180  C CG2 . ILE A 1 28  ? -5.868  0.036   5.474   1.00 6.09  ? 28  ILE A CG2 1 
ATOM   181  C CD1 . ILE A 1 28  ? -7.123  2.060   3.499   1.00 15.45 ? 28  ILE A CD1 1 
ATOM   182  N N   . LEU A 1 29  ? -2.751  -0.611  6.089   1.00 11.48 ? 29  LEU A N   1 
ATOM   183  C CA  . LEU A 1 29  ? -1.931  -1.817  5.903   1.00 8.48  ? 29  LEU A CA  1 
ATOM   184  C C   . LEU A 1 29  ? -2.853  -3.021  5.920   1.00 10.01 ? 29  LEU A C   1 
ATOM   185  O O   . LEU A 1 29  ? -3.724  -3.108  6.790   1.00 13.07 ? 29  LEU A O   1 
ATOM   186  C CB  . LEU A 1 29  ? -0.868  -1.938  6.978   1.00 6.86  ? 29  LEU A CB  1 
ATOM   187  C CG  . LEU A 1 29  ? 0.093   -0.750  7.139   1.00 8.93  ? 29  LEU A CG  1 
ATOM   188  C CD1 . LEU A 1 29  ? 1.102   -0.985  8.249   1.00 3.54  ? 29  LEU A CD1 1 
ATOM   189  C CD2 . LEU A 1 29  ? 0.840   -0.463  5.840   1.00 9.20  ? 29  LEU A CD2 1 
ATOM   190  N N   . PHE A 1 30  ? -2.794  -3.886  4.906   1.00 14.08 ? 30  PHE A N   1 
ATOM   191  C CA  . PHE A 1 30  ? -3.653  -5.058  4.881   1.00 13.96 ? 30  PHE A CA  1 
ATOM   192  C C   . PHE A 1 30  ? -2.778  -6.302  5.070   1.00 15.64 ? 30  PHE A C   1 
ATOM   193  O O   . PHE A 1 30  ? -1.558  -6.297  4.835   1.00 17.77 ? 30  PHE A O   1 
ATOM   194  C CB  . PHE A 1 30  ? -4.392  -5.235  3.548   1.00 10.61 ? 30  PHE A CB  1 
ATOM   195  C CG  . PHE A 1 30  ? -5.064  -3.980  3.063   1.00 11.55 ? 30  PHE A CG  1 
ATOM   196  C CD1 . PHE A 1 30  ? -4.344  -3.034  2.357   1.00 14.00 ? 30  PHE A CD1 1 
ATOM   197  C CD2 . PHE A 1 30  ? -6.405  -3.764  3.295   1.00 9.39  ? 30  PHE A CD2 1 
ATOM   198  C CE1 . PHE A 1 30  ? -4.939  -1.867  1.906   1.00 17.65 ? 30  PHE A CE1 1 
ATOM   199  C CE2 . PHE A 1 30  ? -7.010  -2.600  2.872   1.00 14.29 ? 30  PHE A CE2 1 
ATOM   200  C CZ  . PHE A 1 30  ? -6.293  -1.659  2.153   1.00 18.01 ? 30  PHE A CZ  1 
ATOM   201  N N   . GLY A 1 31  ? -3.391  -7.396  5.469   1.00 15.80 ? 31  GLY A N   1 
ATOM   202  C CA  . GLY A 1 31  ? -2.600  -8.629  5.650   1.00 17.24 ? 31  GLY A CA  1 
ATOM   203  C C   . GLY A 1 31  ? -3.630  -9.753  5.708   1.00 19.32 ? 31  GLY A C   1 
ATOM   204  O O   . GLY A 1 31  ? -4.817  -9.438  5.558   1.00 21.21 ? 31  GLY A O   1 
ATOM   205  N N   . LEU A 1 32  ? -3.162  -10.972 5.895   1.00 22.41 ? 32  LEU A N   1 
ATOM   206  C CA  . LEU A 1 32  ? -4.062  -12.103 5.973   1.00 24.64 ? 32  LEU A CA  1 
ATOM   207  C C   . LEU A 1 32  ? -4.436  -12.358 7.434   1.00 27.36 ? 32  LEU A C   1 
ATOM   208  O O   . LEU A 1 32  ? -3.617  -12.036 8.301   1.00 26.85 ? 32  LEU A O   1 
ATOM   209  C CB  . LEU A 1 32  ? -3.430  -13.362 5.418   1.00 25.57 ? 32  LEU A CB  1 
ATOM   210  C CG  . LEU A 1 32  ? -3.237  -13.417 3.901   1.00 21.83 ? 32  LEU A CG  1 
ATOM   211  C CD1 . LEU A 1 32  ? -2.180  -14.447 3.583   1.00 21.05 ? 32  LEU A CD1 1 
ATOM   212  C CD2 . LEU A 1 32  ? -4.545  -13.795 3.240   1.00 26.24 ? 32  LEU A CD2 1 
ATOM   213  N N   . ASN A 1 33  ? -5.643  -12.878 7.656   1.00 29.06 ? 33  ASN A N   1 
ATOM   214  C CA  . ASN A 1 33  ? -6.056  -13.163 9.037   1.00 34.32 ? 33  ASN A CA  1 
ATOM   215  C C   . ASN A 1 33  ? -5.239  -14.357 9.530   1.00 39.34 ? 33  ASN A C   1 
ATOM   216  O O   . ASN A 1 33  ? -4.638  -15.075 8.718   1.00 38.17 ? 33  ASN A O   1 
ATOM   217  C CB  . ASN A 1 33  ? -7.544  -13.437 9.144   1.00 29.35 ? 33  ASN A CB  1 
ATOM   218  C CG  . ASN A 1 33  ? -8.054  -14.441 8.133   1.00 30.76 ? 33  ASN A CG  1 
ATOM   219  O OD1 . ASN A 1 33  ? -7.328  -14.856 7.230   1.00 32.80 ? 33  ASN A OD1 1 
ATOM   220  N ND2 . ASN A 1 33  ? -9.310  -14.851 8.259   1.00 29.89 ? 33  ASN A ND2 1 
ATOM   221  N N   . ASP A 1 34  ? -5.178  -14.565 10.842  1.00 46.88 ? 34  ASP A N   1 
ATOM   222  C CA  . ASP A 1 34  ? -4.388  -15.693 11.366  1.00 52.05 ? 34  ASP A CA  1 
ATOM   223  C C   . ASP A 1 34  ? -4.802  -16.977 10.659  1.00 50.09 ? 34  ASP A C   1 
ATOM   224  O O   . ASP A 1 34  ? -3.985  -17.842 10.352  1.00 49.54 ? 34  ASP A O   1 
ATOM   225  C CB  . ASP A 1 34  ? -4.584  -15.838 12.868  1.00 61.02 ? 34  ASP A CB  1 
ATOM   226  C CG  . ASP A 1 34  ? -3.466  -16.581 13.565  1.00 69.69 ? 34  ASP A CG  1 
ATOM   227  O OD1 . ASP A 1 34  ? -2.406  -15.965 13.833  1.00 73.05 ? 34  ASP A OD1 1 
ATOM   228  O OD2 . ASP A 1 34  ? -3.629  -17.787 13.864  1.00 74.25 ? 34  ASP A OD2 1 
ATOM   229  N N   . ALA A 1 35  ? -6.089  -17.090 10.368  1.00 48.71 ? 35  ALA A N   1 
ATOM   230  C CA  . ALA A 1 35  ? -6.649  -18.248 9.682   1.00 47.43 ? 35  ALA A CA  1 
ATOM   231  C C   . ALA A 1 35  ? -6.152  -18.322 8.239   1.00 46.58 ? 35  ALA A C   1 
ATOM   232  O O   . ALA A 1 35  ? -6.263  -19.345 7.570   1.00 44.55 ? 35  ALA A O   1 
ATOM   233  C CB  . ALA A 1 35  ? -8.173  -18.095 9.650   1.00 44.78 ? 35  ALA A CB  1 
ATOM   234  N N   . LYS A 1 36  ? -5.633  -17.205 7.750   1.00 46.90 ? 36  LYS A N   1 
ATOM   235  C CA  . LYS A 1 36  ? -5.107  -17.054 6.405   1.00 45.51 ? 36  LYS A CA  1 
ATOM   236  C C   . LYS A 1 36  ? -6.139  -17.323 5.326   1.00 44.57 ? 36  LYS A C   1 
ATOM   237  O O   . LYS A 1 36  ? -5.835  -17.866 4.268   1.00 44.40 ? 36  LYS A O   1 
ATOM   238  C CB  . LYS A 1 36  ? -3.908  -17.995 6.240   1.00 47.18 ? 36  LYS A CB  1 
ATOM   239  C CG  . LYS A 1 36  ? -2.750  -17.467 5.407   1.00 46.38 ? 36  LYS A CG  1 
ATOM   240  C CD  . LYS A 1 36  ? -1.482  -18.236 5.725   1.00 45.84 ? 36  LYS A CD  1 
ATOM   241  C CE  . LYS A 1 36  ? -0.858  -17.796 7.041   1.00 45.70 ? 36  LYS A CE  1 
ATOM   242  N NZ  . LYS A 1 36  ? -0.012  -16.570 6.881   1.00 47.36 ? 36  LYS A NZ  1 
ATOM   243  N N   . THR A 1 37  ? -7.389  -16.906 5.558   1.00 44.41 ? 37  THR A N   1 
ATOM   244  C CA  . THR A 1 37  ? -8.486  -17.091 4.634   1.00 39.53 ? 37  THR A CA  1 
ATOM   245  C C   . THR A 1 37  ? -9.075  -15.806 4.069   1.00 34.36 ? 37  THR A C   1 
ATOM   246  O O   . THR A 1 37  ? -9.809  -15.838 3.072   1.00 32.82 ? 37  THR A O   1 
ATOM   247  C CB  . THR A 1 37  ? -9.674  -17.810 5.331   1.00 41.14 ? 37  THR A CB  1 
ATOM   248  O OG1 . THR A 1 37  ? -9.928  -17.150 6.579   1.00 42.42 ? 37  THR A OG1 1 
ATOM   249  C CG2 . THR A 1 37  ? -9.301  -19.258 5.583   1.00 45.73 ? 37  THR A CG2 1 
ATOM   250  N N   . GLU A 1 38  ? -8.803  -14.674 4.700   1.00 29.33 ? 38  GLU A N   1 
ATOM   251  C CA  . GLU A 1 38  ? -9.325  -13.403 4.229   1.00 26.69 ? 38  GLU A CA  1 
ATOM   252  C C   . GLU A 1 38  ? -8.279  -12.304 4.392   1.00 21.06 ? 38  GLU A C   1 
ATOM   253  O O   . GLU A 1 38  ? -7.394  -12.444 5.219   1.00 22.36 ? 38  GLU A O   1 
ATOM   254  C CB  . GLU A 1 38  ? -10.505 -12.909 5.055   1.00 32.39 ? 38  GLU A CB  1 
ATOM   255  C CG  . GLU A 1 38  ? -11.867 -13.525 4.831   1.00 43.58 ? 38  GLU A CG  1 
ATOM   256  C CD  . GLU A 1 38  ? -12.948 -12.737 5.560   1.00 51.61 ? 38  GLU A CD  1 
ATOM   257  O OE1 . GLU A 1 38  ? -12.638 -12.191 6.641   1.00 53.34 ? 38  GLU A OE1 1 
ATOM   258  O OE2 . GLU A 1 38  ? -14.075 -12.652 5.033   1.00 56.19 ? 38  GLU A OE2 1 
ATOM   259  N N   . ILE A 1 39  ? -8.444  -11.237 3.629   1.00 18.70 ? 39  ILE A N   1 
ATOM   260  C CA  . ILE A 1 39  ? -7.526  -10.094 3.726   1.00 15.08 ? 39  ILE A CA  1 
ATOM   261  C C   . ILE A 1 39  ? -8.183  -8.960  4.491   1.00 12.60 ? 39  ILE A C   1 
ATOM   262  O O   . ILE A 1 39  ? -9.127  -8.310  4.019   1.00 12.98 ? 39  ILE A O   1 
ATOM   263  C CB  . ILE A 1 39  ? -7.102  -9.638  2.321   1.00 14.72 ? 39  ILE A CB  1 
ATOM   264  C CG1 . ILE A 1 39  ? -6.183  -10.718 1.709   1.00 8.43  ? 39  ILE A CG1 1 
ATOM   265  C CG2 . ILE A 1 39  ? -6.384  -8.307  2.391   1.00 7.73  ? 39  ILE A CG2 1 
ATOM   266  C CD1 . ILE A 1 39  ? -6.110  -10.665 0.204   1.00 12.35 ? 39  ILE A CD1 1 
ATOM   267  N N   . VAL A 1 40  ? -7.654  -8.681  5.682   1.00 9.47  ? 40  VAL A N   1 
ATOM   268  C CA  . VAL A 1 40  ? -8.187  -7.668  6.576   1.00 9.85  ? 40  VAL A CA  1 
ATOM   269  C C   . VAL A 1 40  ? -7.348  -6.441  6.791   1.00 12.51 ? 40  VAL A C   1 
ATOM   270  O O   . VAL A 1 40  ? -6.272  -6.320  6.176   1.00 18.74 ? 40  VAL A O   1 
ATOM   271  C CB  . VAL A 1 40  ? -8.484  -8.396  7.916   1.00 13.11 ? 40  VAL A CB  1 
ATOM   272  C CG1 . VAL A 1 40  ? -9.318  -9.655  7.629   1.00 5.39  ? 40  VAL A CG1 1 
ATOM   273  C CG2 . VAL A 1 40  ? -7.213  -8.839  8.617   1.00 11.41 ? 40  VAL A CG2 1 
ATOM   274  N N   . VAL A 1 41  ? -7.857  -5.428  7.546   1.00 10.93 ? 41  VAL A N   1 
ATOM   275  C CA  . VAL A 1 41  ? -6.983  -4.269  7.726   1.00 9.78  ? 41  VAL A CA  1 
ATOM   276  C C   . VAL A 1 41  ? -6.191  -4.528  9.005   1.00 8.88  ? 41  VAL A C   1 
ATOM   277  O O   . VAL A 1 41  ? -6.702  -5.200  9.913   1.00 15.81 ? 41  VAL A O   1 
ATOM   278  C CB  . VAL A 1 41  ? -7.510  -2.851  7.624   1.00 7.40  ? 41  VAL A CB  1 
ATOM   279  C CG1 . VAL A 1 41  ? -8.933  -2.718  7.119   1.00 5.65  ? 41  VAL A CG1 1 
ATOM   280  C CG2 . VAL A 1 41  ? -7.342  -1.999  8.847   1.00 2.40  ? 41  VAL A CG2 1 
ATOM   281  N N   . LYS A 1 42  ? -4.957  -4.045  9.074   1.00 8.37  ? 42  LYS A N   1 
ATOM   282  C CA  . LYS A 1 42  ? -4.157  -4.295  10.264  1.00 5.30  ? 42  LYS A CA  1 
ATOM   283  C C   . LYS A 1 42  ? -3.824  -2.991  10.965  1.00 5.89  ? 42  LYS A C   1 
ATOM   284  O O   . LYS A 1 42  ? -3.629  -2.924  12.162  1.00 8.38  ? 42  LYS A O   1 
ATOM   285  C CB  . LYS A 1 42  ? -2.810  -4.896  9.800   1.00 14.33 ? 42  LYS A CB  1 
ATOM   286  C CG  . LYS A 1 42  ? -2.853  -6.239  9.100   1.00 16.00 ? 42  LYS A CG  1 
ATOM   287  C CD  . LYS A 1 42  ? -3.599  -7.248  9.951   1.00 32.46 ? 42  LYS A CD  1 
ATOM   288  C CE  . LYS A 1 42  ? -3.095  -8.670  9.736   1.00 40.52 ? 42  LYS A CE  1 
ATOM   289  N NZ  . LYS A 1 42  ? -3.702  -9.580  10.768  1.00 46.35 ? 42  LYS A NZ  1 
ATOM   290  N N   . GLU A 1 43  ? -3.731  -1.932  10.166  1.00 6.05  ? 43  GLU A N   1 
ATOM   291  C CA  . GLU A 1 43  ? -3.367  -0.641  10.751  1.00 7.96  ? 43  GLU A CA  1 
ATOM   292  C C   . GLU A 1 43  ? -3.779  0.465   9.792   1.00 6.82  ? 43  GLU A C   1 
ATOM   293  O O   . GLU A 1 43  ? -3.720  0.271   8.584   1.00 13.64 ? 43  GLU A O   1 
ATOM   294  C CB  . GLU A 1 43  ? -1.825  -0.602  10.874  1.00 7.81  ? 43  GLU A CB  1 
ATOM   295  C CG  . GLU A 1 43  ? -1.245  0.681   11.453  1.00 13.66 ? 43  GLU A CG  1 
ATOM   296  C CD  . GLU A 1 43  ? -1.524  0.857   12.936  1.00 22.42 ? 43  GLU A CD  1 
ATOM   297  O OE1 . GLU A 1 43  ? -2.221  0.035   13.564  1.00 23.00 ? 43  GLU A OE1 1 
ATOM   298  O OE2 . GLU A 1 43  ? -1.060  1.874   13.514  1.00 29.37 ? 43  GLU A OE2 1 
ATOM   299  N N   . THR A 1 44  ? -4.281  1.564   10.337  1.00 5.86  ? 44  THR A N   1 
ATOM   300  C CA  . THR A 1 44  ? -4.688  2.692   9.501   1.00 4.68  ? 44  THR A CA  1 
ATOM   301  C C   . THR A 1 44  ? -3.952  3.864   10.140  1.00 5.17  ? 44  THR A C   1 
ATOM   302  O O   . THR A 1 44  ? -3.546  3.697   11.301  1.00 6.93  ? 44  THR A O   1 
ATOM   303  C CB  . THR A 1 44  ? -6.192  2.957   9.458   1.00 5.60  ? 44  THR A CB  1 
ATOM   304  O OG1 . THR A 1 44  ? -6.753  3.249   10.755  1.00 12.01 ? 44  THR A OG1 1 
ATOM   305  C CG2 . THR A 1 44  ? -7.008  1.784   8.932   1.00 2.23  ? 44  THR A CG2 1 
ATOM   306  N N   . SER A 1 45  ? -3.741  4.955   9.452   1.00 7.87  ? 45  SER A N   1 
ATOM   307  C CA  . SER A 1 45  ? -3.013  6.054   10.083  1.00 12.56 ? 45  SER A CA  1 
ATOM   308  C C   . SER A 1 45  ? -3.300  7.354   9.361   1.00 13.08 ? 45  SER A C   1 
ATOM   309  O O   . SER A 1 45  ? -3.564  7.279   8.158   1.00 14.80 ? 45  SER A O   1 
ATOM   310  C CB  . SER A 1 45  ? -1.493  5.763   9.862   1.00 15.04 ? 45  SER A CB  1 
ATOM   311  O OG  . SER A 1 45  ? -0.728  6.887   10.234  1.00 13.97 ? 45  SER A OG  1 
ATOM   312  N N   . THR A 1 46  ? -3.236  8.470   10.073  1.00 12.49 ? 46  THR A N   1 
ATOM   313  C CA  . THR A 1 46  ? -3.492  9.756   9.420   1.00 13.68 ? 46  THR A CA  1 
ATOM   314  C C   . THR A 1 46  ? -2.221  10.599  9.403   1.00 13.95 ? 46  THR A C   1 
ATOM   315  O O   . THR A 1 46  ? -2.271  11.795  9.098   1.00 18.15 ? 46  THR A O   1 
ATOM   316  C CB  . THR A 1 46  ? -4.583  10.583  10.108  1.00 12.61 ? 46  THR A CB  1 
ATOM   317  O OG1 . THR A 1 46  ? -4.221  10.766  11.477  1.00 21.75 ? 46  THR A OG1 1 
ATOM   318  C CG2 . THR A 1 46  ? -5.948  9.934   10.039  1.00 11.36 ? 46  THR A CG2 1 
ATOM   319  N N   . ASP A 1 47  ? -1.092  10.000  9.743   1.00 13.15 ? 47  ASP A N   1 
ATOM   320  C CA  . ASP A 1 47  ? 0.214   10.644  9.777   1.00 12.09 ? 47  ASP A CA  1 
ATOM   321  C C   . ASP A 1 47  ? 0.736   10.959  8.389   1.00 10.65 ? 47  ASP A C   1 
ATOM   322  O O   . ASP A 1 47  ? 0.901   10.082  7.553   1.00 12.74 ? 47  ASP A O   1 
ATOM   323  C CB  . ASP A 1 47  ? 1.197   9.649   10.434  1.00 17.18 ? 47  ASP A CB  1 
ATOM   324  C CG  . ASP A 1 47  ? 2.445   10.306  10.993  1.00 11.94 ? 47  ASP A CG  1 
ATOM   325  O OD1 . ASP A 1 47  ? 2.871   11.358  10.493  1.00 10.06 ? 47  ASP A OD1 1 
ATOM   326  O OD2 . ASP A 1 47  ? 3.013   9.755   11.949  1.00 15.77 ? 47  ASP A OD2 1 
ATOM   327  N N   . PRO A 1 48  ? 0.974   12.218  8.081   1.00 15.31 ? 48  PRO A N   1 
ATOM   328  C CA  . PRO A 1 48  ? 1.455   12.662  6.788   1.00 18.30 ? 48  PRO A CA  1 
ATOM   329  C C   . PRO A 1 48  ? 2.939   12.398  6.531   1.00 21.09 ? 48  PRO A C   1 
ATOM   330  O O   . PRO A 1 48  ? 3.381   12.465  5.386   1.00 23.83 ? 48  PRO A O   1 
ATOM   331  C CB  . PRO A 1 48  ? 1.106   14.152  6.776   1.00 18.33 ? 48  PRO A CB  1 
ATOM   332  C CG  . PRO A 1 48  ? 1.104   14.540  8.214   1.00 17.15 ? 48  PRO A CG  1 
ATOM   333  C CD  . PRO A 1 48  ? 0.751   13.347  9.008   1.00 17.28 ? 48  PRO A CD  1 
ATOM   334  N N   . SER A 1 49  ? 3.719   12.068  7.547   1.00 25.32 ? 49  SER A N   1 
ATOM   335  C CA  . SER A 1 49  ? 5.136   11.776  7.442   1.00 23.19 ? 49  SER A CA  1 
ATOM   336  C C   . SER A 1 49  ? 5.380   10.441  6.760   1.00 21.29 ? 49  SER A C   1 
ATOM   337  O O   . SER A 1 49  ? 4.955   9.392   7.252   1.00 21.80 ? 49  SER A O   1 
ATOM   338  C CB  . SER A 1 49  ? 5.765   11.607  8.842   1.00 25.67 ? 49  SER A CB  1 
ATOM   339  O OG  . SER A 1 49  ? 7.148   11.913  8.765   1.00 34.86 ? 49  SER A OG  1 
ATOM   340  N N   . TYR A 1 50  ? 6.061   10.476  5.614   1.00 22.49 ? 50  TYR A N   1 
ATOM   341  C CA  . TYR A 1 50  ? 6.319   9.207   4.910   1.00 18.07 ? 50  TYR A CA  1 
ATOM   342  C C   . TYR A 1 50  ? 7.178   8.281   5.763   1.00 20.46 ? 50  TYR A C   1 
ATOM   343  O O   . TYR A 1 50  ? 7.024   7.066   5.727   1.00 18.87 ? 50  TYR A O   1 
ATOM   344  C CB  . TYR A 1 50  ? 6.958   9.450   3.559   1.00 9.01  ? 50  TYR A CB  1 
ATOM   345  C CG  . TYR A 1 50  ? 6.970   8.253   2.652   1.00 11.24 ? 50  TYR A CG  1 
ATOM   346  C CD1 . TYR A 1 50  ? 5.807   7.822   2.030   1.00 7.58  ? 50  TYR A CD1 1 
ATOM   347  C CD2 . TYR A 1 50  ? 8.163   7.563   2.377   1.00 12.20 ? 50  TYR A CD2 1 
ATOM   348  C CE1 . TYR A 1 50  ? 5.825   6.713   1.202   1.00 7.53  ? 50  TYR A CE1 1 
ATOM   349  C CE2 . TYR A 1 50  ? 8.179   6.480   1.516   1.00 8.44  ? 50  TYR A CE2 1 
ATOM   350  C CZ  . TYR A 1 50  ? 6.993   6.065   0.938   1.00 7.31  ? 50  TYR A CZ  1 
ATOM   351  O OH  . TYR A 1 50  ? 6.978   4.986   0.083   1.00 13.32 ? 50  TYR A OH  1 
ATOM   352  N N   . ASP A 1 51  ? 8.048   8.873   6.583   1.00 25.88 ? 51  ASP A N   1 
ATOM   353  C CA  . ASP A 1 51  ? 8.916   8.076   7.456   1.00 27.71 ? 51  ASP A CA  1 
ATOM   354  C C   . ASP A 1 51  ? 8.076   7.180   8.361   1.00 25.12 ? 51  ASP A C   1 
ATOM   355  O O   . ASP A 1 51  ? 8.366   5.988   8.490   1.00 27.28 ? 51  ASP A O   1 
ATOM   356  C CB  . ASP A 1 51  ? 9.798   8.970   8.322   1.00 33.74 ? 51  ASP A CB  1 
ATOM   357  C CG  . ASP A 1 51  ? 10.877  9.705   7.553   1.00 43.11 ? 51  ASP A CG  1 
ATOM   358  O OD1 . ASP A 1 51  ? 10.814  9.730   6.304   1.00 47.94 ? 51  ASP A OD1 1 
ATOM   359  O OD2 . ASP A 1 51  ? 11.799  10.271  8.187   1.00 46.47 ? 51  ASP A OD2 1 
ATOM   360  N N   . ALA A 1 52  ? 7.022   7.732   8.923   1.00 20.45 ? 52  ALA A N   1 
ATOM   361  C CA  . ALA A 1 52  ? 6.115   7.029   9.803   1.00 17.65 ? 52  ALA A CA  1 
ATOM   362  C C   . ALA A 1 52  ? 5.524   5.786   9.157   1.00 15.11 ? 52  ALA A C   1 
ATOM   363  O O   . ALA A 1 52  ? 5.154   4.865   9.873   1.00 21.77 ? 52  ALA A O   1 
ATOM   364  C CB  . ALA A 1 52  ? 4.919   7.887   10.215  1.00 18.27 ? 52  ALA A CB  1 
ATOM   365  N N   . PHE A 1 53  ? 5.364   5.797   7.856   1.00 14.13 ? 53  PHE A N   1 
ATOM   366  C CA  . PHE A 1 53  ? 4.820   4.656   7.118   1.00 10.86 ? 53  PHE A CA  1 
ATOM   367  C C   . PHE A 1 53  ? 5.915   3.608   6.983   1.00 13.79 ? 53  PHE A C   1 
ATOM   368  O O   . PHE A 1 53  ? 5.720   2.398   7.155   1.00 11.08 ? 53  PHE A O   1 
ATOM   369  C CB  . PHE A 1 53  ? 4.416   5.145   5.724   1.00 9.08  ? 53  PHE A CB  1 
ATOM   370  C CG  . PHE A 1 53  ? 4.196   4.072   4.695   1.00 3.13  ? 53  PHE A CG  1 
ATOM   371  C CD1 . PHE A 1 53  ? 3.218   3.108   4.918   1.00 4.97  ? 53  PHE A CD1 1 
ATOM   372  C CD2 . PHE A 1 53  ? 4.928   4.021   3.536   1.00 3.86  ? 53  PHE A CD2 1 
ATOM   373  C CE1 . PHE A 1 53  ? 2.998   2.103   3.994   1.00 2.64  ? 53  PHE A CE1 1 
ATOM   374  C CE2 . PHE A 1 53  ? 4.776   2.993   2.613   1.00 3.33  ? 53  PHE A CE2 1 
ATOM   375  C CZ  . PHE A 1 53  ? 3.800   2.027   2.867   1.00 6.34  ? 53  PHE A CZ  1 
ATOM   376  N N   . LEU A 1 54  ? 7.118   4.114   6.631   1.00 17.80 ? 54  LEU A N   1 
ATOM   377  C CA  . LEU A 1 54  ? 8.255   3.210   6.452   1.00 20.27 ? 54  LEU A CA  1 
ATOM   378  C C   . LEU A 1 54  ? 8.600   2.460   7.721   1.00 18.64 ? 54  LEU A C   1 
ATOM   379  O O   . LEU A 1 54  ? 8.997   1.292   7.658   1.00 19.86 ? 54  LEU A O   1 
ATOM   380  C CB  . LEU A 1 54  ? 9.503   3.962   5.957   1.00 17.55 ? 54  LEU A CB  1 
ATOM   381  C CG  . LEU A 1 54  ? 9.477   4.318   4.460   1.00 12.38 ? 54  LEU A CG  1 
ATOM   382  C CD1 . LEU A 1 54  ? 10.819  4.859   4.016   1.00 5.26  ? 54  LEU A CD1 1 
ATOM   383  C CD2 . LEU A 1 54  ? 9.219   3.062   3.622   1.00 12.66 ? 54  LEU A CD2 1 
ATOM   384  N N   . GLU A 1 55  ? 8.454   3.112   8.859   1.00 20.10 ? 55  GLU A N   1 
ATOM   385  C CA  . GLU A 1 55  ? 8.743   2.541   10.162  1.00 21.66 ? 55  GLU A CA  1 
ATOM   386  C C   . GLU A 1 55  ? 7.832   1.369   10.495  1.00 21.20 ? 55  GLU A C   1 
ATOM   387  O O   . GLU A 1 55  ? 8.222   0.508   11.302  1.00 23.32 ? 55  GLU A O   1 
ATOM   388  C CB  . GLU A 1 55  ? 8.579   3.597   11.251  1.00 28.34 ? 55  GLU A CB  1 
ATOM   389  C CG  . GLU A 1 55  ? 9.306   4.895   11.018  1.00 52.79 ? 55  GLU A CG  1 
ATOM   390  C CD  . GLU A 1 55  ? 10.809  4.876   11.063  1.00 66.29 ? 55  GLU A CD  1 
ATOM   391  O OE1 . GLU A 1 55  ? 11.392  4.258   11.990  1.00 74.10 ? 55  GLU A OE1 1 
ATOM   392  O OE2 . GLU A 1 55  ? 11.461  5.513   10.191  1.00 70.74 ? 55  GLU A OE2 1 
ATOM   393  N N   . LYS A 1 56  ? 6.670   1.277   9.846   1.00 19.15 ? 56  LYS A N   1 
ATOM   394  C CA  . LYS A 1 56  ? 5.768   0.165   10.128  1.00 16.96 ? 56  LYS A CA  1 
ATOM   395  C C   . LYS A 1 56  ? 5.958   -1.022  9.218   1.00 18.09 ? 56  LYS A C   1 
ATOM   396  O O   . LYS A 1 56  ? 5.293   -2.046  9.408   1.00 21.81 ? 56  LYS A O   1 
ATOM   397  C CB  . LYS A 1 56  ? 4.305   0.612   10.086  1.00 17.72 ? 56  LYS A CB  1 
ATOM   398  C CG  . LYS A 1 56  ? 4.092   1.689   11.148  1.00 14.80 ? 56  LYS A CG  1 
ATOM   399  C CD  . LYS A 1 56  ? 2.640   2.127   11.164  1.00 24.14 ? 56  LYS A CD  1 
ATOM   400  C CE  . LYS A 1 56  ? 2.441   3.112   12.329  1.00 30.67 ? 56  LYS A CE  1 
ATOM   401  N NZ  . LYS A 1 56  ? 3.607   4.057   12.413  1.00 38.57 ? 56  LYS A NZ  1 
ATOM   402  N N   . LEU A 1 57  ? 6.839   -0.924  8.241   1.00 21.72 ? 57  LEU A N   1 
ATOM   403  C CA  . LEU A 1 57  ? 7.082   -2.055  7.322   1.00 20.36 ? 57  LEU A CA  1 
ATOM   404  C C   . LEU A 1 57  ? 7.944   -3.090  8.031   1.00 19.53 ? 57  LEU A C   1 
ATOM   405  O O   . LEU A 1 57  ? 9.066   -2.813  8.469   1.00 22.39 ? 57  LEU A O   1 
ATOM   406  C CB  . LEU A 1 57  ? 7.786   -1.502  6.088   1.00 20.55 ? 57  LEU A CB  1 
ATOM   407  C CG  . LEU A 1 57  ? 6.926   -0.523  5.246   1.00 18.05 ? 57  LEU A CG  1 
ATOM   408  C CD1 . LEU A 1 57  ? 7.727   -0.034  4.048   1.00 14.01 ? 57  LEU A CD1 1 
ATOM   409  C CD2 . LEU A 1 57  ? 5.705   -1.259  4.737   1.00 17.09 ? 57  LEU A CD2 1 
ATOM   410  N N   . PRO A 1 58  ? 7.418   -4.287  8.218   1.00 17.56 ? 58  PRO A N   1 
ATOM   411  C CA  . PRO A 1 58  ? 8.139   -5.366  8.902   1.00 22.54 ? 58  PRO A CA  1 
ATOM   412  C C   . PRO A 1 58  ? 9.324   -5.912  8.115   1.00 27.56 ? 58  PRO A C   1 
ATOM   413  O O   . PRO A 1 58  ? 9.244   -6.269  6.927   1.00 31.03 ? 58  PRO A O   1 
ATOM   414  C CB  . PRO A 1 58  ? 7.018   -6.409  9.084   1.00 18.32 ? 58  PRO A CB  1 
ATOM   415  C CG  . PRO A 1 58  ? 6.221   -6.226  7.834   1.00 11.32 ? 58  PRO A CG  1 
ATOM   416  C CD  . PRO A 1 58  ? 6.124   -4.737  7.715   1.00 17.48 ? 58  PRO A CD  1 
ATOM   417  N N   . GLU A 1 59  ? 10.479  -6.027  8.756   1.00 29.03 ? 59  GLU A N   1 
ATOM   418  C CA  . GLU A 1 59  ? 11.660  -6.542  8.068   1.00 31.00 ? 59  GLU A CA  1 
ATOM   419  C C   . GLU A 1 59  ? 11.543  -8.027  7.769   1.00 29.72 ? 59  GLU A C   1 
ATOM   420  O O   . GLU A 1 59  ? 12.114  -8.485  6.778   1.00 32.82 ? 59  GLU A O   1 
ATOM   421  C CB  . GLU A 1 59  ? 12.902  -6.336  8.921   1.00 37.79 ? 59  GLU A CB  1 
ATOM   422  C CG  . GLU A 1 59  ? 13.122  -4.930  9.451   1.00 51.89 ? 59  GLU A CG  1 
ATOM   423  C CD  . GLU A 1 59  ? 14.389  -4.854  10.290  1.00 61.21 ? 59  GLU A CD  1 
ATOM   424  O OE1 . GLU A 1 59  ? 15.423  -5.394  9.847   1.00 64.32 ? 59  GLU A OE1 1 
ATOM   425  O OE2 . GLU A 1 59  ? 14.335  -4.264  11.390  1.00 67.83 ? 59  GLU A OE2 1 
ATOM   426  N N   . ASN A 1 60  ? 10.828  -8.810  8.565   1.00 27.31 ? 60  ASN A N   1 
ATOM   427  C CA  . ASN A 1 60  ? 10.750  -10.233 8.296   1.00 30.44 ? 60  ASN A CA  1 
ATOM   428  C C   . ASN A 1 60  ? 9.386   -10.790 8.022   1.00 31.11 ? 60  ASN A C   1 
ATOM   429  O O   . ASN A 1 60  ? 9.127   -11.968 8.338   1.00 35.08 ? 60  ASN A O   1 
ATOM   430  C CB  . ASN A 1 60  ? 11.376  -11.004 9.473   1.00 41.04 ? 60  ASN A CB  1 
ATOM   431  C CG  . ASN A 1 60  ? 12.869  -10.781 9.576   1.00 50.16 ? 60  ASN A CG  1 
ATOM   432  O OD1 . ASN A 1 60  ? 13.344  -9.861  10.246  1.00 55.15 ? 60  ASN A OD1 1 
ATOM   433  N ND2 . ASN A 1 60  ? 13.635  -11.630 8.902   1.00 57.91 ? 60  ASN A ND2 1 
ATOM   434  N N   . ASP A 1 61  ? 8.479   -10.005 7.453   1.00 27.97 ? 61  ASP A N   1 
ATOM   435  C CA  . ASP A 1 61  ? 7.146   -10.530 7.129   1.00 25.05 ? 61  ASP A CA  1 
ATOM   436  C C   . ASP A 1 61  ? 6.612   -9.716  5.948   1.00 22.35 ? 61  ASP A C   1 
ATOM   437  O O   . ASP A 1 61  ? 7.154   -8.658  5.660   1.00 17.72 ? 61  ASP A O   1 
ATOM   438  C CB  . ASP A 1 61  ? 6.173   -10.453 8.289   1.00 28.04 ? 61  ASP A CB  1 
ATOM   439  C CG  . ASP A 1 61  ? 4.995   -11.402 8.212   1.00 30.58 ? 61  ASP A CG  1 
ATOM   440  O OD1 . ASP A 1 61  ? 4.862   -12.212 7.266   1.00 30.82 ? 61  ASP A OD1 1 
ATOM   441  O OD2 . ASP A 1 61  ? 4.149   -11.377 9.137   1.00 37.05 ? 61  ASP A OD2 1 
ATOM   442  N N   . CYS A 1 62  ? 5.583   -10.214 5.274   1.00 25.38 ? 62  CYS A N   1 
ATOM   443  C CA  . CYS A 1 62  ? 5.044   -9.478  4.135   1.00 25.77 ? 62  CYS A CA  1 
ATOM   444  C C   . CYS A 1 62  ? 3.704   -8.812  4.473   1.00 24.44 ? 62  CYS A C   1 
ATOM   445  O O   . CYS A 1 62  ? 3.056   -9.101  5.474   1.00 24.52 ? 62  CYS A O   1 
ATOM   446  C CB  . CYS A 1 62  ? 4.806   -10.436 2.968   1.00 24.07 ? 62  CYS A CB  1 
ATOM   447  S SG  . CYS A 1 62  ? 6.058   -11.746 2.821   1.00 27.41 ? 62  CYS A SG  1 
ATOM   448  N N   . LEU A 1 63  ? 3.299   -7.870  3.640   1.00 24.03 ? 63  LEU A N   1 
ATOM   449  C CA  . LEU A 1 63  ? 2.034   -7.173  3.788   1.00 19.59 ? 63  LEU A CA  1 
ATOM   450  C C   . LEU A 1 63  ? 1.683   -6.456  2.485   1.00 14.78 ? 63  LEU A C   1 
ATOM   451  O O   . LEU A 1 63  ? 2.451   -6.564  1.535   1.00 14.93 ? 63  LEU A O   1 
ATOM   452  C CB  . LEU A 1 63  ? 1.954   -6.222  4.951   1.00 18.23 ? 63  LEU A CB  1 
ATOM   453  C CG  . LEU A 1 63  ? 2.996   -5.136  5.131   1.00 13.73 ? 63  LEU A CG  1 
ATOM   454  C CD1 . LEU A 1 63  ? 2.683   -3.907  4.291   1.00 19.07 ? 63  LEU A CD1 1 
ATOM   455  C CD2 . LEU A 1 63  ? 2.971   -4.703  6.606   1.00 15.48 ? 63  LEU A CD2 1 
ATOM   456  N N   . TYR A 1 64  ? 0.531   -5.806  2.476   1.00 10.60 ? 64  TYR A N   1 
ATOM   457  C CA  . TYR A 1 64  ? 0.062   -5.058  1.330   1.00 9.84  ? 64  TYR A CA  1 
ATOM   458  C C   . TYR A 1 64  ? -0.299  -3.700  1.944   1.00 8.73  ? 64  TYR A C   1 
ATOM   459  O O   . TYR A 1 64  ? -0.571  -3.707  3.137   1.00 9.19  ? 64  TYR A O   1 
ATOM   460  C CB  . TYR A 1 64  ? -1.180  -5.506  0.608   1.00 11.76 ? 64  TYR A CB  1 
ATOM   461  C CG  . TYR A 1 64  ? -1.244  -6.958  0.234   1.00 13.05 ? 64  TYR A CG  1 
ATOM   462  C CD1 . TYR A 1 64  ? -0.518  -7.481  -0.835  1.00 11.69 ? 64  TYR A CD1 1 
ATOM   463  C CD2 . TYR A 1 64  ? -2.068  -7.807  0.953   1.00 11.88 ? 64  TYR A CD2 1 
ATOM   464  C CE1 . TYR A 1 64  ? -0.595  -8.841  -1.120  1.00 13.91 ? 64  TYR A CE1 1 
ATOM   465  C CE2 . TYR A 1 64  ? -2.177  -9.138  0.648   1.00 11.28 ? 64  TYR A CE2 1 
ATOM   466  C CZ  . TYR A 1 64  ? -1.423  -9.652  -0.379  1.00 14.05 ? 64  TYR A CZ  1 
ATOM   467  O OH  . TYR A 1 64  ? -1.529  -11.004 -0.652  1.00 16.38 ? 64  TYR A OH  1 
ATOM   468  N N   . ALA A 1 65  ? -0.200  -2.674  1.113   1.00 8.80  ? 65  ALA A N   1 
ATOM   469  C CA  . ALA A 1 65  ? -0.527  -1.360  1.676   1.00 6.91  ? 65  ALA A CA  1 
ATOM   470  C C   . ALA A 1 65  ? -1.035  -0.442  0.587   1.00 8.86  ? 65  ALA A C   1 
ATOM   471  O O   . ALA A 1 65  ? -0.823  -0.671  -0.599  1.00 7.59  ? 65  ALA A O   1 
ATOM   472  C CB  . ALA A 1 65  ? 0.719   -0.780  2.333   1.00 8.40  ? 65  ALA A CB  1 
ATOM   473  N N   . ILE A 1 66  ? -1.747  0.582   1.011   1.00 10.11 ? 66  ILE A N   1 
ATOM   474  C CA  . ILE A 1 66  ? -2.327  1.588   0.127   1.00 6.95  ? 66  ILE A CA  1 
ATOM   475  C C   . ILE A 1 66  ? -1.843  2.905   0.708   1.00 7.86  ? 66  ILE A C   1 
ATOM   476  O O   . ILE A 1 66  ? -1.962  3.029   1.938   1.00 10.69 ? 66  ILE A O   1 
ATOM   477  C CB  . ILE A 1 66  ? -3.854  1.588   0.156   1.00 11.97 ? 66  ILE A CB  1 
ATOM   478  C CG1 . ILE A 1 66  ? -4.389  0.435   -0.702  1.00 10.36 ? 66  ILE A CG1 1 
ATOM   479  C CG2 . ILE A 1 66  ? -4.489  2.910   -0.332  1.00 10.25 ? 66  ILE A CG2 1 
ATOM   480  C CD1 . ILE A 1 66  ? -4.099  0.620   -2.182  1.00 12.21 ? 66  ILE A CD1 1 
ATOM   481  N N   . TYR A 1 67  ? -1.320  3.766   -0.148  1.00 3.67  ? 67  TYR A N   1 
ATOM   482  C CA  . TYR A 1 67  ? -0.824  5.038   0.379   1.00 6.38  ? 67  TYR A CA  1 
ATOM   483  C C   . TYR A 1 67  ? -1.365  6.184   -0.444  1.00 8.46  ? 67  TYR A C   1 
ATOM   484  O O   . TYR A 1 67  ? -1.393  6.161   -1.683  1.00 11.40 ? 67  TYR A O   1 
ATOM   485  C CB  . TYR A 1 67  ? 0.717   5.045   0.358   1.00 2.80  ? 67  TYR A CB  1 
ATOM   486  C CG  . TYR A 1 67  ? 1.299   6.146   1.225   1.00 2.00  ? 67  TYR A CG  1 
ATOM   487  C CD1 . TYR A 1 67  ? 1.374   7.445   0.716   1.00 2.00  ? 67  TYR A CD1 1 
ATOM   488  C CD2 . TYR A 1 67  ? 1.722   5.952   2.496   1.00 2.00  ? 67  TYR A CD2 1 
ATOM   489  C CE1 . TYR A 1 67  ? 1.846   8.479   1.489   1.00 2.00  ? 67  TYR A CE1 1 
ATOM   490  C CE2 . TYR A 1 67  ? 2.231   6.991   3.289   1.00 2.00  ? 67  TYR A CE2 1 
ATOM   491  C CZ  . TYR A 1 67  ? 2.297   8.241   2.755   1.00 2.00  ? 67  TYR A CZ  1 
ATOM   492  O OH  . TYR A 1 67  ? 2.780   9.309   3.493   1.00 10.63 ? 67  TYR A OH  1 
ATOM   493  N N   . ASP A 1 68  ? -1.806  7.245   0.244   1.00 9.24  ? 68  ASP A N   1 
ATOM   494  C CA  . ASP A 1 68  ? -2.354  8.393   -0.529  1.00 10.31 ? 68  ASP A CA  1 
ATOM   495  C C   . ASP A 1 68  ? -1.148  9.305   -0.794  1.00 10.33 ? 68  ASP A C   1 
ATOM   496  O O   . ASP A 1 68  ? -0.799  10.157  0.033   1.00 7.61  ? 68  ASP A O   1 
ATOM   497  C CB  . ASP A 1 68  ? -3.413  9.155   0.195   1.00 15.59 ? 68  ASP A CB  1 
ATOM   498  C CG  . ASP A 1 68  ? -4.315  9.983   -0.716  1.00 14.35 ? 68  ASP A CG  1 
ATOM   499  O OD1 . ASP A 1 68  ? -4.487  9.671   -1.914  1.00 16.67 ? 68  ASP A OD1 1 
ATOM   500  O OD2 . ASP A 1 68  ? -4.851  10.971  -0.210  1.00 20.89 ? 68  ASP A OD2 1 
ATOM   501  N N   . PHE A 1 69  ? -0.552  9.106   -1.963  1.00 12.20 ? 69  PHE A N   1 
ATOM   502  C CA  . PHE A 1 69  ? 0.632   9.892   -2.294  1.00 12.83 ? 69  PHE A CA  1 
ATOM   503  C C   . PHE A 1 69  ? 0.328   11.218  -2.925  1.00 12.91 ? 69  PHE A C   1 
ATOM   504  O O   . PHE A 1 69  ? -0.182  11.274  -4.022  1.00 18.91 ? 69  PHE A O   1 
ATOM   505  C CB  . PHE A 1 69  ? 1.600   9.033   -3.150  1.00 9.07  ? 69  PHE A CB  1 
ATOM   506  C CG  . PHE A 1 69  ? 2.991   9.592   -3.136  1.00 16.95 ? 69  PHE A CG  1 
ATOM   507  C CD1 . PHE A 1 69  ? 3.883   9.246   -2.126  1.00 20.01 ? 69  PHE A CD1 1 
ATOM   508  C CD2 . PHE A 1 69  ? 3.438   10.424  -4.147  1.00 21.43 ? 69  PHE A CD2 1 
ATOM   509  C CE1 . PHE A 1 69  ? 5.167   9.749   -2.087  1.00 16.61 ? 69  PHE A CE1 1 
ATOM   510  C CE2 . PHE A 1 69  ? 4.733   10.934  -4.136  1.00 18.36 ? 69  PHE A CE2 1 
ATOM   511  C CZ  . PHE A 1 69  ? 5.588   10.598  -3.102  1.00 20.91 ? 69  PHE A CZ  1 
ATOM   512  N N   . GLU A 1 70  ? 0.650   12.296  -2.221  1.00 12.85 ? 70  GLU A N   1 
ATOM   513  C CA  . GLU A 1 70  ? 0.439   13.657  -2.650  1.00 16.49 ? 70  GLU A CA  1 
ATOM   514  C C   . GLU A 1 70  ? 1.771   14.317  -2.959  1.00 20.51 ? 70  GLU A C   1 
ATOM   515  O O   . GLU A 1 70  ? 2.717   14.253  -2.167  1.00 23.50 ? 70  GLU A O   1 
ATOM   516  C CB  . GLU A 1 70  ? -0.272  14.432  -1.531  1.00 19.91 ? 70  GLU A CB  1 
ATOM   517  C CG  . GLU A 1 70  ? -0.758  15.812  -1.932  1.00 23.66 ? 70  GLU A CG  1 
ATOM   518  C CD  . GLU A 1 70  ? -1.512  16.468  -0.776  1.00 26.19 ? 70  GLU A CD  1 
ATOM   519  O OE1 . GLU A 1 70  ? -2.677  16.081  -0.545  1.00 28.72 ? 70  GLU A OE1 1 
ATOM   520  O OE2 . GLU A 1 70  ? -0.894  17.341  -0.125  1.00 24.31 ? 70  GLU A OE2 1 
ATOM   521  N N   . TYR A 1 71  ? 1.869   14.958  -4.121  1.00 19.64 ? 71  TYR A N   1 
ATOM   522  C CA  . TYR A 1 71  ? 3.151   15.578  -4.482  1.00 19.04 ? 71  TYR A CA  1 
ATOM   523  C C   . TYR A 1 71  ? 2.915   16.896  -5.189  1.00 22.42 ? 71  TYR A C   1 
ATOM   524  O O   . TYR A 1 71  ? 1.823   17.125  -5.710  1.00 20.72 ? 71  TYR A O   1 
ATOM   525  C CB  . TYR A 1 71  ? 3.934   14.620  -5.378  1.00 12.91 ? 71  TYR A CB  1 
ATOM   526  C CG  . TYR A 1 71  ? 3.202   14.168  -6.613  1.00 12.56 ? 71  TYR A CG  1 
ATOM   527  C CD1 . TYR A 1 71  ? 2.279   13.127  -6.590  1.00 13.31 ? 71  TYR A CD1 1 
ATOM   528  C CD2 . TYR A 1 71  ? 3.441   14.786  -7.835  1.00 13.50 ? 71  TYR A CD2 1 
ATOM   529  C CE1 . TYR A 1 71  ? 1.591   12.742  -7.734  1.00 11.74 ? 71  TYR A CE1 1 
ATOM   530  C CE2 . TYR A 1 71  ? 2.795   14.398  -8.989  1.00 8.44  ? 71  TYR A CE2 1 
ATOM   531  C CZ  . TYR A 1 71  ? 1.871   13.378  -8.932  1.00 10.52 ? 71  TYR A CZ  1 
ATOM   532  O OH  . TYR A 1 71  ? 1.219   13.005  -10.090 1.00 14.91 ? 71  TYR A OH  1 
ATOM   533  N N   . GLU A 1 72  ? 3.928   17.753  -5.222  1.00 28.01 ? 72  GLU A N   1 
ATOM   534  C CA  . GLU A 1 72  ? 3.773   19.046  -5.872  1.00 36.08 ? 72  GLU A CA  1 
ATOM   535  C C   . GLU A 1 72  ? 3.752   18.863  -7.385  1.00 39.62 ? 72  GLU A C   1 
ATOM   536  O O   . GLU A 1 72  ? 4.589   18.145  -7.933  1.00 42.79 ? 72  GLU A O   1 
ATOM   537  C CB  . GLU A 1 72  ? 4.946   19.966  -5.548  1.00 44.53 ? 72  GLU A CB  1 
ATOM   538  C CG  . GLU A 1 72  ? 4.582   21.374  -5.106  1.00 53.53 ? 72  GLU A CG  1 
ATOM   539  C CD  . GLU A 1 72  ? 4.376   21.508  -3.611  1.00 60.63 ? 72  GLU A CD  1 
ATOM   540  O OE1 . GLU A 1 72  ? 4.765   20.593  -2.848  1.00 64.64 ? 72  GLU A OE1 1 
ATOM   541  O OE2 . GLU A 1 72  ? 3.822   22.547  -3.176  1.00 64.04 ? 72  GLU A OE2 1 
ATOM   542  N N   . ILE A 1 73  ? 2.761   19.473  -8.008  1.00 45.35 ? 73  ILE A N   1 
ATOM   543  C CA  . ILE A 1 73  ? 2.587   19.445  -9.466  1.00 48.12 ? 73  ILE A CA  1 
ATOM   544  C C   . ILE A 1 73  ? 3.168   20.796  -9.896  1.00 53.64 ? 73  ILE A C   1 
ATOM   545  O O   . ILE A 1 73  ? 2.776   21.837  -9.352  1.00 54.08 ? 73  ILE A O   1 
ATOM   546  C CB  . ILE A 1 73  ? 1.134   19.238  -9.864  1.00 49.06 ? 73  ILE A CB  1 
ATOM   547  C CG1 . ILE A 1 73  ? 1.040   18.391  -11.144 1.00 50.99 ? 73  ILE A CG1 1 
ATOM   548  C CG2 . ILE A 1 73  ? 0.330   20.506  -10.123 1.00 43.79 ? 73  ILE A CG2 1 
ATOM   549  C CD1 . ILE A 1 73  ? 1.602   16.996  -10.999 1.00 55.80 ? 73  ILE A CD1 1 
ATOM   550  N N   . ASN A 1 74  ? 4.159   20.771  -10.768 1.00 58.59 ? 74  ASN A N   1 
ATOM   551  C CA  . ASN A 1 74  ? 4.836   21.977  -11.209 1.00 64.60 ? 74  ASN A CA  1 
ATOM   552  C C   . ASN A 1 74  ? 4.022   22.843  -12.162 1.00 65.27 ? 74  ASN A C   1 
ATOM   553  O O   . ASN A 1 74  ? 3.125   22.408  -12.873 1.00 62.34 ? 74  ASN A O   1 
ATOM   554  C CB  . ASN A 1 74  ? 6.180   21.619  -11.856 1.00 72.53 ? 74  ASN A CB  1 
ATOM   555  C CG  . ASN A 1 74  ? 6.941   22.785  -12.439 1.00 80.68 ? 74  ASN A CG  1 
ATOM   556  O OD1 . ASN A 1 74  ? 7.017   23.873  -11.854 1.00 82.19 ? 74  ASN A OD1 1 
ATOM   557  N ND2 . ASN A 1 74  ? 7.493   22.590  -13.638 1.00 84.15 ? 74  ASN A ND2 1 
ATOM   558  N N   . GLY A 1 75  ? 4.397   24.120  -12.143 1.00 67.14 ? 75  GLY A N   1 
ATOM   559  C CA  . GLY A 1 75  ? 3.810   25.173  -12.946 1.00 70.55 ? 75  GLY A CA  1 
ATOM   560  C C   . GLY A 1 75  ? 3.209   26.225  -12.000 1.00 71.06 ? 75  GLY A C   1 
ATOM   561  O O   . GLY A 1 75  ? 2.378   27.035  -12.389 1.00 71.02 ? 75  GLY A O   1 
ATOM   562  N N   . ASN A 1 76  ? 3.674   26.165  -10.749 1.00 71.81 ? 76  ASN A N   1 
ATOM   563  C CA  . ASN A 1 76  ? 3.175   27.108  -9.743  1.00 73.97 ? 76  ASN A CA  1 
ATOM   564  C C   . ASN A 1 76  ? 1.685   26.813  -9.539  1.00 72.91 ? 76  ASN A C   1 
ATOM   565  O O   . ASN A 1 76  ? 0.831   27.656  -9.328  1.00 72.15 ? 76  ASN A O   1 
ATOM   566  C CB  . ASN A 1 76  ? 3.384   28.542  -10.198 1.00 78.63 ? 76  ASN A CB  1 
ATOM   567  C CG  . ASN A 1 76  ? 4.837   28.823  -10.541 1.00 83.14 ? 76  ASN A CG  1 
ATOM   568  O OD1 . ASN A 1 76  ? 5.285   28.542  -11.655 1.00 84.64 ? 76  ASN A OD1 1 
ATOM   569  N ND2 . ASN A 1 76  ? 5.575   29.363  -9.579  1.00 83.65 ? 76  ASN A ND2 1 
ATOM   570  N N   . GLU A 1 77  ? 1.415   25.517  -9.665  1.00 70.36 ? 77  GLU A N   1 
ATOM   571  C CA  . GLU A 1 77  ? 0.106   24.917  -9.501  1.00 65.48 ? 77  GLU A CA  1 
ATOM   572  C C   . GLU A 1 77  ? 0.178   24.028  -8.255  1.00 60.89 ? 77  GLU A C   1 
ATOM   573  O O   . GLU A 1 77  ? 1.265   23.619  -7.864  1.00 61.74 ? 77  GLU A O   1 
ATOM   574  C CB  . GLU A 1 77  ? -0.310  24.068  -10.692 1.00 66.63 ? 77  GLU A CB  1 
ATOM   575  C CG  . GLU A 1 77  ? -0.944  24.866  -11.827 1.00 70.15 ? 77  GLU A CG  1 
ATOM   576  C CD  . GLU A 1 77  ? -1.295  23.989  -13.017 1.00 75.97 ? 77  GLU A CD  1 
ATOM   577  O OE1 . GLU A 1 77  ? -0.357  23.644  -13.778 1.00 79.34 ? 77  GLU A OE1 1 
ATOM   578  O OE2 . GLU A 1 77  ? -2.490  23.647  -13.180 1.00 76.27 ? 77  GLU A OE2 1 
ATOM   579  N N   . GLY A 1 78  ? -0.964  23.772  -7.636  1.00 53.66 ? 78  GLY A N   1 
ATOM   580  C CA  . GLY A 1 78  ? -0.998  22.982  -6.433  1.00 43.02 ? 78  GLY A CA  1 
ATOM   581  C C   . GLY A 1 78  ? -0.431  21.583  -6.498  1.00 32.24 ? 78  GLY A C   1 
ATOM   582  O O   . GLY A 1 78  ? 0.577   21.223  -7.100  1.00 24.33 ? 78  GLY A O   1 
ATOM   583  N N   . LYS A 1 79  ? -1.186  20.713  -5.785  1.00 25.98 ? 79  LYS A N   1 
ATOM   584  C CA  . LYS A 1 79  ? -0.761  19.323  -5.738  1.00 17.97 ? 79  LYS A CA  1 
ATOM   585  C C   . LYS A 1 79  ? -1.738  18.411  -6.449  1.00 17.95 ? 79  LYS A C   1 
ATOM   586  O O   . LYS A 1 79  ? -2.831  18.759  -6.889  1.00 21.20 ? 79  LYS A O   1 
ATOM   587  C CB  . LYS A 1 79  ? -0.658  18.892  -4.277  1.00 20.75 ? 79  LYS A CB  1 
ATOM   588  C CG  . LYS A 1 79  ? 0.337   19.722  -3.466  1.00 22.15 ? 79  LYS A CG  1 
ATOM   589  C CD  . LYS A 1 79  ? 0.159   19.434  -1.980  1.00 27.30 ? 79  LYS A CD  1 
ATOM   590  C CE  . LYS A 1 79  ? 0.416   20.687  -1.144  1.00 33.08 ? 79  LYS A CE  1 
ATOM   591  N NZ  . LYS A 1 79  ? -0.370  20.666  0.133   1.00 37.73 ? 79  LYS A NZ  1 
ATOM   592  N N   . ARG A 1 80  ? -1.267  17.194  -6.586  1.00 14.22 ? 80  ARG A N   1 
ATOM   593  C CA  . ARG A 1 80  ? -1.940  16.063  -7.172  1.00 9.83  ? 80  ARG A CA  1 
ATOM   594  C C   . ARG A 1 80  ? -1.824  14.983  -6.090  1.00 12.52 ? 80  ARG A C   1 
ATOM   595  O O   . ARG A 1 80  ? -0.973  15.080  -5.195  1.00 12.68 ? 80  ARG A O   1 
ATOM   596  C CB  . ARG A 1 80  ? -1.182  15.535  -8.388  1.00 15.87 ? 80  ARG A CB  1 
ATOM   597  C CG  . ARG A 1 80  ? -1.579  16.192  -9.703  1.00 20.56 ? 80  ARG A CG  1 
ATOM   598  C CD  . ARG A 1 80  ? -2.910  15.614  -10.181 1.00 21.77 ? 80  ARG A CD  1 
ATOM   599  N NE  . ARG A 1 80  ? -2.673  14.528  -11.129 1.00 21.09 ? 80  ARG A NE  1 
ATOM   600  C CZ  . ARG A 1 80  ? -3.239  13.326  -11.021 1.00 26.60 ? 80  ARG A CZ  1 
ATOM   601  N NH1 . ARG A 1 80  ? -4.023  13.045  -9.996  1.00 27.56 ? 80  ARG A NH1 1 
ATOM   602  N NH2 . ARG A 1 80  ? -3.027  12.455  -12.003 1.00 28.91 ? 80  ARG A NH2 1 
ATOM   603  N N   . SER A 1 81  ? -2.708  14.006  -6.166  1.00 9.55  ? 81  SER A N   1 
ATOM   604  C CA  . SER A 1 81  ? -2.602  12.942  -5.148  1.00 8.37  ? 81  SER A CA  1 
ATOM   605  C C   . SER A 1 81  ? -2.874  11.705  -5.981  1.00 10.86 ? 81  SER A C   1 
ATOM   606  O O   . SER A 1 81  ? -3.740  11.769  -6.886  1.00 13.18 ? 81  SER A O   1 
ATOM   607  C CB  . SER A 1 81  ? -3.698  13.134  -4.078  1.00 12.50 ? 81  SER A CB  1 
ATOM   608  O OG  . SER A 1 81  ? -4.741  12.187  -4.248  1.00 16.99 ? 81  SER A OG  1 
ATOM   609  N N   . LYS A 1 82  ? -2.168  10.655  -5.703  1.00 11.54 ? 82  LYS A N   1 
ATOM   610  C CA  . LYS A 1 82  ? -2.351  9.405   -6.428  1.00 7.90  ? 82  LYS A CA  1 
ATOM   611  C C   . LYS A 1 82  ? -2.305  8.292   -5.371  1.00 8.55  ? 82  LYS A C   1 
ATOM   612  O O   . LYS A 1 82  ? -1.521  8.368   -4.405  1.00 13.58 ? 82  LYS A O   1 
ATOM   613  C CB  . LYS A 1 82  ? -1.205  9.128   -7.407  1.00 8.14  ? 82  LYS A CB  1 
ATOM   614  C CG  . LYS A 1 82  ? -1.183  10.024  -8.618  1.00 12.02 ? 82  LYS A CG  1 
ATOM   615  C CD  . LYS A 1 82  ? -0.536  9.382   -9.848  1.00 10.19 ? 82  LYS A CD  1 
ATOM   616  C CE  . LYS A 1 82  ? -0.398  10.467  -10.925 1.00 14.57 ? 82  LYS A CE  1 
ATOM   617  N NZ  . LYS A 1 82  ? 0.219   9.950   -12.175 1.00 17.79 ? 82  LYS A NZ  1 
ATOM   618  N N   . ILE A 1 83  ? -3.100  7.291   -5.617  1.00 10.35 ? 83  ILE A N   1 
ATOM   619  C CA  . ILE A 1 83  ? -3.177  6.145   -4.719  1.00 6.72  ? 83  ILE A CA  1 
ATOM   620  C C   . ILE A 1 83  ? -2.205  5.097   -5.221  1.00 10.70 ? 83  ILE A C   1 
ATOM   621  O O   . ILE A 1 83  ? -2.207  4.651   -6.362  1.00 7.00  ? 83  ILE A O   1 
ATOM   622  C CB  . ILE A 1 83  ? -4.615  5.592   -4.665  1.00 10.86 ? 83  ILE A CB  1 
ATOM   623  C CG1 . ILE A 1 83  ? -5.544  6.636   -4.013  1.00 9.07  ? 83  ILE A CG1 1 
ATOM   624  C CG2 . ILE A 1 83  ? -4.692  4.315   -3.830  1.00 5.83  ? 83  ILE A CG2 1 
ATOM   625  C CD1 . ILE A 1 83  ? -7.002  6.217   -4.035  1.00 10.11 ? 83  ILE A CD1 1 
ATOM   626  N N   . VAL A 1 84  ? -1.281  4.766   -4.315  1.00 11.92 ? 84  VAL A N   1 
ATOM   627  C CA  . VAL A 1 84  ? -0.272  3.776   -4.602  1.00 9.90  ? 84  VAL A CA  1 
ATOM   628  C C   . VAL A 1 84  ? -0.495  2.499   -3.818  1.00 10.93 ? 84  VAL A C   1 
ATOM   629  O O   . VAL A 1 84  ? -0.729  2.451   -2.622  1.00 14.73 ? 84  VAL A O   1 
ATOM   630  C CB  . VAL A 1 84  ? 1.136   4.320   -4.249  1.00 7.17  ? 84  VAL A CB  1 
ATOM   631  C CG1 . VAL A 1 84  ? 2.178   3.413   -4.865  1.00 4.71  ? 84  VAL A CG1 1 
ATOM   632  C CG2 . VAL A 1 84  ? 1.240   5.729   -4.827  1.00 2.00  ? 84  VAL A CG2 1 
ATOM   633  N N   . PHE A 1 85  ? -0.403  1.389   -4.525  1.00 14.88 ? 85  PHE A N   1 
ATOM   634  C CA  . PHE A 1 85  ? -0.558  0.070   -3.931  1.00 13.07 ? 85  PHE A CA  1 
ATOM   635  C C   . PHE A 1 85  ? 0.815   -0.592  -3.837  1.00 16.70 ? 85  PHE A C   1 
ATOM   636  O O   . PHE A 1 85  ? 1.554   -0.711  -4.811  1.00 16.49 ? 85  PHE A O   1 
ATOM   637  C CB  . PHE A 1 85  ? -1.521  -0.765  -4.737  1.00 8.85  ? 85  PHE A CB  1 
ATOM   638  C CG  . PHE A 1 85  ? -1.661  -2.190  -4.292  1.00 11.96 ? 85  PHE A CG  1 
ATOM   639  C CD1 . PHE A 1 85  ? -2.548  -2.506  -3.280  1.00 11.60 ? 85  PHE A CD1 1 
ATOM   640  C CD2 . PHE A 1 85  ? -0.924  -3.210  -4.866  1.00 15.87 ? 85  PHE A CD2 1 
ATOM   641  C CE1 . PHE A 1 85  ? -2.702  -3.818  -2.883  1.00 14.45 ? 85  PHE A CE1 1 
ATOM   642  C CE2 . PHE A 1 85  ? -1.056  -4.523  -4.447  1.00 13.46 ? 85  PHE A CE2 1 
ATOM   643  C CZ  . PHE A 1 85  ? -1.970  -4.826  -3.453  1.00 11.63 ? 85  PHE A CZ  1 
ATOM   644  N N   . PHE A 1 86  ? 1.156   -1.014  -2.610  1.00 15.61 ? 86  PHE A N   1 
ATOM   645  C CA  . PHE A 1 86  ? 2.409   -1.676  -2.347  1.00 9.88  ? 86  PHE A CA  1 
ATOM   646  C C   . PHE A 1 86  ? 2.217   -3.135  -1.967  1.00 11.17 ? 86  PHE A C   1 
ATOM   647  O O   . PHE A 1 86  ? 1.251   -3.505  -1.338  1.00 9.16  ? 86  PHE A O   1 
ATOM   648  C CB  . PHE A 1 86  ? 3.105   -1.094  -1.109  1.00 5.78  ? 86  PHE A CB  1 
ATOM   649  C CG  . PHE A 1 86  ? 3.541   0.329   -1.207  1.00 6.15  ? 86  PHE A CG  1 
ATOM   650  C CD1 . PHE A 1 86  ? 2.630   1.361   -1.004  1.00 4.98  ? 86  PHE A CD1 1 
ATOM   651  C CD2 . PHE A 1 86  ? 4.852   0.652   -1.483  1.00 6.41  ? 86  PHE A CD2 1 
ATOM   652  C CE1 . PHE A 1 86  ? 3.017   2.677   -1.056  1.00 4.65  ? 86  PHE A CE1 1 
ATOM   653  C CE2 . PHE A 1 86  ? 5.260   1.970   -1.548  1.00 9.09  ? 86  PHE A CE2 1 
ATOM   654  C CZ  . PHE A 1 86  ? 4.346   2.991   -1.320  1.00 9.87  ? 86  PHE A CZ  1 
ATOM   655  N N   . THR A 1 87  ? 3.182   -3.944  -2.360  1.00 18.24 ? 87  THR A N   1 
ATOM   656  C CA  . THR A 1 87  ? 3.267   -5.365  -1.998  1.00 18.59 ? 87  THR A CA  1 
ATOM   657  C C   . THR A 1 87  ? 4.641   -5.356  -1.253  1.00 17.96 ? 87  THR A C   1 
ATOM   658  O O   . THR A 1 87  ? 5.640   -5.013  -1.903  1.00 17.40 ? 87  THR A O   1 
ATOM   659  C CB  . THR A 1 87  ? 3.322   -6.422  -3.067  1.00 17.88 ? 87  THR A CB  1 
ATOM   660  O OG1 . THR A 1 87  ? 2.147   -6.378  -3.905  1.00 26.97 ? 87  THR A OG1 1 
ATOM   661  C CG2 . THR A 1 87  ? 3.298   -7.829  -2.454  1.00 17.98 ? 87  THR A CG2 1 
ATOM   662  N N   . TRP A 1 88  ? 4.646   -5.539  0.047   1.00 18.81 ? 88  TRP A N   1 
ATOM   663  C CA  . TRP A 1 88  ? 5.901   -5.535  0.825   1.00 16.94 ? 88  TRP A CA  1 
ATOM   664  C C   . TRP A 1 88  ? 6.313   -6.985  1.033   1.00 20.48 ? 88  TRP A C   1 
ATOM   665  O O   . TRP A 1 88  ? 5.609   -7.819  1.630   1.00 20.26 ? 88  TRP A O   1 
ATOM   666  C CB  . TRP A 1 88  ? 5.712   -4.742  2.113   1.00 13.32 ? 88  TRP A CB  1 
ATOM   667  C CG  . TRP A 1 88  ? 6.931   -4.763  2.984   1.00 16.11 ? 88  TRP A CG  1 
ATOM   668  C CD1 . TRP A 1 88  ? 7.094   -5.434  4.159   1.00 14.33 ? 88  TRP A CD1 1 
ATOM   669  C CD2 . TRP A 1 88  ? 8.198   -4.161  2.688   1.00 18.27 ? 88  TRP A CD2 1 
ATOM   670  N NE1 . TRP A 1 88  ? 8.373   -5.264  4.635   1.00 13.61 ? 88  TRP A NE1 1 
ATOM   671  C CE2 . TRP A 1 88  ? 9.072   -4.480  3.758   1.00 16.36 ? 88  TRP A CE2 1 
ATOM   672  C CE3 . TRP A 1 88  ? 8.670   -3.344  1.649   1.00 18.30 ? 88  TRP A CE3 1 
ATOM   673  C CZ2 . TRP A 1 88  ? 10.382  -4.021  3.806   1.00 16.40 ? 88  TRP A CZ2 1 
ATOM   674  C CZ3 . TRP A 1 88  ? 9.989   -2.889  1.694   1.00 11.21 ? 88  TRP A CZ3 1 
ATOM   675  C CH2 . TRP A 1 88  ? 10.812  -3.224  2.760   1.00 13.02 ? 88  TRP A CH2 1 
ATOM   676  N N   . SER A 1 89  ? 7.446   -7.356  0.402   1.00 20.85 ? 89  SER A N   1 
ATOM   677  C CA  . SER A 1 89  ? 7.912   -8.755  0.470   1.00 23.00 ? 89  SER A CA  1 
ATOM   678  C C   . SER A 1 89  ? 9.441   -8.804  0.571   1.00 23.29 ? 89  SER A C   1 
ATOM   679  O O   . SER A 1 89  ? 10.140  -9.018  -0.422  1.00 20.09 ? 89  SER A O   1 
ATOM   680  C CB  . SER A 1 89  ? 7.466   -9.413  -0.836  1.00 19.84 ? 89  SER A CB  1 
ATOM   681  O OG  . SER A 1 89  ? 7.378   -10.815 -0.722  1.00 27.72 ? 89  SER A OG  1 
ATOM   682  N N   . PRO A 1 90  ? 9.930   -8.548  1.786   1.00 21.75 ? 90  PRO A N   1 
ATOM   683  C CA  . PRO A 1 90  ? 11.343  -8.507  2.089   1.00 23.15 ? 90  PRO A CA  1 
ATOM   684  C C   . PRO A 1 90  ? 12.046  -9.846  1.928   1.00 26.69 ? 90  PRO A C   1 
ATOM   685  O O   . PRO A 1 90  ? 11.513  -10.896 2.266   1.00 25.69 ? 90  PRO A O   1 
ATOM   686  C CB  . PRO A 1 90  ? 11.369  -8.028  3.555   1.00 21.62 ? 90  PRO A CB  1 
ATOM   687  C CG  . PRO A 1 90  ? 10.088  -8.541  4.095   1.00 20.38 ? 90  PRO A CG  1 
ATOM   688  C CD  . PRO A 1 90  ? 9.102   -8.303  2.982   1.00 23.54 ? 90  PRO A CD  1 
ATOM   689  N N   . ASP A 1 91  ? 13.274  -9.801  1.390   1.00 30.27 ? 91  ASP A N   1 
ATOM   690  C CA  . ASP A 1 91  ? 14.050  -11.033 1.186   1.00 30.19 ? 91  ASP A CA  1 
ATOM   691  C C   . ASP A 1 91  ? 14.178  -11.764 2.515   1.00 26.95 ? 91  ASP A C   1 
ATOM   692  O O   . ASP A 1 91  ? 14.212  -12.984 2.568   1.00 26.88 ? 91  ASP A O   1 
ATOM   693  C CB  . ASP A 1 91  ? 15.437  -10.722 0.649   1.00 32.53 ? 91  ASP A CB  1 
ATOM   694  C CG  . ASP A 1 91  ? 15.373  -9.994  -0.683  1.00 36.48 ? 91  ASP A CG  1 
ATOM   695  O OD1 . ASP A 1 91  ? 14.677  -10.494 -1.591  1.00 35.61 ? 91  ASP A OD1 1 
ATOM   696  O OD2 . ASP A 1 91  ? 15.992  -8.911  -0.770  1.00 40.79 ? 91  ASP A OD2 1 
ATOM   697  N N   . THR A 1 92  ? 14.206  -10.995 3.598   1.00 26.79 ? 92  THR A N   1 
ATOM   698  C CA  . THR A 1 92  ? 14.327  -11.604 4.917   1.00 29.99 ? 92  THR A CA  1 
ATOM   699  C C   . THR A 1 92  ? 13.072  -12.264 5.419   1.00 31.95 ? 92  THR A C   1 
ATOM   700  O O   . THR A 1 92  ? 13.125  -12.845 6.521   1.00 37.57 ? 92  THR A O   1 
ATOM   701  C CB  . THR A 1 92  ? 14.928  -10.615 5.926   1.00 34.44 ? 92  THR A CB  1 
ATOM   702  O OG1 . THR A 1 92  ? 14.244  -9.361  5.915   1.00 33.59 ? 92  THR A OG1 1 
ATOM   703  C CG2 . THR A 1 92  ? 16.386  -10.340 5.515   1.00 34.78 ? 92  THR A CG2 1 
ATOM   704  N N   . ALA A 1 93  ? 11.966  -12.284 4.675   1.00 30.21 ? 93  ALA A N   1 
ATOM   705  C CA  . ALA A 1 93  ? 10.734  -12.934 5.118   1.00 28.48 ? 93  ALA A CA  1 
ATOM   706  C C   . ALA A 1 93  ? 10.664  -14.396 4.723   1.00 28.40 ? 93  ALA A C   1 
ATOM   707  O O   . ALA A 1 93  ? 11.251  -14.844 3.734   1.00 32.28 ? 93  ALA A O   1 
ATOM   708  C CB  . ALA A 1 93  ? 9.511   -12.225 4.533   1.00 22.55 ? 93  ALA A CB  1 
ATOM   709  N N   . PRO A 1 94  ? 9.917   -15.198 5.481   1.00 28.65 ? 94  PRO A N   1 
ATOM   710  C CA  . PRO A 1 94  ? 9.774   -16.615 5.195   1.00 29.16 ? 94  PRO A CA  1 
ATOM   711  C C   . PRO A 1 94  ? 9.287   -16.859 3.776   1.00 31.33 ? 94  PRO A C   1 
ATOM   712  O O   . PRO A 1 94  ? 8.510   -16.054 3.243   1.00 33.79 ? 94  PRO A O   1 
ATOM   713  C CB  . PRO A 1 94  ? 8.796   -17.116 6.268   1.00 26.02 ? 94  PRO A CB  1 
ATOM   714  C CG  . PRO A 1 94  ? 8.921   -16.102 7.353   1.00 23.88 ? 94  PRO A CG  1 
ATOM   715  C CD  . PRO A 1 94  ? 9.154   -14.791 6.677   1.00 25.22 ? 94  PRO A CD  1 
ATOM   716  N N   . VAL A 1 95  ? 9.715   -17.966 3.177   1.00 29.62 ? 95  VAL A N   1 
ATOM   717  C CA  . VAL A 1 95  ? 9.336   -18.336 1.829   1.00 29.09 ? 95  VAL A CA  1 
ATOM   718  C C   . VAL A 1 95  ? 7.845   -18.667 1.733   1.00 28.39 ? 95  VAL A C   1 
ATOM   719  O O   . VAL A 1 95  ? 7.249   -18.446 0.682   1.00 28.26 ? 95  VAL A O   1 
ATOM   720  C CB  . VAL A 1 95  ? 10.020  -19.644 1.349   1.00 28.51 ? 95  VAL A CB  1 
ATOM   721  C CG1 . VAL A 1 95  ? 9.812   -19.804 -0.153  1.00 26.63 ? 95  VAL A CG1 1 
ATOM   722  C CG2 . VAL A 1 95  ? 11.490  -19.651 1.644   1.00 36.91 ? 95  VAL A CG2 1 
ATOM   723  N N   . ARG A 1 96  ? 7.305   -19.270 2.785   1.00 30.42 ? 96  ARG A N   1 
ATOM   724  C CA  . ARG A 1 96  ? 5.883   -19.627 2.744   1.00 35.01 ? 96  ARG A CA  1 
ATOM   725  C C   . ARG A 1 96  ? 5.040   -18.351 2.834   1.00 31.92 ? 96  ARG A C   1 
ATOM   726  O O   . ARG A 1 96  ? 3.986   -18.314 2.220   1.00 35.92 ? 96  ARG A O   1 
ATOM   727  C CB  . ARG A 1 96  ? 5.462   -20.573 3.845   1.00 42.00 ? 96  ARG A CB  1 
ATOM   728  C CG  . ARG A 1 96  ? 6.568   -21.276 4.603   1.00 57.22 ? 96  ARG A CG  1 
ATOM   729  C CD  . ARG A 1 96  ? 7.191   -20.348 5.650   1.00 69.97 ? 96  ARG A CD  1 
ATOM   730  N NE  . ARG A 1 96  ? 6.197   -19.879 6.609   1.00 79.05 ? 96  ARG A NE  1 
ATOM   731  C CZ  . ARG A 1 96  ? 6.456   -19.341 7.798   1.00 82.05 ? 96  ARG A CZ  1 
ATOM   732  N NH1 . ARG A 1 96  ? 7.707   -19.176 8.210   1.00 84.06 ? 96  ARG A NH1 1 
ATOM   733  N NH2 . ARG A 1 96  ? 5.459   -19.021 8.616   1.00 82.73 ? 96  ARG A NH2 1 
ATOM   734  N N   . SER A 1 97  ? 5.498   -17.340 3.547   1.00 27.06 ? 97  SER A N   1 
ATOM   735  C CA  . SER A 1 97  ? 4.770   -16.084 3.676   1.00 28.68 ? 97  SER A CA  1 
ATOM   736  C C   . SER A 1 97  ? 4.845   -15.312 2.359   1.00 28.96 ? 97  SER A C   1 
ATOM   737  O O   . SER A 1 97  ? 3.877   -14.774 1.849   1.00 30.17 ? 97  SER A O   1 
ATOM   738  C CB  . SER A 1 97  ? 5.391   -15.195 4.759   1.00 29.24 ? 97  SER A CB  1 
ATOM   739  O OG  . SER A 1 97  ? 5.112   -15.707 6.051   1.00 37.76 ? 97  SER A OG  1 
ATOM   740  N N   . LYS A 1 98  ? 6.067   -15.279 1.815   1.00 29.59 ? 98  LYS A N   1 
ATOM   741  C CA  . LYS A 1 98  ? 6.273   -14.570 0.552   1.00 28.12 ? 98  LYS A CA  1 
ATOM   742  C C   . LYS A 1 98  ? 5.331   -15.082 -0.518  1.00 24.41 ? 98  LYS A C   1 
ATOM   743  O O   . LYS A 1 98  ? 4.770   -14.278 -1.253  1.00 29.57 ? 98  LYS A O   1 
ATOM   744  C CB  . LYS A 1 98  ? 7.730   -14.701 0.087   1.00 26.44 ? 98  LYS A CB  1 
ATOM   745  C CG  . LYS A 1 98  ? 8.650   -13.814 0.919   1.00 27.10 ? 98  LYS A CG  1 
ATOM   746  C CD  . LYS A 1 98  ? 10.106  -14.004 0.623   1.00 33.26 ? 98  LYS A CD  1 
ATOM   747  C CE  . LYS A 1 98  ? 10.525  -13.488 -0.743  1.00 39.55 ? 98  LYS A CE  1 
ATOM   748  N NZ  . LYS A 1 98  ? 12.012  -13.328 -0.836  1.00 45.00 ? 98  LYS A NZ  1 
ATOM   749  N N   . MET A 1 99  ? 5.181   -16.386 -0.614  1.00 21.74 ? 99  MET A N   1 
ATOM   750  C CA  . MET A 1 99  ? 4.344   -17.071 -1.554  1.00 23.67 ? 99  MET A CA  1 
ATOM   751  C C   . MET A 1 99  ? 2.854   -16.899 -1.328  1.00 23.04 ? 99  MET A C   1 
ATOM   752  O O   . MET A 1 99  ? 2.096   -16.667 -2.273  1.00 24.25 ? 99  MET A O   1 
ATOM   753  C CB  . MET A 1 99  ? 4.598   -18.593 -1.484  1.00 24.51 ? 99  MET A CB  1 
ATOM   754  C CG  . MET A 1 99  ? 5.792   -19.049 -2.315  1.00 29.18 ? 99  MET A CG  1 
ATOM   755  S SD  . MET A 1 99  ? 5.912   -20.864 -2.205  1.00 41.31 ? 99  MET A SD  1 
ATOM   756  C CE  . MET A 1 99  ? 6.079   -21.047 -0.436  1.00 47.91 ? 99  MET A CE  1 
ATOM   757  N N   . VAL A 1 100 ? 2.405   -17.086 -0.090  1.00 24.68 ? 100 VAL A N   1 
ATOM   758  C CA  . VAL A 1 100 ? 0.965   -16.906 0.173   1.00 26.06 ? 100 VAL A CA  1 
ATOM   759  C C   . VAL A 1 100 ? 0.582   -15.467 -0.176  1.00 24.03 ? 100 VAL A C   1 
ATOM   760  O O   . VAL A 1 100 ? -0.494  -15.250 -0.724  1.00 27.50 ? 100 VAL A O   1 
ATOM   761  C CB  . VAL A 1 100 ? 0.644   -17.247 1.623   1.00 27.56 ? 100 VAL A CB  1 
ATOM   762  C CG1 . VAL A 1 100 ? 1.178   -16.196 2.580   1.00 29.36 ? 100 VAL A CG1 1 
ATOM   763  C CG2 . VAL A 1 100 ? -0.854  -17.395 1.837   1.00 32.58 ? 100 VAL A CG2 1 
ATOM   764  N N   . TYR A 1 101 ? 1.445   -14.486 0.064   1.00 20.07 ? 101 TYR A N   1 
ATOM   765  C CA  . TYR A 1 101 ? 1.121   -13.098 -0.254  1.00 23.33 ? 101 TYR A CA  1 
ATOM   766  C C   . TYR A 1 101 ? 1.208   -12.819 -1.748  1.00 25.49 ? 101 TYR A C   1 
ATOM   767  O O   . TYR A 1 101 ? 0.549   -11.910 -2.267  1.00 26.45 ? 101 TYR A O   1 
ATOM   768  C CB  . TYR A 1 101 ? 1.980   -12.074 0.485   1.00 21.12 ? 101 TYR A CB  1 
ATOM   769  C CG  . TYR A 1 101 ? 1.456   -11.784 1.882   1.00 21.97 ? 101 TYR A CG  1 
ATOM   770  C CD1 . TYR A 1 101 ? 1.739   -12.655 2.926   1.00 19.81 ? 101 TYR A CD1 1 
ATOM   771  C CD2 . TYR A 1 101 ? 0.677   -10.656 2.150   1.00 19.15 ? 101 TYR A CD2 1 
ATOM   772  C CE1 . TYR A 1 101 ? 1.270   -12.403 4.202   1.00 22.81 ? 101 TYR A CE1 1 
ATOM   773  C CE2 . TYR A 1 101 ? 0.195   -10.408 3.423   1.00 18.90 ? 101 TYR A CE2 1 
ATOM   774  C CZ  . TYR A 1 101 ? 0.485   -11.282 4.443   1.00 23.42 ? 101 TYR A CZ  1 
ATOM   775  O OH  . TYR A 1 101 ? 0.013   -11.065 5.724   1.00 24.54 ? 101 TYR A OH  1 
ATOM   776  N N   . ALA A 1 102 ? 2.031   -13.599 -2.441  1.00 28.21 ? 102 ALA A N   1 
ATOM   777  C CA  . ALA A 1 102 ? 2.151   -13.409 -3.896  1.00 30.96 ? 102 ALA A CA  1 
ATOM   778  C C   . ALA A 1 102 ? 0.842   -13.908 -4.509  1.00 35.96 ? 102 ALA A C   1 
ATOM   779  O O   . ALA A 1 102 ? 0.278   -13.351 -5.445  1.00 39.69 ? 102 ALA A O   1 
ATOM   780  C CB  . ALA A 1 102 ? 3.299   -14.231 -4.406  1.00 31.28 ? 102 ALA A CB  1 
ATOM   781  N N   . SER A 1 103 ? 0.339   -14.997 -3.941  1.00 38.91 ? 103 SER A N   1 
ATOM   782  C CA  . SER A 1 103 ? -0.899  -15.625 -4.361  1.00 41.88 ? 103 SER A CA  1 
ATOM   783  C C   . SER A 1 103 ? -2.119  -14.738 -4.167  1.00 41.86 ? 103 SER A C   1 
ATOM   784  O O   . SER A 1 103 ? -2.828  -14.409 -5.123  1.00 45.72 ? 103 SER A O   1 
ATOM   785  C CB  . SER A 1 103 ? -1.133  -16.887 -3.513  1.00 43.15 ? 103 SER A CB  1 
ATOM   786  O OG  . SER A 1 103 ? -0.395  -17.972 -4.017  1.00 52.12 ? 103 SER A OG  1 
ATOM   787  N N   . SER A 1 104 ? -2.390  -14.367 -2.923  1.00 36.80 ? 104 SER A N   1 
ATOM   788  C CA  . SER A 1 104 ? -3.525  -13.544 -2.568  1.00 31.54 ? 104 SER A CA  1 
ATOM   789  C C   . SER A 1 104 ? -3.492  -12.128 -3.083  1.00 31.42 ? 104 SER A C   1 
ATOM   790  O O   . SER A 1 104 ? -4.488  -11.414 -2.925  1.00 34.28 ? 104 SER A O   1 
ATOM   791  C CB  . SER A 1 104 ? -3.605  -13.455 -1.029  1.00 28.82 ? 104 SER A CB  1 
ATOM   792  O OG  . SER A 1 104 ? -3.279  -14.714 -0.465  1.00 26.86 ? 104 SER A OG  1 
ATOM   793  N N   . LYS A 1 105 ? -2.409  -11.662 -3.692  1.00 31.87 ? 105 LYS A N   1 
ATOM   794  C CA  . LYS A 1 105 ? -2.348  -10.296 -4.172  1.00 35.43 ? 105 LYS A CA  1 
ATOM   795  C C   . LYS A 1 105 ? -3.505  -9.865  -5.056  1.00 39.19 ? 105 LYS A C   1 
ATOM   796  O O   . LYS A 1 105 ? -4.121  -8.822  -4.778  1.00 42.60 ? 105 LYS A O   1 
ATOM   797  C CB  . LYS A 1 105 ? -1.043  -9.988  -4.921  1.00 33.34 ? 105 LYS A CB  1 
ATOM   798  C CG  . LYS A 1 105 ? -0.946  -8.519  -5.296  1.00 34.20 ? 105 LYS A CG  1 
ATOM   799  C CD  . LYS A 1 105 ? 0.417   -8.108  -5.804  1.00 38.53 ? 105 LYS A CD  1 
ATOM   800  C CE  . LYS A 1 105 ? 0.550   -8.261  -7.303  1.00 44.35 ? 105 LYS A CE  1 
ATOM   801  N NZ  . LYS A 1 105 ? -0.293  -7.284  -8.052  1.00 46.71 ? 105 LYS A NZ  1 
ATOM   802  N N   . ASP A 1 106 ? -3.820  -10.590 -6.121  1.00 42.57 ? 106 ASP A N   1 
ATOM   803  C CA  . ASP A 1 106 ? -4.894  -10.201 -7.014  1.00 43.97 ? 106 ASP A CA  1 
ATOM   804  C C   . ASP A 1 106 ? -6.271  -10.115 -6.374  1.00 40.32 ? 106 ASP A C   1 
ATOM   805  O O   . ASP A 1 106 ? -7.078  -9.274  -6.778  1.00 40.28 ? 106 ASP A O   1 
ATOM   806  C CB  . ASP A 1 106 ? -4.991  -11.118 -8.240  1.00 50.66 ? 106 ASP A CB  1 
ATOM   807  C CG  . ASP A 1 106 ? -4.396  -10.429 -9.458  1.00 53.47 ? 106 ASP A CG  1 
ATOM   808  O OD1 . ASP A 1 106 ? -3.232  -9.987  -9.364  1.00 53.14 ? 106 ASP A OD1 1 
ATOM   809  O OD2 . ASP A 1 106 ? -5.122  -10.325 -10.469 1.00 57.02 ? 106 ASP A OD2 1 
ATOM   810  N N   . ALA A 1 107 ? -6.540  -10.963 -5.392  1.00 35.77 ? 107 ALA A N   1 
ATOM   811  C CA  . ALA A 1 107 ? -7.836  -10.934 -4.711  1.00 32.32 ? 107 ALA A CA  1 
ATOM   812  C C   . ALA A 1 107 ? -8.110  -9.498  -4.240  1.00 31.29 ? 107 ALA A C   1 
ATOM   813  O O   . ALA A 1 107 ? -9.145  -8.936  -4.573  1.00 32.86 ? 107 ALA A O   1 
ATOM   814  C CB  . ALA A 1 107 ? -7.809  -11.866 -3.519  1.00 26.33 ? 107 ALA A CB  1 
ATOM   815  N N   . LEU A 1 108 ? -7.158  -8.923  -3.526  1.00 26.98 ? 108 LEU A N   1 
ATOM   816  C CA  . LEU A 1 108 ? -7.223  -7.582  -2.974  1.00 27.94 ? 108 LEU A CA  1 
ATOM   817  C C   . LEU A 1 108 ? -7.001  -6.509  -4.027  1.00 31.98 ? 108 LEU A C   1 
ATOM   818  O O   . LEU A 1 108 ? -7.710  -5.495  -3.979  1.00 36.07 ? 108 LEU A O   1 
ATOM   819  C CB  . LEU A 1 108 ? -6.221  -7.448  -1.847  1.00 21.29 ? 108 LEU A CB  1 
ATOM   820  C CG  . LEU A 1 108 ? -6.076  -6.275  -0.917  1.00 18.99 ? 108 LEU A CG  1 
ATOM   821  C CD1 . LEU A 1 108 ? -5.096  -5.233  -1.409  1.00 17.64 ? 108 LEU A CD1 1 
ATOM   822  C CD2 . LEU A 1 108 ? -7.387  -5.554  -0.616  1.00 16.17 ? 108 LEU A CD2 1 
ATOM   823  N N   . ARG A 1 109 ? -6.118  -6.707  -4.989  1.00 30.66 ? 109 ARG A N   1 
ATOM   824  C CA  . ARG A 1 109 ? -5.823  -5.757  -6.040  1.00 27.18 ? 109 ARG A CA  1 
ATOM   825  C C   . ARG A 1 109 ? -6.899  -5.590  -7.104  1.00 28.42 ? 109 ARG A C   1 
ATOM   826  O O   . ARG A 1 109 ? -7.118  -4.461  -7.581  1.00 24.10 ? 109 ARG A O   1 
ATOM   827  C CB  . ARG A 1 109 ? -4.529  -6.170  -6.782  1.00 25.58 ? 109 ARG A CB  1 
ATOM   828  C CG  . ARG A 1 109 ? -4.103  -5.160  -7.841  1.00 19.68 ? 109 ARG A CG  1 
ATOM   829  C CD  . ARG A 1 109 ? -3.792  -3.821  -7.208  1.00 23.36 ? 109 ARG A CD  1 
ATOM   830  N NE  . ARG A 1 109 ? -3.433  -2.779  -8.159  1.00 28.58 ? 109 ARG A NE  1 
ATOM   831  C CZ  . ARG A 1 109 ? -4.291  -2.087  -8.908  1.00 31.60 ? 109 ARG A CZ  1 
ATOM   832  N NH1 . ARG A 1 109 ? -5.603  -2.295  -8.838  1.00 30.68 ? 109 ARG A NH1 1 
ATOM   833  N NH2 . ARG A 1 109 ? -3.822  -1.172  -9.757  1.00 32.25 ? 109 ARG A NH2 1 
ATOM   834  N N   . ARG A 1 110 ? -7.520  -6.673  -7.539  1.00 30.94 ? 110 ARG A N   1 
ATOM   835  C CA  . ARG A 1 110 ? -8.578  -6.551  -8.557  1.00 34.99 ? 110 ARG A CA  1 
ATOM   836  C C   . ARG A 1 110 ? -9.771  -5.800  -7.973  1.00 32.61 ? 110 ARG A C   1 
ATOM   837  O O   . ARG A 1 110 ? -10.450 -5.048  -8.684  1.00 34.97 ? 110 ARG A O   1 
ATOM   838  C CB  . ARG A 1 110 ? -9.012  -7.920  -9.058  1.00 43.51 ? 110 ARG A CB  1 
ATOM   839  C CG  . ARG A 1 110 ? -8.179  -8.462  -10.212 1.00 57.49 ? 110 ARG A CG  1 
ATOM   840  C CD  . ARG A 1 110 ? -8.519  -7.721  -11.498 1.00 70.90 ? 110 ARG A CD  1 
ATOM   841  N NE  . ARG A 1 110 ? -9.720  -8.244  -12.147 1.00 79.13 ? 110 ARG A NE  1 
ATOM   842  C CZ  . ARG A 1 110 ? -10.600 -7.511  -12.816 1.00 82.36 ? 110 ARG A CZ  1 
ATOM   843  N NH1 . ARG A 1 110 ? -10.448 -6.199  -12.920 1.00 82.42 ? 110 ARG A NH1 1 
ATOM   844  N NH2 . ARG A 1 110 ? -11.657 -8.097  -13.384 1.00 84.07 ? 110 ARG A NH2 1 
ATOM   845  N N   . ALA A 1 111 ? -10.013 -5.941  -6.677  1.00 27.85 ? 111 ALA A N   1 
ATOM   846  C CA  . ALA A 1 111 ? -11.097 -5.294  -5.979  1.00 25.16 ? 111 ALA A CA  1 
ATOM   847  C C   . ALA A 1 111 ? -10.918 -3.801  -5.768  1.00 28.41 ? 111 ALA A C   1 
ATOM   848  O O   . ALA A 1 111 ? -11.918 -3.118  -5.486  1.00 32.50 ? 111 ALA A O   1 
ATOM   849  C CB  . ALA A 1 111 ? -11.283 -5.865  -4.567  1.00 20.30 ? 111 ALA A CB  1 
ATOM   850  N N   . LEU A 1 112 ? -9.692  -3.283  -5.849  1.00 27.47 ? 112 LEU A N   1 
ATOM   851  C CA  . LEU A 1 112 ? -9.540  -1.837  -5.609  1.00 23.50 ? 112 LEU A CA  1 
ATOM   852  C C   . LEU A 1 112 ? -9.577  -1.073  -6.920  1.00 25.16 ? 112 LEU A C   1 
ATOM   853  O O   . LEU A 1 112 ? -8.907  -1.391  -7.908  1.00 31.19 ? 112 LEU A O   1 
ATOM   854  C CB  . LEU A 1 112 ? -8.268  -1.570  -4.831  1.00 16.79 ? 112 LEU A CB  1 
ATOM   855  C CG  . LEU A 1 112 ? -7.932  -2.344  -3.569  1.00 11.55 ? 112 LEU A CG  1 
ATOM   856  C CD1 . LEU A 1 112 ? -6.629  -1.797  -2.994  1.00 17.29 ? 112 LEU A CD1 1 
ATOM   857  C CD2 . LEU A 1 112 ? -8.940  -2.186  -2.427  1.00 9.46  ? 112 LEU A CD2 1 
ATOM   858  N N   . ASN A 1 113 ? -10.428 -0.061  -6.999  1.00 26.48 ? 113 ASN A N   1 
ATOM   859  C CA  . ASN A 1 113 ? -10.604 0.771   -8.175  1.00 24.47 ? 113 ASN A CA  1 
ATOM   860  C C   . ASN A 1 113 ? -10.095 2.172   -7.881  1.00 20.39 ? 113 ASN A C   1 
ATOM   861  O O   . ASN A 1 113 ? -10.532 2.745   -6.876  1.00 24.63 ? 113 ASN A O   1 
ATOM   862  C CB  . ASN A 1 113 ? -12.086 0.921   -8.534  1.00 33.28 ? 113 ASN A CB  1 
ATOM   863  C CG  . ASN A 1 113 ? -12.683 -0.356  -9.069  1.00 44.37 ? 113 ASN A CG  1 
ATOM   864  O OD1 . ASN A 1 113 ? -13.895 -0.570  -8.952  1.00 52.77 ? 113 ASN A OD1 1 
ATOM   865  N ND2 . ASN A 1 113 ? -11.847 -1.210  -9.648  1.00 51.44 ? 113 ASN A ND2 1 
ATOM   866  N N   . GLY A 1 114 ? -9.196  2.681   -8.705  1.00 15.27 ? 114 GLY A N   1 
ATOM   867  C CA  . GLY A 1 114 ? -8.682  4.018   -8.453  1.00 13.29 ? 114 GLY A CA  1 
ATOM   868  C C   . GLY A 1 114 ? -7.215  4.022   -8.103  1.00 16.98 ? 114 GLY A C   1 
ATOM   869  O O   . GLY A 1 114 ? -6.664  5.106   -7.898  1.00 20.98 ? 114 GLY A O   1 
ATOM   870  N N   . VAL A 1 115 ? -6.605  2.845   -8.015  1.00 15.65 ? 115 VAL A N   1 
ATOM   871  C CA  . VAL A 1 115 ? -5.167  2.758   -7.728  1.00 15.68 ? 115 VAL A CA  1 
ATOM   872  C C   . VAL A 1 115 ? -4.445  3.251   -8.975  1.00 15.14 ? 115 VAL A C   1 
ATOM   873  O O   . VAL A 1 115 ? -4.695  2.749   -10.075 1.00 16.45 ? 115 VAL A O   1 
ATOM   874  C CB  . VAL A 1 115 ? -4.725  1.314   -7.435  1.00 10.79 ? 115 VAL A CB  1 
ATOM   875  C CG1 . VAL A 1 115 ? -3.221  1.258   -7.154  1.00 11.09 ? 115 VAL A CG1 1 
ATOM   876  C CG2 . VAL A 1 115 ? -5.474  0.841   -6.209  1.00 5.82  ? 115 VAL A CG2 1 
ATOM   877  N N   . SER A 1 116 ? -3.576  4.237   -8.843  1.00 15.82 ? 116 SER A N   1 
ATOM   878  C CA  . SER A 1 116 ? -2.865  4.740   -10.010 1.00 21.66 ? 116 SER A CA  1 
ATOM   879  C C   . SER A 1 116 ? -1.602  3.954   -10.325 1.00 22.80 ? 116 SER A C   1 
ATOM   880  O O   . SER A 1 116 ? -1.332  3.591   -11.472 1.00 25.25 ? 116 SER A O   1 
ATOM   881  C CB  . SER A 1 116 ? -2.437  6.193   -9.767  1.00 23.38 ? 116 SER A CB  1 
ATOM   882  O OG  . SER A 1 116 ? -3.587  7.006   -9.555  1.00 29.47 ? 116 SER A OG  1 
ATOM   883  N N   . THR A 1 117 ? -0.826  3.667   -9.275  1.00 23.29 ? 117 THR A N   1 
ATOM   884  C CA  . THR A 1 117 ? 0.420   2.952   -9.437  1.00 20.10 ? 117 THR A CA  1 
ATOM   885  C C   . THR A 1 117 ? 0.742   1.905   -8.397  1.00 19.47 ? 117 THR A C   1 
ATOM   886  O O   . THR A 1 117 ? 0.428   1.986   -7.206  1.00 19.50 ? 117 THR A O   1 
ATOM   887  C CB  . THR A 1 117 ? 1.589   3.962   -9.538  1.00 20.88 ? 117 THR A CB  1 
ATOM   888  O OG1 . THR A 1 117 ? 2.641   3.575   -8.665  1.00 25.64 ? 117 THR A OG1 1 
ATOM   889  C CG2 . THR A 1 117 ? 1.180   5.395   -9.250  1.00 14.82 ? 117 THR A CG2 1 
ATOM   890  N N   . ASP A 1 118 ? 1.380   0.836   -8.856  1.00 19.74 ? 118 ASP A N   1 
ATOM   891  C CA  . ASP A 1 118 ? 1.792   -0.278  -8.029  1.00 22.68 ? 118 ASP A CA  1 
ATOM   892  C C   . ASP A 1 118 ? 3.299   -0.296  -7.785  1.00 25.50 ? 118 ASP A C   1 
ATOM   893  O O   . ASP A 1 118 ? 4.104   0.064   -8.649  1.00 30.22 ? 118 ASP A O   1 
ATOM   894  C CB  . ASP A 1 118 ? 1.424   -1.588  -8.736  1.00 25.12 ? 118 ASP A CB  1 
ATOM   895  C CG  . ASP A 1 118 ? -0.085  -1.774  -8.795  1.00 30.59 ? 118 ASP A CG  1 
ATOM   896  O OD1 . ASP A 1 118 ? -0.763  -0.950  -9.437  1.00 38.31 ? 118 ASP A OD1 1 
ATOM   897  O OD2 . ASP A 1 118 ? -0.589  -2.737  -8.189  1.00 33.90 ? 118 ASP A OD2 1 
ATOM   898  N N   . VAL A 1 119 ? 3.704   -0.690  -6.591  1.00 22.18 ? 119 VAL A N   1 
ATOM   899  C CA  . VAL A 1 119 ? 5.104   -0.777  -6.202  1.00 16.40 ? 119 VAL A CA  1 
ATOM   900  C C   . VAL A 1 119 ? 5.326   -2.146  -5.563  1.00 20.27 ? 119 VAL A C   1 
ATOM   901  O O   . VAL A 1 119 ? 4.492   -2.597  -4.775  1.00 23.38 ? 119 VAL A O   1 
ATOM   902  C CB  . VAL A 1 119 ? 5.532   0.301   -5.218  1.00 13.79 ? 119 VAL A CB  1 
ATOM   903  C CG1 . VAL A 1 119 ? 6.969   0.154   -4.744  1.00 12.30 ? 119 VAL A CG1 1 
ATOM   904  C CG2 . VAL A 1 119 ? 5.458   1.686   -5.853  1.00 9.77  ? 119 VAL A CG2 1 
ATOM   905  N N   . GLN A 1 120 ? 6.378   -2.843  -5.954  1.00 25.74 ? 120 GLN A N   1 
ATOM   906  C CA  . GLN A 1 120 ? 6.717   -4.156  -5.382  1.00 31.00 ? 120 GLN A CA  1 
ATOM   907  C C   . GLN A 1 120 ? 7.995   -3.881  -4.577  1.00 29.73 ? 120 GLN A C   1 
ATOM   908  O O   . GLN A 1 120 ? 9.044   -3.589  -5.147  1.00 31.09 ? 120 GLN A O   1 
ATOM   909  C CB  . GLN A 1 120 ? 6.909   -5.234  -6.407  1.00 36.66 ? 120 GLN A CB  1 
ATOM   910  C CG  . GLN A 1 120 ? 7.691   -6.465  -6.058  1.00 50.69 ? 120 GLN A CG  1 
ATOM   911  C CD  . GLN A 1 120 ? 7.144   -7.438  -5.057  1.00 57.36 ? 120 GLN A CD  1 
ATOM   912  O OE1 . GLN A 1 120 ? 6.109   -8.088  -5.245  1.00 63.24 ? 120 GLN A OE1 1 
ATOM   913  N NE2 . GLN A 1 120 ? 7.856   -7.623  -3.942  1.00 61.14 ? 120 GLN A NE2 1 
ATOM   914  N N   . GLY A 1 121 ? 7.841   -3.857  -3.258  1.00 25.85 ? 121 GLY A N   1 
ATOM   915  C CA  . GLY A 1 121 ? 8.978   -3.559  -2.394  1.00 19.37 ? 121 GLY A CA  1 
ATOM   916  C C   . GLY A 1 121 ? 9.593   -4.875  -1.913  1.00 20.95 ? 121 GLY A C   1 
ATOM   917  O O   . GLY A 1 121 ? 8.938   -5.747  -1.340  1.00 17.17 ? 121 GLY A O   1 
ATOM   918  N N   . THR A 1 122 ? 10.878  -4.973  -2.210  1.00 21.73 ? 122 THR A N   1 
ATOM   919  C CA  . THR A 1 122 ? 11.668  -6.135  -1.815  1.00 23.41 ? 122 THR A CA  1 
ATOM   920  C C   . THR A 1 122 ? 12.677  -5.638  -0.786  1.00 22.10 ? 122 THR A C   1 
ATOM   921  O O   . THR A 1 122 ? 13.347  -6.381  -0.086  1.00 25.79 ? 122 THR A O   1 
ATOM   922  C CB  . THR A 1 122 ? 12.343  -6.792  -3.021  1.00 26.60 ? 122 THR A CB  1 
ATOM   923  O OG1 . THR A 1 122 ? 11.297  -7.296  -3.909  1.00 30.47 ? 122 THR A OG1 1 
ATOM   924  C CG2 . THR A 1 122 ? 13.210  -7.956  -2.604  1.00 34.00 ? 122 THR A CG2 1 
ATOM   925  N N   . ASP A 1 123 ? 12.772  -4.315  -0.655  1.00 22.05 ? 123 ASP A N   1 
ATOM   926  C CA  . ASP A 1 123 ? 13.680  -3.705  0.316   1.00 24.82 ? 123 ASP A CA  1 
ATOM   927  C C   . ASP A 1 123 ? 13.344  -2.229  0.442   1.00 22.05 ? 123 ASP A C   1 
ATOM   928  O O   . ASP A 1 123 ? 12.570  -1.728  -0.374  1.00 22.34 ? 123 ASP A O   1 
ATOM   929  C CB  . ASP A 1 123 ? 15.136  -3.947  0.012   1.00 32.25 ? 123 ASP A CB  1 
ATOM   930  C CG  . ASP A 1 123 ? 15.768  -3.154  -1.101  1.00 39.76 ? 123 ASP A CG  1 
ATOM   931  O OD1 . ASP A 1 123 ? 15.700  -3.571  -2.279  1.00 43.33 ? 123 ASP A OD1 1 
ATOM   932  O OD2 . ASP A 1 123 ? 16.398  -2.110  -0.805  1.00 43.42 ? 123 ASP A OD2 1 
ATOM   933  N N   . PHE A 1 124 ? 13.866  -1.550  1.450   1.00 21.22 ? 124 PHE A N   1 
ATOM   934  C CA  . PHE A 1 124 ? 13.581  -0.162  1.705   1.00 27.27 ? 124 PHE A CA  1 
ATOM   935  C C   . PHE A 1 124 ? 14.090  0.830   0.688   1.00 27.99 ? 124 PHE A C   1 
ATOM   936  O O   . PHE A 1 124 ? 13.916  2.043   0.859   1.00 27.34 ? 124 PHE A O   1 
ATOM   937  C CB  . PHE A 1 124 ? 14.103  0.230   3.099   1.00 33.86 ? 124 PHE A CB  1 
ATOM   938  C CG  . PHE A 1 124 ? 13.340  -0.475  4.189   1.00 41.53 ? 124 PHE A CG  1 
ATOM   939  C CD1 . PHE A 1 124 ? 12.119  0.035   4.621   1.00 43.70 ? 124 PHE A CD1 1 
ATOM   940  C CD2 . PHE A 1 124 ? 13.828  -1.632  4.759   1.00 43.83 ? 124 PHE A CD2 1 
ATOM   941  C CE1 . PHE A 1 124 ? 11.416  -0.613  5.620   1.00 44.99 ? 124 PHE A CE1 1 
ATOM   942  C CE2 . PHE A 1 124 ? 13.123  -2.284  5.756   1.00 46.15 ? 124 PHE A CE2 1 
ATOM   943  C CZ  . PHE A 1 124 ? 11.915  -1.767  6.186   1.00 47.92 ? 124 PHE A CZ  1 
ATOM   944  N N   . SER A 1 125 ? 14.723  0.346   -0.380  1.00 29.78 ? 125 SER A N   1 
ATOM   945  C CA  . SER A 1 125 ? 15.239  1.297   -1.377  1.00 31.45 ? 125 SER A CA  1 
ATOM   946  C C   . SER A 1 125 ? 14.208  1.395   -2.496  1.00 28.73 ? 125 SER A C   1 
ATOM   947  O O   . SER A 1 125 ? 14.074  2.431   -3.129  1.00 32.97 ? 125 SER A O   1 
ATOM   948  C CB  . SER A 1 125 ? 16.595  0.892   -1.903  1.00 35.06 ? 125 SER A CB  1 
ATOM   949  O OG  . SER A 1 125 ? 16.582  -0.351  -2.572  1.00 43.93 ? 125 SER A OG  1 
ATOM   950  N N   . GLU A 1 126 ? 13.490  0.300   -2.685  1.00 24.79 ? 126 GLU A N   1 
ATOM   951  C CA  . GLU A 1 126 ? 12.456  0.264   -3.708  1.00 24.35 ? 126 GLU A CA  1 
ATOM   952  C C   . GLU A 1 126 ? 11.188  0.979   -3.226  1.00 24.59 ? 126 GLU A C   1 
ATOM   953  O O   . GLU A 1 126 ? 10.291  1.220   -4.024  1.00 27.77 ? 126 GLU A O   1 
ATOM   954  C CB  . GLU A 1 126 ? 12.113  -1.187  -4.008  1.00 24.48 ? 126 GLU A CB  1 
ATOM   955  C CG  . GLU A 1 126 ? 13.250  -1.892  -4.728  1.00 35.39 ? 126 GLU A CG  1 
ATOM   956  C CD  . GLU A 1 126 ? 13.067  -3.394  -4.774  1.00 41.76 ? 126 GLU A CD  1 
ATOM   957  O OE1 . GLU A 1 126 ? 13.361  -4.041  -3.751  1.00 46.95 ? 126 GLU A OE1 1 
ATOM   958  O OE2 . GLU A 1 126 ? 12.645  -3.922  -5.828  1.00 48.68 ? 126 GLU A OE2 1 
ATOM   959  N N   . VAL A 1 127 ? 11.125  1.318   -1.943  1.00 21.63 ? 127 VAL A N   1 
ATOM   960  C CA  . VAL A 1 127 ? 9.955   1.967   -1.383  1.00 19.31 ? 127 VAL A CA  1 
ATOM   961  C C   . VAL A 1 127 ? 10.276  3.306   -0.761  1.00 18.46 ? 127 VAL A C   1 
ATOM   962  O O   . VAL A 1 127 ? 9.458   3.846   -0.026  1.00 23.00 ? 127 VAL A O   1 
ATOM   963  C CB  . VAL A 1 127 ? 9.254   1.116   -0.304  1.00 17.41 ? 127 VAL A CB  1 
ATOM   964  C CG1 . VAL A 1 127 ? 8.858   -0.228  -0.884  1.00 16.07 ? 127 VAL A CG1 1 
ATOM   965  C CG2 . VAL A 1 127 ? 10.191  0.879   0.879   1.00 15.47 ? 127 VAL A CG2 1 
ATOM   966  N N   . SER A 1 128 ? 11.456  3.828   -1.075  1.00 17.59 ? 128 SER A N   1 
ATOM   967  C CA  . SER A 1 128 ? 11.881  5.122   -0.566  1.00 18.23 ? 128 SER A CA  1 
ATOM   968  C C   . SER A 1 128 ? 10.974  6.216   -1.159  1.00 19.97 ? 128 SER A C   1 
ATOM   969  O O   . SER A 1 128 ? 10.305  5.991   -2.168  1.00 17.66 ? 128 SER A O   1 
ATOM   970  C CB  . SER A 1 128 ? 13.323  5.404   -0.926  1.00 18.37 ? 128 SER A CB  1 
ATOM   971  O OG  . SER A 1 128 ? 13.536  5.623   -2.306  1.00 22.26 ? 128 SER A OG  1 
ATOM   972  N N   . TYR A 1 129 ? 10.989  7.390   -0.544  1.00 18.69 ? 129 TYR A N   1 
ATOM   973  C CA  . TYR A 1 129 ? 10.174  8.496   -0.994  1.00 21.09 ? 129 TYR A CA  1 
ATOM   974  C C   . TYR A 1 129 ? 10.496  8.946   -2.416  1.00 23.10 ? 129 TYR A C   1 
ATOM   975  O O   . TYR A 1 129 ? 9.564   9.073   -3.220  1.00 24.09 ? 129 TYR A O   1 
ATOM   976  C CB  . TYR A 1 129 ? 10.359  9.694   -0.081  1.00 25.37 ? 129 TYR A CB  1 
ATOM   977  C CG  . TYR A 1 129 ? 9.527   10.889  -0.485  1.00 32.37 ? 129 TYR A CG  1 
ATOM   978  C CD1 . TYR A 1 129 ? 8.180   10.957  -0.126  1.00 31.92 ? 129 TYR A CD1 1 
ATOM   979  C CD2 . TYR A 1 129 ? 10.087  11.952  -1.186  1.00 31.05 ? 129 TYR A CD2 1 
ATOM   980  C CE1 . TYR A 1 129 ? 7.411   12.053  -0.469  1.00 34.41 ? 129 TYR A CE1 1 
ATOM   981  C CE2 . TYR A 1 129 ? 9.305   13.045  -1.537  1.00 36.19 ? 129 TYR A CE2 1 
ATOM   982  C CZ  . TYR A 1 129 ? 7.982   13.092  -1.177  1.00 36.56 ? 129 TYR A CZ  1 
ATOM   983  O OH  . TYR A 1 129 ? 7.214   14.188  -1.513  1.00 37.71 ? 129 TYR A OH  1 
ATOM   984  N N   . ASP A 1 130 ? 11.772  9.178   -2.676  1.00 21.54 ? 130 ASP A N   1 
ATOM   985  C CA  . ASP A 1 130 ? 12.253  9.620   -3.973  1.00 14.71 ? 130 ASP A CA  1 
ATOM   986  C C   . ASP A 1 130 ? 11.891  8.616   -5.060  1.00 14.17 ? 130 ASP A C   1 
ATOM   987  O O   . ASP A 1 130 ? 11.612  9.014   -6.180  1.00 18.31 ? 130 ASP A O   1 
ATOM   988  C CB  . ASP A 1 130 ? 13.785  9.748   -4.026  1.00 14.09 ? 130 ASP A CB  1 
ATOM   989  C CG  . ASP A 1 130 ? 14.318  10.765  -3.067  1.00 16.83 ? 130 ASP A CG  1 
ATOM   990  O OD1 . ASP A 1 130 ? 13.624  11.798  -2.883  1.00 18.61 ? 130 ASP A OD1 1 
ATOM   991  O OD2 . ASP A 1 130 ? 15.415  10.548  -2.513  1.00 22.91 ? 130 ASP A OD2 1 
ATOM   992  N N   . SER A 1 131 ? 11.908  7.357   -4.701  1.00 10.47 ? 131 SER A N   1 
ATOM   993  C CA  . SER A 1 131 ? 11.606  6.252   -5.617  1.00 13.36 ? 131 SER A CA  1 
ATOM   994  C C   . SER A 1 131 ? 10.120  6.166   -5.936  1.00 16.32 ? 131 SER A C   1 
ATOM   995  O O   . SER A 1 131 ? 9.732   5.934   -7.092  1.00 14.99 ? 131 SER A O   1 
ATOM   996  C CB  . SER A 1 131 ? 12.123  4.963   -4.964  1.00 10.59 ? 131 SER A CB  1 
ATOM   997  O OG  . SER A 1 131 ? 11.623  3.807   -5.595  1.00 18.56 ? 131 SER A OG  1 
ATOM   998  N N   . VAL A 1 132 ? 9.258   6.330   -4.933  1.00 18.00 ? 132 VAL A N   1 
ATOM   999  C CA  . VAL A 1 132 ? 7.807   6.314   -5.143  1.00 16.06 ? 132 VAL A CA  1 
ATOM   1000 C C   . VAL A 1 132 ? 7.471   7.587   -5.921  1.00 17.02 ? 132 VAL A C   1 
ATOM   1001 O O   . VAL A 1 132 ? 6.841   7.553   -6.985  1.00 19.37 ? 132 VAL A O   1 
ATOM   1002 C CB  . VAL A 1 132 ? 7.039   6.243   -3.808  1.00 10.24 ? 132 VAL A CB  1 
ATOM   1003 C CG1 . VAL A 1 132 ? 5.536   6.370   -3.994  1.00 6.87  ? 132 VAL A CG1 1 
ATOM   1004 C CG2 . VAL A 1 132 ? 7.226   4.826   -3.245  1.00 7.45  ? 132 VAL A CG2 1 
ATOM   1005 N N   . LEU A 1 133 ? 7.995   8.724   -5.477  1.00 14.34 ? 133 LEU A N   1 
ATOM   1006 C CA  . LEU A 1 133 ? 7.773   9.991   -6.157  1.00 13.91 ? 133 LEU A CA  1 
ATOM   1007 C C   . LEU A 1 133 ? 8.197   9.957   -7.620  1.00 18.51 ? 133 LEU A C   1 
ATOM   1008 O O   . LEU A 1 133 ? 7.560   10.616  -8.462  1.00 26.18 ? 133 LEU A O   1 
ATOM   1009 C CB  . LEU A 1 133 ? 8.531   11.130  -5.493  1.00 9.39  ? 133 LEU A CB  1 
ATOM   1010 C CG  . LEU A 1 133 ? 8.416   12.461  -6.254  1.00 10.63 ? 133 LEU A CG  1 
ATOM   1011 C CD1 . LEU A 1 133 ? 7.019   13.014  -6.083  1.00 17.05 ? 133 LEU A CD1 1 
ATOM   1012 C CD2 . LEU A 1 133 ? 9.427   13.468  -5.773  1.00 12.31 ? 133 LEU A CD2 1 
ATOM   1013 N N   . GLU A 1 134 ? 9.245   9.213   -7.956  1.00 19.62 ? 134 GLU A N   1 
ATOM   1014 C CA  . GLU A 1 134 ? 9.676   9.133   -9.351  1.00 17.08 ? 134 GLU A CA  1 
ATOM   1015 C C   . GLU A 1 134 ? 8.687   8.314   -10.162 1.00 17.18 ? 134 GLU A C   1 
ATOM   1016 O O   . GLU A 1 134 ? 8.400   8.616   -11.316 1.00 18.39 ? 134 GLU A O   1 
ATOM   1017 C CB  . GLU A 1 134 ? 11.062  8.482   -9.443  1.00 16.70 ? 134 GLU A CB  1 
ATOM   1018 C CG  . GLU A 1 134 ? 11.676  8.531   -10.826 1.00 21.04 ? 134 GLU A CG  1 
ATOM   1019 C CD  . GLU A 1 134 ? 11.423  7.317   -11.674 1.00 26.86 ? 134 GLU A CD  1 
ATOM   1020 O OE1 . GLU A 1 134 ? 11.137  6.227   -11.123 1.00 32.11 ? 134 GLU A OE1 1 
ATOM   1021 O OE2 . GLU A 1 134 ? 11.519  7.439   -12.920 1.00 31.35 ? 134 GLU A OE2 1 
ATOM   1022 N N   . ARG A 1 135 ? 8.156   7.235   -9.582  1.00 20.68 ? 135 ARG A N   1 
ATOM   1023 C CA  . ARG A 1 135 ? 7.214   6.419   -10.347 1.00 23.02 ? 135 ARG A CA  1 
ATOM   1024 C C   . ARG A 1 135 ? 5.866   7.156   -10.529 1.00 20.93 ? 135 ARG A C   1 
ATOM   1025 O O   . ARG A 1 135 ? 5.264   7.113   -11.588 1.00 23.02 ? 135 ARG A O   1 
ATOM   1026 C CB  . ARG A 1 135 ? 6.923   5.101   -9.676  1.00 27.30 ? 135 ARG A CB  1 
ATOM   1027 C CG  . ARG A 1 135 ? 8.035   4.113   -9.426  1.00 39.60 ? 135 ARG A CG  1 
ATOM   1028 C CD  . ARG A 1 135 ? 7.460   2.745   -9.103  1.00 46.93 ? 135 ARG A CD  1 
ATOM   1029 N NE  . ARG A 1 135 ? 8.363   1.720   -8.661  1.00 57.52 ? 135 ARG A NE  1 
ATOM   1030 C CZ  . ARG A 1 135 ? 9.040   1.612   -7.528  1.00 63.43 ? 135 ARG A CZ  1 
ATOM   1031 N NH1 . ARG A 1 135 ? 8.979   2.536   -6.580  1.00 64.29 ? 135 ARG A NH1 1 
ATOM   1032 N NH2 . ARG A 1 135 ? 9.766   0.506   -7.289  1.00 64.93 ? 135 ARG A NH2 1 
ATOM   1033 N N   . VAL A 1 136 ? 5.425   7.827   -9.509  1.00 21.30 ? 136 VAL A N   1 
ATOM   1034 C CA  . VAL A 1 136 ? 4.149   8.545   -9.475  1.00 23.27 ? 136 VAL A CA  1 
ATOM   1035 C C   . VAL A 1 136 ? 4.110   9.781   -10.340 1.00 24.61 ? 136 VAL A C   1 
ATOM   1036 O O   . VAL A 1 136 ? 3.110   9.993   -11.026 1.00 28.20 ? 136 VAL A O   1 
ATOM   1037 C CB  . VAL A 1 136 ? 3.790   8.823   -8.004  1.00 22.65 ? 136 VAL A CB  1 
ATOM   1038 C CG1 . VAL A 1 136 ? 4.014   10.256  -7.577  1.00 20.98 ? 136 VAL A CG1 1 
ATOM   1039 C CG2 . VAL A 1 136 ? 2.348   8.387   -7.720  1.00 20.47 ? 136 VAL A CG2 1 
ATOM   1040 N N   . SER A 1 137 ? 5.168   10.558  -10.391 1.00 27.24 ? 137 SER A N   1 
ATOM   1041 C CA  . SER A 1 137 ? 5.334   11.748  -11.180 1.00 30.64 ? 137 SER A CA  1 
ATOM   1042 C C   . SER A 1 137 ? 5.153   11.516  -12.675 1.00 35.47 ? 137 SER A C   1 
ATOM   1043 O O   . SER A 1 137 ? 4.352   12.196  -13.315 1.00 40.18 ? 137 SER A O   1 
ATOM   1044 C CB  . SER A 1 137 ? 6.779   12.287  -11.056 1.00 28.24 ? 137 SER A CB  1 
ATOM   1045 O OG  . SER A 1 137 ? 6.935   13.060  -9.884  1.00 35.28 ? 137 SER A OG  1 
ATOM   1046 N N   . ARG A 1 138 ? 5.902   10.580  -13.233 1.00 41.83 ? 138 ARG A N   1 
ATOM   1047 C CA  . ARG A 1 138 ? 5.823   10.291  -14.659 1.00 44.03 ? 138 ARG A CA  1 
ATOM   1048 C C   . ARG A 1 138 ? 4.573   9.520   -15.063 1.00 44.89 ? 138 ARG A C   1 
ATOM   1049 O O   . ARG A 1 138 ? 3.621   9.332   -14.318 1.00 37.79 ? 138 ARG A O   1 
ATOM   1050 C CB  . ARG A 1 138 ? 7.052   9.533   -15.146 1.00 44.31 ? 138 ARG A CB  1 
ATOM   1051 C CG  . ARG A 1 138 ? 7.269   8.176   -14.489 1.00 46.79 ? 138 ARG A CG  1 
ATOM   1052 C CD  . ARG A 1 138 ? 8.482   7.511   -15.117 1.00 49.56 ? 138 ARG A CD  1 
ATOM   1053 N NE  . ARG A 1 138 ? 9.160   6.613   -14.205 1.00 56.62 ? 138 ARG A NE  1 
ATOM   1054 C CZ  . ARG A 1 138 ? 9.003   5.307   -14.062 1.00 62.16 ? 138 ARG A CZ  1 
ATOM   1055 N NH1 . ARG A 1 138 ? 8.129   4.663   -14.824 1.00 64.82 ? 138 ARG A NH1 1 
ATOM   1056 N NH2 . ARG A 1 138 ? 9.710   4.648   -13.151 1.00 61.70 ? 138 ARG A NH2 1 
ATOM   1057 N N   . GLY A 1 139 ? 4.610   9.053   -16.308 1.00 49.72 ? 139 GLY A N   1 
ATOM   1058 C CA  . GLY A 1 139 ? 3.569   8.297   -16.945 1.00 56.12 ? 139 GLY A CA  1 
ATOM   1059 C C   . GLY A 1 139 ? 3.113   7.070   -16.182 1.00 61.01 ? 139 GLY A C   1 
ATOM   1060 O O   . GLY A 1 139 ? 3.259   5.949   -16.673 1.00 61.49 ? 139 GLY A O   1 
ATOM   1061 N N   . ALA A 1 140 ? 2.553   7.275   -14.997 1.00 65.38 ? 140 ALA A N   1 
ATOM   1062 C CA  . ALA A 1 140 ? 2.061   6.169   -14.186 1.00 72.74 ? 140 ALA A CA  1 
ATOM   1063 C C   . ALA A 1 140 ? 0.596   5.888   -14.496 1.00 75.14 ? 140 ALA A C   1 
ATOM   1064 O O   . ALA A 1 140 ? 0.309   4.858   -15.150 1.00 75.84 ? 140 ALA A O   1 
ATOM   1065 C CB  . ALA A 1 140 ? 2.183   6.500   -12.702 1.00 75.07 ? 140 ALA A CB  1 
HETATM 1066 O O   . HOH B 2 .   ? -5.575  10.469  2.374   1.00 16.05 ? 201 HOH A O   1 
HETATM 1067 O O   . HOH B 2 .   ? -7.768  9.814   -1.686  1.00 18.08 ? 202 HOH A O   1 
HETATM 1068 O O   . HOH B 2 .   ? 2.623   8.875   6.154   1.00 19.54 ? 203 HOH A O   1 
HETATM 1069 O O   . HOH B 2 .   ? 6.388   16.725  -3.861  1.00 28.37 ? 204 HOH A O   1 
HETATM 1070 O O   . HOH B 2 .   ? 5.020   4.875   -14.226 1.00 21.46 ? 205 HOH A O   1 
HETATM 1071 O O   . HOH B 2 .   ? 10.782  -1.200  9.062   1.00 23.29 ? 206 HOH A O   1 
HETATM 1072 O O   . HOH B 2 .   ? -2.815  8.282   13.069  1.00 33.89 ? 207 HOH A O   1 
HETATM 1073 O O   . HOH B 2 .   ? 12.485  7.135   1.748   1.00 32.08 ? 208 HOH A O   1 
HETATM 1074 O O   . HOH B 2 .   ? -8.764  7.158   -7.692  1.00 28.17 ? 209 HOH A O   1 
HETATM 1075 O O   . HOH B 2 .   ? 17.029  8.442   -3.149  1.00 26.90 ? 210 HOH A O   1 
HETATM 1076 O O   . HOH B 2 .   ? 12.134  -10.753 -1.820  1.00 29.61 ? 211 HOH A O   1 
HETATM 1077 O O   . HOH B 2 .   ? -5.496  7.823   -7.840  1.00 20.61 ? 212 HOH A O   1 
HETATM 1078 O O   . HOH B 2 .   ? -13.105 2.603   7.338   1.00 28.79 ? 213 HOH A O   1 
HETATM 1079 O O   . HOH B 2 .   ? -1.757  -15.411 9.033   1.00 28.41 ? 214 HOH A O   1 
HETATM 1080 O O   . HOH B 2 .   ? -2.897  22.010  -3.616  1.00 27.72 ? 215 HOH A O   1 
HETATM 1081 O O   . HOH B 2 .   ? -5.135  12.425  4.063   1.00 31.98 ? 216 HOH A O   1 
HETATM 1082 O O   . HOH B 2 .   ? -13.344 -0.674  7.465   1.00 35.06 ? 217 HOH A O   1 
HETATM 1083 O O   . HOH B 2 .   ? -17.287 -2.838  6.228   1.00 36.07 ? 218 HOH A O   1 
HETATM 1084 O O   . HOH B 2 .   ? -1.558  14.233  -13.292 1.00 30.35 ? 219 HOH A O   1 
HETATM 1085 O O   . HOH B 2 .   ? 2.865   12.339  0.420   1.00 40.44 ? 220 HOH A O   1 
HETATM 1086 O O   . HOH B 2 .   ? 5.467   -11.766 -1.937  1.00 34.02 ? 221 HOH A O   1 
HETATM 1087 O O   . HOH B 2 .   ? 6.601   12.865  3.818   1.00 58.10 ? 222 HOH A O   1 
HETATM 1088 O O   . HOH B 2 .   ? 9.102   11.965  -13.768 1.00 35.47 ? 223 HOH A O   1 
HETATM 1089 O O   . HOH B 2 .   ? -9.104  -6.015  11.466  1.00 42.52 ? 224 HOH A O   1 
HETATM 1090 O O   . HOH B 2 .   ? -9.484  11.564  9.750   1.00 37.89 ? 225 HOH A O   1 
HETATM 1091 O O   . HOH B 2 .   ? 2.434   7.075   12.934  1.00 32.46 ? 226 HOH A O   1 
HETATM 1092 O O   . HOH B 2 .   ? -14.952 -6.779  7.129   1.00 33.92 ? 227 HOH A O   1 
HETATM 1093 O O   . HOH B 2 .   ? 3.834   14.975  3.199   1.00 51.66 ? 228 HOH A O   1 
HETATM 1094 O O   . HOH B 2 .   ? 11.693  9.136   3.535   1.00 37.44 ? 229 HOH A O   1 
HETATM 1095 O O   . HOH B 2 .   ? 13.649  9.371   0.557   1.00 52.23 ? 230 HOH A O   1 
HETATM 1096 O O   . HOH B 2 .   ? 3.809   -10.626 -3.735  1.00 52.58 ? 231 HOH A O   1 
HETATM 1097 O O   . HOH B 2 .   ? 2.905   2.734   -13.914 1.00 54.62 ? 232 HOH A O   1 
# 
